data_5OEA
#
_entry.id   5OEA
#
_cell.length_a   101.476
_cell.length_b   102.981
_cell.length_c   103.044
_cell.angle_alpha   90.980
_cell.angle_beta   119.370
_cell.angle_gamma   117.180
#
_symmetry.space_group_name_H-M   'P 1'
#
loop_
_entity.id
_entity.type
_entity.pdbx_description
1 polymer 'Large subunit terminase'
2 non-polymer 'PHOSPHOTHIOPHOSPHORIC ACID-ADENYLATE ESTER'
3 non-polymer 'MAGNESIUM ION'
4 water water
#
_entity_poly.entity_id   1
_entity_poly.type   'polypeptide(L)'
_entity_poly.pdbx_seq_one_letter_code
;GPAMKKLKPAPFYFQPFSKKQLKVLTWWRKASPVSDKDGIICDGSIRAGKTIVMSFSYVMWAMDTFNEQNFGMAGKTIGA
LRRNVITPLKRMLKSRGYRVKDHRADNYLTITFKGKTNYFYLFGGKDESSQDLIQGITLAGMFFDEVALMPESFVNQATA
RCSVDGAKLWFNCNPAGPYHWFKVEYLDKLDEKNLLHLHFTMDDNLSLSKQVKERYQRMYKGVFYQRYILGLWVLAEGII
YDMFDQDEHVVPTVPRPYEKYYVSCDYGTQNPTTFGLWGLYNGVWYKVKEYHYDGRKENKQKTDQEYYEDLMKFIEDIEK
HKFKGVIVDPSAASFIALLRQKGIKVIKAKNDVLDGIRNVATALNKKMILYNDCCKETFREYSSYVWDEKAAERGEDKPV
KQNDHQLDADRYFVNTILFG
;
_entity_poly.pdbx_strand_id   A,B,C,D,E,F
#
loop_
_chem_comp.id
_chem_comp.type
_chem_comp.name
_chem_comp.formula
AGS non-polymer 'PHOSPHOTHIOPHOSPHORIC ACID-ADENYLATE ESTER' 'C10 H16 N5 O12 P3 S'
MG non-polymer 'MAGNESIUM ION' 'Mg 2'
#
# COMPACT_ATOMS: atom_id res chain seq x y z
N PHE A 17 9.80 11.93 20.21
CA PHE A 17 8.88 12.97 20.76
C PHE A 17 9.29 13.40 22.17
N SER A 18 9.02 14.68 22.48
CA SER A 18 9.25 15.23 23.82
C SER A 18 8.18 14.77 24.78
N LYS A 19 8.48 14.91 26.08
CA LYS A 19 7.55 14.53 27.14
C LYS A 19 6.20 15.25 27.02
N LYS A 20 6.23 16.54 26.70
CA LYS A 20 4.98 17.33 26.57
C LYS A 20 4.20 16.99 25.31
N GLN A 21 4.91 16.77 24.20
CA GLN A 21 4.28 16.27 22.96
C GLN A 21 3.62 14.90 23.16
N LEU A 22 4.26 14.03 23.93
CA LEU A 22 3.73 12.69 24.22
C LEU A 22 2.53 12.69 25.18
N LYS A 23 2.45 13.69 26.05
CA LYS A 23 1.25 13.91 26.87
C LYS A 23 0.02 14.28 26.02
N VAL A 24 0.24 15.03 24.92
CA VAL A 24 -0.82 15.38 23.96
C VAL A 24 -1.34 14.13 23.22
N LEU A 25 -0.42 13.24 22.85
CA LEU A 25 -0.77 11.98 22.19
C LEU A 25 -1.55 11.02 23.08
N THR A 26 -1.32 11.06 24.40
CA THR A 26 -1.83 10.04 25.33
C THR A 26 -2.88 10.47 26.35
N TRP A 27 -3.12 11.76 26.56
CA TRP A 27 -4.06 12.22 27.61
C TRP A 27 -5.45 11.56 27.55
N TRP A 28 -5.92 11.36 26.33
CA TRP A 28 -7.27 10.84 26.06
C TRP A 28 -7.42 9.33 26.28
N ARG A 29 -6.31 8.60 26.29
CA ARG A 29 -6.34 7.14 26.39
C ARG A 29 -6.79 6.67 27.76
N LYS A 30 -7.22 5.41 27.83
CA LYS A 30 -7.98 4.88 28.98
C LYS A 30 -7.13 4.80 30.26
N ALA A 31 -5.85 4.46 30.09
CA ALA A 31 -4.88 4.40 31.20
C ALA A 31 -4.52 5.75 31.83
N SER A 32 -4.71 6.85 31.09
CA SER A 32 -4.34 8.19 31.55
C SER A 32 -5.20 8.65 32.73
N PRO A 33 -4.58 9.25 33.77
CA PRO A 33 -5.34 9.82 34.89
C PRO A 33 -6.13 11.10 34.56
N VAL A 34 -5.85 11.72 33.41
CA VAL A 34 -6.53 12.93 32.96
C VAL A 34 -7.52 12.69 31.80
N SER A 35 -7.77 11.41 31.46
CA SER A 35 -8.77 11.07 30.44
C SER A 35 -10.23 11.37 30.83
N ASP A 36 -10.45 11.80 32.08
CA ASP A 36 -11.72 12.39 32.52
C ASP A 36 -12.17 13.56 31.63
N LYS A 37 -11.20 14.41 31.28
CA LYS A 37 -11.45 15.81 30.86
C LYS A 37 -12.30 15.97 29.60
N ASP A 38 -12.97 17.12 29.49
CA ASP A 38 -13.83 17.42 28.33
C ASP A 38 -13.07 17.94 27.10
N GLY A 39 -11.78 18.19 27.25
CA GLY A 39 -10.99 18.69 26.14
C GLY A 39 -9.57 19.06 26.54
N ILE A 40 -8.93 19.86 25.69
CA ILE A 40 -7.53 20.21 25.89
C ILE A 40 -7.16 21.53 25.19
N ILE A 41 -6.32 22.33 25.86
CA ILE A 41 -5.76 23.56 25.29
C ILE A 41 -4.25 23.43 25.25
N CYS A 42 -3.69 23.55 24.05
CA CYS A 42 -2.26 23.66 23.86
C CYS A 42 -1.97 25.02 23.27
N ASP A 43 -1.21 25.83 24.00
CA ASP A 43 -0.75 27.11 23.50
C ASP A 43 0.73 27.32 23.82
N GLY A 44 1.28 28.40 23.29
CA GLY A 44 2.65 28.78 23.54
C GLY A 44 3.38 29.17 22.26
N SER A 45 4.70 29.05 22.30
CA SER A 45 5.58 29.58 21.26
C SER A 45 5.34 29.02 19.87
N ILE A 46 5.91 29.69 18.88
CA ILE A 46 5.98 29.16 17.52
C ILE A 46 6.89 27.94 17.46
N ARG A 47 6.75 27.20 16.37
CA ARG A 47 7.61 26.06 16.05
C ARG A 47 7.91 25.18 17.28
N ALA A 48 6.86 24.83 18.02
CA ALA A 48 6.96 24.01 19.22
C ALA A 48 6.37 22.58 19.06
N GLY A 49 5.82 22.28 17.89
CA GLY A 49 5.21 20.98 17.65
C GLY A 49 3.84 20.79 18.28
N LYS A 50 3.12 21.90 18.50
CA LYS A 50 1.76 21.84 19.02
C LYS A 50 0.81 21.25 17.97
N THR A 51 0.65 21.97 16.85
CA THR A 51 -0.28 21.58 15.77
C THR A 51 -0.12 20.15 15.29
N ILE A 52 1.13 19.73 15.08
CA ILE A 52 1.37 18.48 14.40
C ILE A 52 1.03 17.28 15.30
N VAL A 53 1.41 17.32 16.57
CA VAL A 53 1.06 16.23 17.50
C VAL A 53 -0.40 16.33 17.93
N MET A 54 -0.90 17.56 18.05
CA MET A 54 -2.29 17.82 18.43
C MET A 54 -3.27 17.23 17.42
N SER A 55 -3.05 17.54 16.13
CA SER A 55 -3.90 17.05 15.06
C SER A 55 -3.74 15.54 14.87
N PHE A 56 -2.51 15.05 15.00
CA PHE A 56 -2.27 13.62 14.90
C PHE A 56 -2.95 12.88 16.06
N SER A 57 -2.74 13.37 17.29
CA SER A 57 -3.43 12.82 18.48
C SER A 57 -4.96 12.85 18.41
N TYR A 58 -5.49 13.87 17.74
CA TYR A 58 -6.94 14.05 17.59
C TYR A 58 -7.55 12.98 16.72
N VAL A 59 -6.90 12.67 15.60
CA VAL A 59 -7.39 11.64 14.68
C VAL A 59 -7.27 10.27 15.34
N MET A 60 -6.13 9.98 15.97
CA MET A 60 -5.95 8.76 16.79
C MET A 60 -7.09 8.57 17.79
N TRP A 61 -7.31 9.60 18.60
CA TRP A 61 -8.41 9.60 19.57
C TRP A 61 -9.75 9.26 18.93
N ALA A 62 -10.03 9.91 17.81
CA ALA A 62 -11.31 9.76 17.11
C ALA A 62 -11.50 8.37 16.52
N MET A 63 -10.48 7.87 15.81
CA MET A 63 -10.52 6.52 15.22
C MET A 63 -10.63 5.41 16.27
N ASP A 64 -10.01 5.61 17.43
CA ASP A 64 -10.09 4.68 18.57
C ASP A 64 -11.43 4.75 19.27
N THR A 65 -11.83 5.96 19.63
CA THR A 65 -12.96 6.18 20.55
C THR A 65 -14.35 6.10 19.88
N PHE A 66 -14.42 6.28 18.56
CA PHE A 66 -15.70 6.32 17.86
C PHE A 66 -15.69 5.51 16.57
N ASN A 67 -16.88 5.38 15.96
CA ASN A 67 -17.04 4.76 14.65
C ASN A 67 -18.25 5.38 13.93
N GLU A 68 -18.05 5.73 12.66
CA GLU A 68 -19.06 6.36 11.81
C GLU A 68 -19.64 7.61 12.48
N GLN A 69 -18.76 8.58 12.75
CA GLN A 69 -19.12 9.84 13.40
C GLN A 69 -18.48 11.01 12.67
N ASN A 70 -19.06 12.20 12.86
CA ASN A 70 -18.58 13.43 12.25
C ASN A 70 -17.64 14.14 13.22
N PHE A 71 -16.59 14.74 12.68
CA PHE A 71 -15.59 15.47 13.47
C PHE A 71 -15.25 16.75 12.76
N GLY A 72 -14.83 17.75 13.52
CA GLY A 72 -14.57 19.06 12.98
C GLY A 72 -13.12 19.47 13.20
N MET A 73 -12.56 20.12 12.20
CA MET A 73 -11.23 20.72 12.27
C MET A 73 -11.33 22.12 11.70
N ALA A 74 -10.95 23.12 12.49
CA ALA A 74 -11.10 24.52 12.09
C ALA A 74 -9.75 25.24 12.01
N GLY A 75 -9.69 26.19 11.09
CA GLY A 75 -8.56 27.10 10.94
C GLY A 75 -9.07 28.52 10.68
N LYS A 76 -8.13 29.45 10.54
CA LYS A 76 -8.46 30.85 10.24
C LYS A 76 -9.22 30.91 8.91
N THR A 77 -8.64 30.27 7.90
CA THR A 77 -9.32 29.93 6.64
C THR A 77 -9.09 28.44 6.41
N ILE A 78 -9.82 27.86 5.46
CA ILE A 78 -9.66 26.43 5.13
C ILE A 78 -8.29 26.16 4.48
N GLY A 79 -7.81 27.12 3.67
CA GLY A 79 -6.50 27.04 3.06
C GLY A 79 -5.37 27.10 4.06
N ALA A 80 -5.59 27.84 5.15
CA ALA A 80 -4.64 27.89 6.28
C ALA A 80 -4.57 26.56 7.03
N LEU A 81 -5.76 26.03 7.33
CA LEU A 81 -5.93 24.68 7.90
C LEU A 81 -5.25 23.62 7.04
N ARG A 82 -5.37 23.76 5.73
CA ARG A 82 -4.73 22.84 4.79
C ARG A 82 -3.18 22.92 4.75
N ARG A 83 -2.63 24.12 4.84
CA ARG A 83 -1.16 24.31 4.87
C ARG A 83 -0.53 23.79 6.16
N ASN A 84 -1.02 24.30 7.29
CA ASN A 84 -0.45 24.03 8.60
C ASN A 84 -0.75 22.61 9.08
N VAL A 85 -2.02 22.23 9.03
CA VAL A 85 -2.51 21.00 9.66
C VAL A 85 -2.63 19.81 8.72
N ILE A 86 -3.48 19.94 7.68
CA ILE A 86 -4.05 18.78 6.96
C ILE A 86 -3.03 18.05 6.08
N THR A 87 -2.18 18.79 5.37
CA THR A 87 -1.19 18.16 4.48
C THR A 87 -0.11 17.35 5.21
N PRO A 88 0.54 17.92 6.25
CA PRO A 88 1.48 17.07 7.00
C PRO A 88 0.80 15.98 7.86
N LEU A 89 -0.45 16.19 8.25
CA LEU A 89 -1.24 15.16 8.96
C LEU A 89 -1.51 13.93 8.09
N LYS A 90 -1.66 14.13 6.77
CA LYS A 90 -1.88 13.01 5.82
C LYS A 90 -0.67 12.09 5.69
N ARG A 91 0.51 12.67 5.52
CA ARG A 91 1.75 11.89 5.47
C ARG A 91 1.94 11.12 6.79
N MET A 92 1.60 11.74 7.92
CA MET A 92 1.66 11.09 9.23
C MET A 92 0.70 9.91 9.36
N LEU A 93 -0.54 10.11 8.94
CA LEU A 93 -1.56 9.08 9.03
C LEU A 93 -1.30 7.94 8.04
N LYS A 94 -1.04 8.29 6.77
CA LYS A 94 -0.71 7.29 5.72
C LYS A 94 0.47 6.38 6.13
N SER A 95 1.47 6.98 6.76
CA SER A 95 2.64 6.26 7.27
C SER A 95 2.32 5.30 8.44
N ARG A 96 1.39 5.66 9.32
CA ARG A 96 1.02 4.83 10.47
C ARG A 96 -0.01 3.74 10.12
N GLY A 97 -0.50 3.72 8.88
CA GLY A 97 -1.46 2.72 8.41
C GLY A 97 -2.89 3.21 8.30
N TYR A 98 -3.12 4.50 8.55
CA TYR A 98 -4.44 5.10 8.40
C TYR A 98 -4.66 5.44 6.94
N ARG A 99 -5.68 4.85 6.32
CA ARG A 99 -6.06 5.17 4.95
C ARG A 99 -6.93 6.41 5.00
N VAL A 100 -6.60 7.39 4.16
CA VAL A 100 -7.34 8.66 4.09
C VAL A 100 -7.86 8.84 2.67
N LYS A 101 -9.08 9.37 2.55
CA LYS A 101 -9.63 9.78 1.26
C LYS A 101 -10.12 11.23 1.39
N ASP A 102 -9.36 12.15 0.79
CA ASP A 102 -9.62 13.57 0.90
C ASP A 102 -10.60 13.98 -0.20
N HIS A 103 -11.68 14.66 0.19
CA HIS A 103 -12.73 15.09 -0.73
C HIS A 103 -12.63 16.60 -0.90
N ARG A 104 -11.60 17.03 -1.63
CA ARG A 104 -11.16 18.43 -1.62
C ARG A 104 -12.25 19.47 -1.93
N ALA A 105 -13.15 19.17 -2.87
CA ALA A 105 -14.22 20.12 -3.24
C ALA A 105 -15.24 20.33 -2.11
N ASP A 106 -15.60 19.24 -1.42
CA ASP A 106 -16.64 19.26 -0.37
C ASP A 106 -16.16 19.59 1.06
N ASN A 107 -14.84 19.75 1.25
CA ASN A 107 -14.25 20.11 2.55
C ASN A 107 -14.55 19.09 3.65
N TYR A 108 -14.24 17.82 3.38
CA TYR A 108 -14.16 16.81 4.44
C TYR A 108 -13.32 15.62 4.01
N LEU A 109 -12.91 14.83 4.99
CA LEU A 109 -12.04 13.68 4.80
C LEU A 109 -12.76 12.43 5.32
N THR A 110 -12.33 11.27 4.82
CA THR A 110 -12.80 9.97 5.32
C THR A 110 -11.58 9.17 5.74
N ILE A 111 -11.30 9.21 7.04
CA ILE A 111 -10.19 8.47 7.62
C ILE A 111 -10.75 7.13 8.10
N THR A 112 -9.98 6.06 7.88
CA THR A 112 -10.43 4.70 8.14
C THR A 112 -9.26 3.83 8.63
N PHE A 113 -9.52 2.99 9.64
CA PHE A 113 -8.47 2.28 10.39
C PHE A 113 -8.99 1.06 11.17
N LYS A 114 -8.56 -0.14 10.78
CA LYS A 114 -8.96 -1.41 11.42
C LYS A 114 -10.47 -1.60 11.41
N GLY A 115 -11.06 -1.51 10.22
CA GLY A 115 -12.52 -1.66 10.04
C GLY A 115 -13.40 -0.48 10.41
N LYS A 116 -12.84 0.49 11.15
CA LYS A 116 -13.57 1.65 11.67
C LYS A 116 -13.37 2.82 10.73
N THR A 117 -14.39 3.68 10.62
CA THR A 117 -14.36 4.80 9.68
C THR A 117 -15.07 6.02 10.28
N ASN A 118 -14.44 7.20 10.15
CA ASN A 118 -15.01 8.45 10.65
C ASN A 118 -14.79 9.58 9.65
N TYR A 119 -15.52 10.66 9.88
CA TYR A 119 -15.64 11.77 8.95
C TYR A 119 -15.16 13.06 9.61
N PHE A 120 -14.26 13.76 8.93
CA PHE A 120 -13.60 14.94 9.47
C PHE A 120 -13.86 16.13 8.56
N TYR A 121 -14.83 16.95 8.95
CA TYR A 121 -15.20 18.15 8.18
C TYR A 121 -14.21 19.30 8.47
N LEU A 122 -13.83 20.03 7.41
CA LEU A 122 -12.91 21.19 7.51
C LEU A 122 -13.67 22.52 7.54
N PHE A 123 -13.26 23.41 8.44
CA PHE A 123 -13.96 24.68 8.65
C PHE A 123 -13.03 25.89 8.61
N GLY A 124 -13.60 27.04 8.23
CA GLY A 124 -12.94 28.35 8.33
C GLY A 124 -13.74 29.30 9.21
N GLY A 125 -13.04 30.03 10.08
CA GLY A 125 -13.68 30.99 10.98
C GLY A 125 -14.44 32.11 10.28
N LYS A 126 -13.93 32.54 9.12
CA LYS A 126 -14.53 33.62 8.32
C LYS A 126 -15.43 33.15 7.16
N ASP A 127 -15.32 31.89 6.75
CA ASP A 127 -15.97 31.39 5.53
C ASP A 127 -17.51 31.36 5.61
N GLU A 128 -18.16 31.54 4.46
CA GLU A 128 -19.63 31.49 4.36
C GLU A 128 -20.19 30.05 4.31
N SER A 129 -19.43 29.14 3.70
CA SER A 129 -19.76 27.71 3.74
C SER A 129 -19.70 27.17 5.16
N SER A 130 -18.71 27.63 5.92
CA SER A 130 -18.49 27.18 7.29
C SER A 130 -19.58 27.61 8.27
N GLN A 131 -20.14 28.82 8.12
CA GLN A 131 -21.26 29.25 8.99
C GLN A 131 -22.52 28.45 8.67
N ASP A 132 -22.76 28.23 7.37
CA ASP A 132 -23.88 27.44 6.87
C ASP A 132 -23.82 25.99 7.38
N LEU A 133 -22.66 25.36 7.24
CA LEU A 133 -22.51 23.96 7.62
C LEU A 133 -22.51 23.74 9.13
N ILE A 134 -21.77 24.58 9.87
CA ILE A 134 -21.59 24.40 11.31
C ILE A 134 -22.90 24.51 12.09
N GLN A 135 -23.80 25.38 11.64
CA GLN A 135 -25.07 25.59 12.34
C GLN A 135 -25.92 24.31 12.38
N GLY A 136 -25.87 23.54 11.29
CA GLY A 136 -26.66 22.30 11.16
C GLY A 136 -26.00 21.01 11.62
N ILE A 137 -24.70 20.85 11.33
CA ILE A 137 -23.99 19.58 11.56
C ILE A 137 -23.94 19.24 13.05
N THR A 138 -23.89 17.94 13.35
CA THR A 138 -23.87 17.46 14.74
C THR A 138 -22.65 16.55 14.97
N LEU A 139 -21.65 17.11 15.66
CA LEU A 139 -20.29 16.54 15.75
C LEU A 139 -20.03 15.73 17.02
N ALA A 140 -18.94 14.95 17.00
CA ALA A 140 -18.53 14.13 18.14
C ALA A 140 -17.14 14.51 18.61
N GLY A 141 -16.74 15.74 18.34
CA GLY A 141 -15.39 16.21 18.64
C GLY A 141 -15.01 17.31 17.69
N MET A 142 -14.41 18.37 18.22
CA MET A 142 -14.01 19.53 17.43
C MET A 142 -12.58 19.90 17.75
N PHE A 143 -11.88 20.39 16.73
CA PHE A 143 -10.47 20.77 16.83
C PHE A 143 -10.33 22.17 16.25
N PHE A 144 -9.48 22.98 16.88
CA PHE A 144 -9.30 24.37 16.47
C PHE A 144 -7.82 24.68 16.35
N ASP A 145 -7.36 24.96 15.14
CA ASP A 145 -5.98 25.39 14.86
C ASP A 145 -5.94 26.92 14.77
N GLU A 146 -5.06 27.55 15.56
CA GLU A 146 -4.95 29.02 15.67
C GLU A 146 -6.28 29.62 16.17
N VAL A 147 -6.75 29.13 17.31
CA VAL A 147 -8.08 29.49 17.85
C VAL A 147 -8.23 30.98 18.21
N ALA A 148 -7.14 31.64 18.64
CA ALA A 148 -7.16 33.06 18.96
C ALA A 148 -7.42 33.94 17.74
N LEU A 149 -7.03 33.47 16.56
CA LEU A 149 -7.29 34.17 15.31
C LEU A 149 -8.69 33.95 14.75
N MET A 150 -9.52 33.15 15.43
CA MET A 150 -10.89 32.91 14.99
C MET A 150 -11.91 33.76 15.72
N PRO A 151 -13.06 34.03 15.07
CA PRO A 151 -14.16 34.69 15.79
C PRO A 151 -14.65 33.87 16.98
N GLU A 152 -14.95 34.54 18.10
CA GLU A 152 -15.54 33.88 19.27
C GLU A 152 -16.95 33.36 18.97
N SER A 153 -17.71 34.07 18.14
CA SER A 153 -19.02 33.61 17.70
C SER A 153 -18.93 32.21 17.10
N PHE A 154 -17.88 31.97 16.30
CA PHE A 154 -17.67 30.68 15.66
C PHE A 154 -17.39 29.55 16.65
N VAL A 155 -16.50 29.75 17.63
CA VAL A 155 -16.15 28.64 18.55
C VAL A 155 -17.29 28.30 19.51
N ASN A 156 -18.07 29.30 19.92
CA ASN A 156 -19.25 29.05 20.77
C ASN A 156 -20.30 28.25 20.02
N GLN A 157 -20.50 28.58 18.74
CA GLN A 157 -21.42 27.85 17.88
C GLN A 157 -20.94 26.40 17.64
N ALA A 158 -19.67 26.25 17.33
CA ALA A 158 -19.07 24.94 17.04
C ALA A 158 -18.98 24.02 18.26
N THR A 159 -18.76 24.60 19.44
CA THR A 159 -18.73 23.80 20.70
C THR A 159 -20.10 23.22 21.05
N ALA A 160 -21.16 23.95 20.71
CA ALA A 160 -22.54 23.47 20.90
C ALA A 160 -22.89 22.31 19.99
N ARG A 161 -22.23 22.24 18.83
CA ARG A 161 -22.43 21.14 17.88
C ARG A 161 -21.87 19.82 18.39
N CYS A 162 -20.91 19.87 19.31
CA CYS A 162 -20.40 18.66 19.97
C CYS A 162 -21.41 18.15 20.99
N SER A 163 -22.46 17.54 20.44
CA SER A 163 -23.59 17.00 21.19
C SER A 163 -23.45 15.51 21.47
N VAL A 164 -22.78 14.79 20.57
CA VAL A 164 -22.62 13.33 20.68
C VAL A 164 -21.99 12.98 22.04
N ASP A 165 -22.42 11.84 22.58
CA ASP A 165 -21.98 11.41 23.91
C ASP A 165 -20.47 11.14 23.90
N GLY A 166 -19.76 11.79 24.82
CA GLY A 166 -18.31 11.63 24.95
C GLY A 166 -17.48 12.46 23.99
N ALA A 167 -18.00 13.62 23.60
CA ALA A 167 -17.28 14.53 22.71
C ALA A 167 -16.18 15.28 23.47
N LYS A 168 -15.09 15.58 22.78
CA LYS A 168 -13.96 16.32 23.37
C LYS A 168 -13.58 17.54 22.51
N LEU A 169 -13.15 18.60 23.16
CA LEU A 169 -12.78 19.84 22.48
C LEU A 169 -11.28 20.06 22.52
N TRP A 170 -10.69 20.33 21.37
CA TRP A 170 -9.25 20.53 21.25
C TRP A 170 -9.01 21.94 20.70
N PHE A 171 -8.16 22.70 21.39
CA PHE A 171 -7.85 24.08 21.02
C PHE A 171 -6.34 24.23 20.93
N ASN A 172 -5.90 24.99 19.94
CA ASN A 172 -4.50 25.14 19.64
C ASN A 172 -4.26 26.58 19.18
N CYS A 173 -3.31 27.28 19.81
CA CYS A 173 -3.00 28.67 19.42
C CYS A 173 -1.65 29.21 19.92
N ASN A 174 -1.28 30.37 19.38
CA ASN A 174 -0.22 31.19 19.94
C ASN A 174 -0.85 32.30 20.78
N PRO A 175 -0.09 32.89 21.72
CA PRO A 175 -0.69 33.86 22.62
C PRO A 175 -1.01 35.20 21.98
N ALA A 176 -1.85 35.96 22.66
CA ALA A 176 -2.33 37.25 22.23
C ALA A 176 -2.41 38.15 23.49
N GLY A 177 -3.26 39.17 23.48
CA GLY A 177 -3.44 40.02 24.68
C GLY A 177 -4.10 39.28 25.84
N PRO A 178 -3.77 39.65 27.10
CA PRO A 178 -4.40 38.99 28.26
C PRO A 178 -5.89 39.30 28.46
N TYR A 179 -6.43 40.24 27.69
CA TYR A 179 -7.87 40.51 27.65
C TYR A 179 -8.57 39.82 26.47
N HIS A 180 -7.89 38.90 25.80
CA HIS A 180 -8.43 38.21 24.62
C HIS A 180 -9.49 37.23 25.05
N TRP A 181 -10.56 37.13 24.26
CA TRP A 181 -11.70 36.31 24.63
C TRP A 181 -11.30 34.89 25.06
N PHE A 182 -10.40 34.25 24.31
CA PHE A 182 -9.96 32.88 24.60
C PHE A 182 -9.21 32.79 25.93
N LYS A 183 -8.35 33.77 26.22
CA LYS A 183 -7.60 33.79 27.47
C LYS A 183 -8.53 33.97 28.65
N VAL A 184 -9.46 34.92 28.50
CA VAL A 184 -10.35 35.31 29.58
C VAL A 184 -11.46 34.27 29.78
N GLU A 185 -12.15 33.89 28.71
CA GLU A 185 -13.27 32.94 28.80
C GLU A 185 -12.83 31.49 28.91
N TYR A 186 -11.95 31.05 28.00
CA TYR A 186 -11.59 29.62 27.93
C TYR A 186 -10.46 29.22 28.87
N LEU A 187 -9.37 29.98 28.88
CA LEU A 187 -8.17 29.59 29.65
C LEU A 187 -8.25 29.85 31.16
N ASP A 188 -8.82 30.99 31.55
CA ASP A 188 -8.99 31.32 32.96
C ASP A 188 -10.09 30.49 33.64
N LYS A 189 -11.09 30.06 32.86
CA LYS A 189 -12.20 29.21 33.35
C LYS A 189 -11.94 27.76 32.95
N LEU A 190 -10.76 27.28 33.31
CA LEU A 190 -10.23 26.00 32.82
C LEU A 190 -10.84 24.83 33.58
N ASP A 191 -10.87 24.94 34.91
CA ASP A 191 -11.48 23.92 35.77
C ASP A 191 -13.00 23.91 35.62
N GLU A 192 -13.60 25.09 35.38
CA GLU A 192 -15.04 25.22 35.09
C GLU A 192 -15.50 24.43 33.86
N LYS A 193 -14.65 24.34 32.84
CA LYS A 193 -14.95 23.59 31.61
C LYS A 193 -14.34 22.17 31.59
N ASN A 194 -13.55 21.85 32.61
CA ASN A 194 -12.87 20.56 32.75
C ASN A 194 -11.94 20.30 31.57
N LEU A 195 -11.09 21.29 31.28
CA LEU A 195 -10.16 21.23 30.17
C LEU A 195 -8.74 21.05 30.69
N LEU A 196 -7.95 20.34 29.89
CA LEU A 196 -6.55 20.08 30.17
C LEU A 196 -5.80 21.23 29.56
N HIS A 197 -4.63 21.55 30.10
CA HIS A 197 -3.80 22.65 29.56
C HIS A 197 -2.31 22.35 29.69
N LEU A 198 -1.67 22.17 28.54
CA LEU A 198 -0.21 22.07 28.45
C LEU A 198 0.28 23.32 27.70
N HIS A 199 1.45 23.81 28.09
CA HIS A 199 1.99 25.03 27.51
C HIS A 199 3.38 24.79 26.91
N PHE A 200 3.51 25.11 25.63
CA PHE A 200 4.71 24.75 24.84
C PHE A 200 5.66 25.93 24.66
N THR A 201 6.82 25.85 25.30
CA THR A 201 7.97 26.66 24.90
C THR A 201 8.62 25.94 23.72
N MET A 202 9.66 26.54 23.15
CA MET A 202 10.34 25.98 21.97
C MET A 202 11.25 24.79 22.28
N ASP A 203 11.54 24.56 23.57
CA ASP A 203 12.32 23.41 24.04
C ASP A 203 11.51 22.10 24.02
N ASP A 204 10.18 22.21 23.96
CA ASP A 204 9.31 21.03 23.87
C ASP A 204 9.29 20.40 22.45
N ASN A 205 9.93 21.05 21.48
CA ASN A 205 10.18 20.46 20.17
C ASN A 205 11.64 20.02 20.10
N LEU A 206 11.87 18.72 20.23
CA LEU A 206 13.24 18.17 20.21
C LEU A 206 13.86 18.14 18.81
N SER A 207 13.05 18.21 17.75
CA SER A 207 13.56 18.20 16.36
C SER A 207 14.37 19.44 15.99
N LEU A 208 14.17 20.54 16.71
CA LEU A 208 14.95 21.77 16.50
C LEU A 208 16.34 21.63 17.10
N SER A 209 17.35 22.15 16.40
CA SER A 209 18.71 22.28 16.96
C SER A 209 18.79 23.55 17.81
N LYS A 210 19.73 23.58 18.76
CA LYS A 210 20.02 24.81 19.54
C LYS A 210 20.50 25.95 18.62
N GLN A 211 21.19 25.61 17.53
CA GLN A 211 21.56 26.57 16.50
C GLN A 211 20.30 27.22 15.88
N VAL A 212 19.36 26.38 15.44
CA VAL A 212 18.12 26.84 14.81
C VAL A 212 17.16 27.53 15.79
N LYS A 213 17.12 27.09 17.05
CA LYS A 213 16.29 27.74 18.08
C LYS A 213 16.71 29.20 18.32
N GLU A 214 18.01 29.44 18.48
CA GLU A 214 18.54 30.79 18.70
C GLU A 214 18.46 31.72 17.47
N ARG A 215 18.30 31.15 16.27
CA ARG A 215 17.98 31.93 15.07
C ARG A 215 16.58 32.54 15.20
N TYR A 216 15.60 31.72 15.58
CA TYR A 216 14.22 32.18 15.85
C TYR A 216 14.12 33.23 16.95
N GLN A 217 15.00 33.15 17.95
CA GLN A 217 15.07 34.16 19.02
C GLN A 217 15.44 35.53 18.46
N ARG A 218 16.36 35.56 17.50
CA ARG A 218 16.82 36.79 16.85
C ARG A 218 15.75 37.45 15.95
N MET A 219 14.73 36.69 15.55
CA MET A 219 13.65 37.22 14.70
C MET A 219 12.68 38.13 15.44
N TYR A 220 12.62 38.03 16.78
CA TYR A 220 11.65 38.76 17.59
C TYR A 220 12.29 39.51 18.73
N LYS A 221 11.92 40.78 18.86
CA LYS A 221 12.16 41.57 20.06
C LYS A 221 10.86 42.17 20.55
N GLY A 222 10.82 42.52 21.83
CA GLY A 222 9.69 43.23 22.40
C GLY A 222 8.49 42.35 22.70
N VAL A 223 7.31 42.85 22.39
CA VAL A 223 6.06 42.15 22.70
C VAL A 223 6.01 40.80 21.98
N PHE A 224 6.48 40.78 20.74
CA PHE A 224 6.44 39.57 19.91
C PHE A 224 7.39 38.48 20.41
N TYR A 225 8.50 38.88 21.05
CA TYR A 225 9.39 37.93 21.73
C TYR A 225 8.65 37.22 22.85
N GLN A 226 8.08 38.02 23.74
CA GLN A 226 7.33 37.51 24.90
C GLN A 226 6.15 36.61 24.49
N ARG A 227 5.48 36.96 23.39
CA ARG A 227 4.35 36.19 22.88
C ARG A 227 4.78 34.94 22.13
N TYR A 228 5.58 35.12 21.08
CA TYR A 228 5.88 34.03 20.15
C TYR A 228 7.13 33.22 20.47
N ILE A 229 7.97 33.66 21.39
CA ILE A 229 9.13 32.87 21.86
C ILE A 229 8.91 32.33 23.28
N LEU A 230 8.54 33.21 24.21
CA LEU A 230 8.30 32.83 25.61
C LEU A 230 6.88 32.27 25.84
N GLY A 231 5.96 32.52 24.92
CA GLY A 231 4.63 31.95 24.97
C GLY A 231 3.71 32.64 25.95
N LEU A 232 3.97 33.91 26.25
CA LEU A 232 3.27 34.64 27.31
C LEU A 232 2.14 35.49 26.74
N TRP A 233 1.01 35.54 27.43
CA TRP A 233 -0.12 36.37 27.00
C TRP A 233 0.04 37.84 27.47
N VAL A 234 1.00 38.57 26.87
CA VAL A 234 1.31 39.95 27.32
C VAL A 234 0.67 41.04 26.47
N LEU A 235 0.46 42.20 27.10
CA LEU A 235 -0.38 43.30 26.56
C LEU A 235 0.34 44.22 25.58
N ALA A 236 -0.20 44.34 24.37
CA ALA A 236 0.34 45.24 23.34
C ALA A 236 0.05 46.71 23.70
N GLU A 237 1.07 47.41 24.16
CA GLU A 237 0.94 48.79 24.62
C GLU A 237 2.05 49.65 24.02
N GLY A 238 1.71 50.91 23.74
CA GLY A 238 2.70 51.88 23.27
C GLY A 238 3.10 51.71 21.82
N ILE A 239 4.38 51.97 21.55
CA ILE A 239 4.94 52.01 20.19
C ILE A 239 4.95 50.60 19.61
N ILE A 240 4.54 50.47 18.35
CA ILE A 240 4.46 49.16 17.69
C ILE A 240 5.84 48.68 17.25
N TYR A 241 6.51 49.49 16.44
CA TYR A 241 7.83 49.12 15.92
C TYR A 241 8.96 49.71 16.81
N ASP A 242 8.95 49.30 18.08
CA ASP A 242 9.94 49.78 19.06
C ASP A 242 11.38 49.40 18.70
N MET A 243 11.56 48.27 18.02
CA MET A 243 12.88 47.77 17.60
C MET A 243 13.54 48.56 16.46
N PHE A 244 12.78 49.42 15.77
CA PHE A 244 13.36 50.31 14.77
C PHE A 244 14.39 51.24 15.43
N ASP A 245 15.48 51.48 14.70
CA ASP A 245 16.72 52.00 15.27
C ASP A 245 17.44 52.74 14.15
N GLN A 246 17.53 54.06 14.28
CA GLN A 246 18.16 54.91 13.25
C GLN A 246 19.67 54.72 13.15
N ASP A 247 20.27 54.05 14.15
CA ASP A 247 21.62 53.50 14.01
C ASP A 247 21.62 52.38 12.99
N GLU A 248 20.74 51.39 13.20
CA GLU A 248 20.79 50.13 12.49
C GLU A 248 20.06 50.12 11.13
N HIS A 249 19.00 50.92 10.99
CA HIS A 249 18.07 50.81 9.84
C HIS A 249 18.17 51.89 8.77
N VAL A 250 18.84 53.01 9.06
CA VAL A 250 18.99 54.09 8.10
C VAL A 250 20.37 54.07 7.45
N VAL A 251 20.39 54.20 6.12
CA VAL A 251 21.59 54.26 5.30
C VAL A 251 21.58 55.53 4.44
N PRO A 252 22.74 55.97 3.94
CA PRO A 252 22.74 57.20 3.12
C PRO A 252 22.06 57.02 1.77
N THR A 253 21.58 58.12 1.20
CA THR A 253 20.94 58.12 -0.11
C THR A 253 22.01 58.31 -1.20
N VAL A 254 22.74 57.23 -1.44
CA VAL A 254 23.82 57.20 -2.41
C VAL A 254 23.48 56.04 -3.35
N PRO A 255 23.70 56.21 -4.67
CA PRO A 255 23.23 55.15 -5.59
C PRO A 255 23.87 53.77 -5.36
N ARG A 256 23.15 52.72 -5.72
CA ARG A 256 23.62 51.33 -5.60
C ARG A 256 23.18 50.54 -6.84
N PRO A 257 23.82 49.37 -7.09
CA PRO A 257 23.41 48.51 -8.20
C PRO A 257 22.29 47.53 -7.82
N TYR A 258 21.05 48.00 -7.90
CA TYR A 258 19.89 47.20 -7.49
C TYR A 258 19.52 46.18 -8.56
N GLU A 259 19.26 44.94 -8.13
CA GLU A 259 18.92 43.84 -9.04
C GLU A 259 17.47 43.95 -9.52
N LYS A 260 16.51 43.65 -8.63
CA LYS A 260 15.08 43.78 -8.90
C LYS A 260 14.58 45.11 -8.34
N TYR A 261 13.31 45.42 -8.59
CA TYR A 261 12.64 46.61 -8.03
C TYR A 261 11.16 46.34 -7.74
N TYR A 262 10.60 47.15 -6.86
CA TYR A 262 9.14 47.23 -6.64
C TYR A 262 8.75 48.64 -6.24
N VAL A 263 7.48 48.96 -6.43
CA VAL A 263 6.87 50.16 -5.86
C VAL A 263 5.72 49.70 -4.97
N SER A 264 5.74 50.10 -3.70
CA SER A 264 4.64 49.83 -2.77
C SER A 264 3.82 51.08 -2.59
N CYS A 265 2.49 50.91 -2.53
CA CYS A 265 1.54 52.03 -2.58
C CYS A 265 0.40 51.90 -1.55
N ASP A 266 0.25 52.91 -0.68
CA ASP A 266 -0.96 53.11 0.11
C ASP A 266 -1.71 54.24 -0.56
N TYR A 267 -2.94 53.96 -1.01
CA TYR A 267 -3.68 54.88 -1.86
C TYR A 267 -4.78 55.59 -1.07
N GLY A 268 -4.96 56.87 -1.36
CA GLY A 268 -6.05 57.65 -0.78
C GLY A 268 -6.09 59.07 -1.32
N THR A 269 -7.11 59.38 -2.08
CA THR A 269 -7.32 60.75 -2.50
C THR A 269 -7.71 61.52 -1.24
N GLN A 270 -8.52 60.87 -0.42
CA GLN A 270 -9.02 61.44 0.82
C GLN A 270 -7.95 61.77 1.85
N ASN A 271 -6.98 60.88 2.00
CA ASN A 271 -5.89 61.05 2.91
C ASN A 271 -4.61 61.10 2.09
N PRO A 272 -3.47 60.95 2.74
CA PRO A 272 -2.25 60.98 1.96
C PRO A 272 -2.10 59.74 1.14
N THR A 273 -1.44 59.87 0.00
CA THR A 273 -1.17 58.74 -0.86
C THR A 273 0.32 58.62 -0.87
N THR A 274 0.83 57.43 -0.71
CA THR A 274 2.29 57.21 -0.68
C THR A 274 2.76 56.21 -1.75
N PHE A 275 3.97 56.44 -2.27
CA PHE A 275 4.74 55.40 -2.97
C PHE A 275 6.03 55.15 -2.21
N GLY A 276 6.64 54.01 -2.53
CA GLY A 276 7.96 53.67 -2.03
C GLY A 276 8.69 52.83 -3.05
N LEU A 277 9.89 53.27 -3.45
CA LEU A 277 10.74 52.51 -4.36
C LEU A 277 11.62 51.58 -3.54
N TRP A 278 11.42 50.27 -3.67
CA TRP A 278 12.23 49.26 -2.99
C TRP A 278 13.18 48.63 -3.99
N GLY A 279 14.42 48.38 -3.58
CA GLY A 279 15.47 47.83 -4.46
C GLY A 279 16.31 46.78 -3.77
N LEU A 280 16.52 45.65 -4.44
CA LEU A 280 17.32 44.54 -3.89
C LEU A 280 18.79 44.74 -4.18
N TYR A 281 19.63 44.62 -3.15
CA TYR A 281 21.09 44.71 -3.29
C TYR A 281 21.80 43.94 -2.16
N ASN A 282 22.53 42.89 -2.53
CA ASN A 282 23.21 41.97 -1.60
C ASN A 282 22.23 41.37 -0.58
N GLY A 283 21.13 40.82 -1.11
CA GLY A 283 20.10 40.15 -0.33
C GLY A 283 19.43 41.02 0.73
N VAL A 284 19.29 42.32 0.44
CA VAL A 284 18.64 43.26 1.34
C VAL A 284 17.82 44.24 0.51
N TRP A 285 16.56 44.48 0.91
CA TRP A 285 15.69 45.42 0.21
C TRP A 285 15.80 46.83 0.81
N TYR A 286 16.18 47.80 -0.04
CA TYR A 286 16.42 49.17 0.38
C TYR A 286 15.22 50.00 -0.04
N LYS A 287 14.60 50.73 0.89
CA LYS A 287 13.60 51.73 0.51
C LYS A 287 14.38 52.93 -0.02
N VAL A 288 14.43 53.03 -1.34
CA VAL A 288 15.35 53.92 -2.04
C VAL A 288 14.87 55.35 -1.92
N LYS A 289 13.60 55.57 -2.17
CA LYS A 289 13.01 56.88 -2.00
C LYS A 289 11.52 56.79 -1.79
N GLU A 290 10.97 57.82 -1.14
CA GLU A 290 9.54 57.89 -0.82
C GLU A 290 8.85 59.00 -1.61
N TYR A 291 7.57 58.75 -1.90
CA TYR A 291 6.65 59.77 -2.41
C TYR A 291 5.56 59.88 -1.37
N HIS A 292 5.23 61.12 -1.00
CA HIS A 292 4.27 61.41 0.04
C HIS A 292 3.45 62.63 -0.36
N TYR A 293 2.20 62.40 -0.78
CA TYR A 293 1.27 63.48 -1.15
C TYR A 293 0.04 63.54 -0.24
N ASP A 294 -0.11 64.66 0.49
CA ASP A 294 -1.21 64.91 1.40
C ASP A 294 -2.15 65.95 0.77
N GLY A 295 -3.29 65.48 0.28
CA GLY A 295 -4.29 66.35 -0.36
C GLY A 295 -4.84 67.44 0.52
N ARG A 296 -5.08 67.12 1.80
CA ARG A 296 -5.56 68.08 2.80
C ARG A 296 -4.54 69.20 3.02
N LYS A 297 -3.32 68.80 3.38
CA LYS A 297 -2.21 69.73 3.61
C LYS A 297 -1.96 70.64 2.41
N GLU A 298 -1.80 70.02 1.24
CA GLU A 298 -1.60 70.75 -0.02
C GLU A 298 -2.83 71.57 -0.45
N ASN A 299 -4.02 71.12 -0.03
CA ASN A 299 -5.29 71.76 -0.35
C ASN A 299 -5.55 71.67 -1.86
N LYS A 300 -5.44 70.44 -2.38
CA LYS A 300 -5.71 70.11 -3.77
C LYS A 300 -5.60 68.60 -3.92
N GLN A 301 -6.75 67.91 -3.90
CA GLN A 301 -6.78 66.44 -3.99
C GLN A 301 -6.40 66.04 -5.42
N LYS A 302 -5.68 64.93 -5.55
CA LYS A 302 -5.22 64.46 -6.87
C LYS A 302 -6.12 63.35 -7.41
N THR A 303 -6.23 63.31 -8.74
CA THR A 303 -6.93 62.25 -9.45
C THR A 303 -6.03 61.03 -9.69
N ASP A 304 -6.65 59.93 -10.11
CA ASP A 304 -5.92 58.72 -10.50
C ASP A 304 -5.02 58.98 -11.67
N GLN A 305 -5.48 59.78 -12.61
CA GLN A 305 -4.66 60.21 -13.74
C GLN A 305 -3.42 60.93 -13.22
N GLU A 306 -3.65 61.95 -12.40
CA GLU A 306 -2.55 62.69 -11.76
C GLU A 306 -1.62 61.76 -10.96
N TYR A 307 -2.17 60.80 -10.22
CA TYR A 307 -1.35 59.82 -9.48
C TYR A 307 -0.56 58.87 -10.38
N TYR A 308 -1.19 58.37 -11.46
CA TYR A 308 -0.49 57.52 -12.42
C TYR A 308 0.66 58.28 -13.06
N GLU A 309 0.38 59.51 -13.49
CA GLU A 309 1.41 60.41 -14.02
C GLU A 309 2.60 60.62 -13.06
N ASP A 310 2.30 60.70 -11.76
CA ASP A 310 3.33 60.80 -10.72
C ASP A 310 4.13 59.52 -10.54
N LEU A 311 3.50 58.34 -10.62
CA LEU A 311 4.21 57.07 -10.49
C LEU A 311 5.25 56.88 -11.60
N MET A 312 4.98 57.42 -12.79
CA MET A 312 5.91 57.36 -13.92
C MET A 312 7.12 58.29 -13.72
N LYS A 313 6.86 59.53 -13.31
CA LYS A 313 7.95 60.45 -12.92
C LYS A 313 8.74 59.92 -11.71
N PHE A 314 8.09 59.14 -10.86
CA PHE A 314 8.70 58.49 -9.71
C PHE A 314 9.62 57.33 -10.11
N ILE A 315 9.29 56.60 -11.18
CA ILE A 315 10.15 55.51 -11.67
C ILE A 315 10.76 55.75 -13.07
N GLU A 316 10.90 57.02 -13.47
CA GLU A 316 11.55 57.39 -14.74
C GLU A 316 12.96 56.81 -14.87
N ASP A 317 13.76 56.95 -13.82
CA ASP A 317 15.18 56.62 -13.85
C ASP A 317 15.49 55.12 -13.95
N ILE A 318 14.76 54.28 -13.20
CA ILE A 318 15.11 52.85 -13.14
C ILE A 318 14.78 52.11 -14.44
N GLU A 319 15.42 50.95 -14.60
CA GLU A 319 15.37 50.21 -15.86
C GLU A 319 14.17 49.26 -15.91
N LYS A 320 13.25 49.52 -16.85
CA LYS A 320 11.91 48.87 -16.88
C LYS A 320 11.92 47.34 -16.89
N HIS A 321 12.99 46.74 -17.42
CA HIS A 321 13.15 45.28 -17.37
C HIS A 321 13.40 44.74 -15.95
N LYS A 322 13.98 45.56 -15.07
CA LYS A 322 14.16 45.18 -13.65
C LYS A 322 12.90 45.46 -12.80
N PHE A 323 12.26 46.61 -13.03
CA PHE A 323 11.00 46.97 -12.37
C PHE A 323 9.99 45.82 -12.43
N LYS A 324 9.75 45.18 -11.29
CA LYS A 324 8.96 43.94 -11.21
C LYS A 324 7.47 44.12 -10.85
N GLY A 325 6.99 45.36 -10.73
CA GLY A 325 5.55 45.64 -10.52
C GLY A 325 5.21 46.52 -9.32
N VAL A 326 3.92 46.85 -9.18
CA VAL A 326 3.43 47.74 -8.13
C VAL A 326 2.54 46.98 -7.15
N ILE A 327 2.96 46.92 -5.88
CA ILE A 327 2.15 46.32 -4.80
C ILE A 327 1.20 47.40 -4.29
N VAL A 328 -0.09 47.15 -4.38
CA VAL A 328 -1.11 48.15 -4.02
C VAL A 328 -2.29 47.49 -3.32
N ASP A 329 -2.91 48.18 -2.37
CA ASP A 329 -4.01 47.60 -1.56
C ASP A 329 -5.28 47.41 -2.38
N PRO A 330 -6.02 46.29 -2.15
CA PRO A 330 -7.20 46.01 -2.98
C PRO A 330 -8.28 47.10 -3.02
N SER A 331 -8.42 47.88 -1.94
CA SER A 331 -9.39 48.99 -1.90
C SER A 331 -8.87 50.25 -2.59
N ALA A 332 -8.36 50.09 -3.81
CA ALA A 332 -7.97 51.20 -4.67
C ALA A 332 -8.24 50.79 -6.11
N ALA A 333 -9.38 50.12 -6.32
CA ALA A 333 -9.68 49.47 -7.60
C ALA A 333 -9.78 50.47 -8.75
N SER A 334 -10.22 51.69 -8.45
CA SER A 334 -10.18 52.81 -9.38
C SER A 334 -8.77 53.01 -9.92
N PHE A 335 -7.79 53.00 -9.01
CA PHE A 335 -6.37 53.13 -9.37
C PHE A 335 -5.83 51.85 -10.01
N ILE A 336 -6.14 50.70 -9.43
CA ILE A 336 -5.65 49.41 -9.94
C ILE A 336 -5.99 49.22 -11.42
N ALA A 337 -7.22 49.53 -11.79
CA ALA A 337 -7.68 49.37 -13.18
C ALA A 337 -6.87 50.21 -14.17
N LEU A 338 -6.64 51.48 -13.84
CA LEU A 338 -5.86 52.39 -14.70
C LEU A 338 -4.42 51.93 -14.94
N LEU A 339 -3.79 51.38 -13.92
CA LEU A 339 -2.42 50.88 -14.05
C LEU A 339 -2.35 49.71 -15.01
N ARG A 340 -3.34 48.81 -14.95
CA ARG A 340 -3.41 47.68 -15.86
C ARG A 340 -3.77 48.08 -17.29
N GLN A 341 -4.65 49.07 -17.43
CA GLN A 341 -4.91 49.72 -18.73
C GLN A 341 -3.61 50.17 -19.37
N LYS A 342 -2.85 50.96 -18.62
CA LYS A 342 -1.59 51.53 -19.11
C LYS A 342 -0.47 50.49 -19.19
N GLY A 343 -0.67 49.33 -18.57
CA GLY A 343 0.14 48.14 -18.82
C GLY A 343 1.22 47.86 -17.80
N ILE A 344 0.91 48.14 -16.52
CA ILE A 344 1.82 47.93 -15.39
C ILE A 344 1.41 46.63 -14.71
N LYS A 345 2.39 45.87 -14.20
CA LYS A 345 2.09 44.71 -13.35
C LYS A 345 1.69 45.18 -11.95
N VAL A 346 0.54 44.70 -11.48
CA VAL A 346 -0.08 45.22 -10.27
C VAL A 346 -0.39 44.06 -9.35
N ILE A 347 0.33 43.99 -8.24
CA ILE A 347 0.13 42.95 -7.23
C ILE A 347 -0.86 43.46 -6.19
N LYS A 348 -1.98 42.77 -6.04
CA LYS A 348 -2.90 43.02 -4.94
C LYS A 348 -2.22 42.55 -3.67
N ALA A 349 -2.08 43.45 -2.70
CA ALA A 349 -1.29 43.20 -1.51
C ALA A 349 -1.97 42.22 -0.57
N LYS A 350 -1.16 41.50 0.19
CA LYS A 350 -1.64 40.72 1.34
C LYS A 350 -1.98 41.69 2.47
N ASN A 351 -3.28 41.97 2.62
CA ASN A 351 -3.77 43.06 3.46
C ASN A 351 -3.68 42.82 4.98
N ASP A 352 -3.70 41.55 5.41
CA ASP A 352 -3.75 41.19 6.85
C ASP A 352 -2.78 42.00 7.71
N VAL A 353 -3.30 42.56 8.81
CA VAL A 353 -2.67 43.69 9.49
C VAL A 353 -1.66 43.25 10.54
N LEU A 354 -2.15 42.54 11.56
CA LEU A 354 -1.29 42.05 12.65
C LEU A 354 -0.19 41.14 12.12
N ASP A 355 -0.53 40.31 11.14
CA ASP A 355 0.43 39.42 10.48
C ASP A 355 1.48 40.19 9.67
N GLY A 356 1.05 41.28 9.02
CA GLY A 356 1.96 42.19 8.34
C GLY A 356 2.88 42.97 9.27
N ILE A 357 2.34 43.40 10.42
CA ILE A 357 3.13 44.12 11.42
C ILE A 357 4.22 43.23 12.00
N ARG A 358 3.81 42.05 12.45
CA ARG A 358 4.71 41.02 12.98
C ARG A 358 5.86 40.69 12.00
N ASN A 359 5.55 40.59 10.71
CA ASN A 359 6.54 40.31 9.66
C ASN A 359 7.47 41.49 9.36
N VAL A 360 6.94 42.71 9.43
CA VAL A 360 7.77 43.92 9.31
C VAL A 360 8.73 44.02 10.49
N ALA A 361 8.24 43.73 11.70
CA ALA A 361 9.10 43.69 12.88
C ALA A 361 10.27 42.72 12.69
N THR A 362 9.96 41.53 12.16
CA THR A 362 10.98 40.53 11.83
C THR A 362 11.99 41.05 10.80
N ALA A 363 11.51 41.74 9.77
CA ALA A 363 12.38 42.33 8.74
C ALA A 363 13.35 43.38 9.31
N LEU A 364 12.88 44.15 10.29
CA LEU A 364 13.74 45.11 11.00
C LEU A 364 14.70 44.41 11.93
N ASN A 365 14.22 43.41 12.68
CA ASN A 365 15.07 42.62 13.58
C ASN A 365 16.22 41.93 12.85
N LYS A 366 15.94 41.39 11.67
CA LYS A 366 16.91 40.64 10.88
C LYS A 366 17.65 41.46 9.79
N LYS A 367 17.30 42.74 9.66
CA LYS A 367 17.85 43.61 8.60
C LYS A 367 17.64 43.03 7.20
N MET A 368 16.46 42.44 6.98
CA MET A 368 16.00 42.09 5.63
C MET A 368 15.67 43.36 4.83
N ILE A 369 15.31 44.43 5.54
CA ILE A 369 15.07 45.73 4.92
C ILE A 369 15.92 46.83 5.58
N LEU A 370 16.32 47.80 4.77
CA LEU A 370 16.97 49.03 5.25
C LEU A 370 16.33 50.21 4.54
N TYR A 371 16.61 51.42 5.04
CA TYR A 371 15.98 52.64 4.54
C TYR A 371 17.04 53.67 4.19
N ASN A 372 16.95 54.26 2.99
CA ASN A 372 17.75 55.44 2.67
C ASN A 372 17.29 56.61 3.54
N ASP A 373 18.21 57.49 3.91
CA ASP A 373 17.92 58.61 4.80
C ASP A 373 16.98 59.71 4.25
N CYS A 374 16.55 59.59 2.99
CA CYS A 374 15.52 60.48 2.40
C CYS A 374 14.05 60.03 2.63
N CYS A 375 13.83 58.93 3.36
CA CYS A 375 12.48 58.48 3.74
C CYS A 375 12.02 59.16 5.03
N LYS A 376 12.05 60.49 5.02
CA LYS A 376 11.87 61.28 6.24
C LYS A 376 10.48 61.21 6.87
N GLU A 377 9.45 61.08 6.04
CA GLU A 377 8.07 60.88 6.53
C GLU A 377 7.88 59.47 7.10
N THR A 378 8.61 58.49 6.56
CA THR A 378 8.58 57.12 7.07
C THR A 378 9.11 57.04 8.50
N PHE A 379 10.20 57.76 8.79
CA PHE A 379 10.80 57.71 10.13
C PHE A 379 9.94 58.41 11.17
N ARG A 380 9.38 59.56 10.82
CA ARG A 380 8.37 60.22 11.65
C ARG A 380 7.26 59.26 12.04
N GLU A 381 6.73 58.56 11.05
CA GLU A 381 5.65 57.60 11.29
C GLU A 381 6.08 56.42 12.15
N TYR A 382 7.32 55.95 11.99
CA TYR A 382 7.88 54.90 12.86
C TYR A 382 7.88 55.27 14.35
N SER A 383 8.07 56.56 14.63
CA SER A 383 8.10 57.07 16.00
C SER A 383 6.73 57.50 16.53
N SER A 384 5.65 57.20 15.81
CA SER A 384 4.28 57.47 16.29
C SER A 384 3.25 56.36 16.08
N TYR A 385 3.61 55.27 15.41
CA TYR A 385 2.67 54.19 15.15
C TYR A 385 2.57 53.40 16.45
N VAL A 386 1.40 53.50 17.10
CA VAL A 386 1.18 52.94 18.44
C VAL A 386 -0.07 52.06 18.48
N TRP A 387 -0.11 51.18 19.47
CA TRP A 387 -1.26 50.29 19.66
C TRP A 387 -2.47 51.05 20.19
N ASP A 388 -3.66 50.63 19.76
CA ASP A 388 -4.91 51.16 20.30
C ASP A 388 -5.04 50.61 21.72
N GLU A 389 -4.71 51.45 22.71
CA GLU A 389 -4.77 51.08 24.13
C GLU A 389 -6.18 50.70 24.57
N LYS A 390 -7.19 51.42 24.07
CA LYS A 390 -8.59 51.16 24.39
C LYS A 390 -9.03 49.79 23.89
N ALA A 391 -8.65 49.47 22.66
CA ALA A 391 -8.98 48.19 22.04
C ALA A 391 -8.22 47.00 22.65
N ALA A 392 -6.94 47.21 22.98
CA ALA A 392 -6.11 46.14 23.54
C ALA A 392 -6.60 45.60 24.90
N GLU A 393 -7.25 46.46 25.68
CA GLU A 393 -7.88 46.02 26.95
C GLU A 393 -9.29 45.41 26.76
N ARG A 394 -9.78 45.36 25.52
CA ARG A 394 -10.87 44.44 25.12
C ARG A 394 -10.38 43.07 24.61
N GLY A 395 -9.09 42.93 24.35
CA GLY A 395 -8.52 41.73 23.70
C GLY A 395 -8.44 41.81 22.19
N GLU A 396 -8.30 43.02 21.66
CA GLU A 396 -8.21 43.29 20.23
C GLU A 396 -6.97 44.16 19.99
N ASP A 397 -5.91 43.54 19.48
CA ASP A 397 -4.64 44.23 19.26
C ASP A 397 -4.65 44.85 17.86
N LYS A 398 -4.74 46.17 17.81
CA LYS A 398 -4.79 46.91 16.55
C LYS A 398 -3.90 48.13 16.61
N PRO A 399 -3.46 48.62 15.44
CA PRO A 399 -2.85 49.93 15.39
C PRO A 399 -3.90 51.03 15.50
N VAL A 400 -3.47 52.18 16.01
CA VAL A 400 -4.24 53.41 15.89
C VAL A 400 -3.95 53.90 14.47
N LYS A 401 -5.01 53.96 13.65
CA LYS A 401 -4.86 54.24 12.23
C LYS A 401 -4.70 55.75 12.03
N GLN A 402 -3.49 56.25 12.32
CA GLN A 402 -3.22 57.68 12.24
C GLN A 402 -1.72 57.91 12.03
N ASN A 403 -1.38 58.47 10.87
CA ASN A 403 0.00 58.60 10.39
C ASN A 403 0.63 57.22 10.23
N ASP A 404 -0.04 56.41 9.41
CA ASP A 404 0.37 55.05 9.11
C ASP A 404 0.38 54.80 7.60
N HIS A 405 0.68 55.85 6.84
CA HIS A 405 0.47 55.85 5.38
C HIS A 405 1.68 55.37 4.59
N GLN A 406 2.87 55.73 5.04
CA GLN A 406 4.09 55.06 4.59
C GLN A 406 4.15 53.65 5.19
N LEU A 407 3.89 53.52 6.48
CA LEU A 407 4.02 52.21 7.15
C LEU A 407 3.08 51.14 6.62
N ASP A 408 1.92 51.53 6.09
CA ASP A 408 1.02 50.57 5.46
C ASP A 408 1.64 50.07 4.14
N ALA A 409 2.21 50.97 3.34
CA ALA A 409 2.95 50.57 2.13
C ALA A 409 4.09 49.61 2.48
N ASP A 410 4.94 50.04 3.42
CA ASP A 410 6.04 49.22 3.91
C ASP A 410 5.56 47.85 4.39
N ARG A 411 4.36 47.81 4.98
CA ARG A 411 3.75 46.55 5.44
C ARG A 411 3.30 45.69 4.28
N TYR A 412 2.68 46.29 3.26
CA TYR A 412 2.22 45.52 2.08
C TYR A 412 3.41 44.89 1.38
N PHE A 413 4.43 45.70 1.11
CA PHE A 413 5.69 45.22 0.51
C PHE A 413 6.30 44.04 1.25
N VAL A 414 6.57 44.21 2.54
CA VAL A 414 7.25 43.20 3.34
C VAL A 414 6.42 41.91 3.40
N ASN A 415 5.12 42.07 3.62
CA ASN A 415 4.23 40.91 3.75
C ASN A 415 4.03 40.19 2.40
N THR A 416 3.86 40.95 1.32
CA THR A 416 3.58 40.40 -0.01
C THR A 416 4.79 39.75 -0.69
N ILE A 417 5.94 40.42 -0.63
CA ILE A 417 7.13 39.98 -1.36
C ILE A 417 8.07 39.13 -0.49
N LEU A 418 8.43 39.64 0.69
CA LEU A 418 9.44 39.00 1.54
C LEU A 418 8.93 37.68 2.12
N PHE A 419 7.77 37.74 2.75
CA PHE A 419 7.22 36.59 3.47
C PHE A 419 6.25 35.81 2.57
N GLY A 420 5.99 34.56 2.95
CA GLY A 420 5.26 33.59 2.12
C GLY A 420 3.91 34.06 1.61
N PHE B 12 -0.23 -1.13 20.97
CA PHE B 12 0.99 -0.49 21.56
C PHE B 12 1.21 0.94 21.04
N TYR B 13 1.43 1.85 22.00
CA TYR B 13 1.70 3.26 21.74
C TYR B 13 2.78 3.74 22.72
N PHE B 14 3.60 4.69 22.29
CA PHE B 14 4.60 5.28 23.16
C PHE B 14 3.95 6.10 24.25
N GLN B 15 4.53 6.04 25.46
CA GLN B 15 4.09 6.83 26.60
C GLN B 15 5.24 7.76 26.96
N PRO B 16 4.96 8.90 27.65
CA PRO B 16 5.98 9.91 27.88
C PRO B 16 7.33 9.31 28.30
N PHE B 17 8.37 9.60 27.53
CA PHE B 17 9.70 9.08 27.84
C PHE B 17 10.19 9.79 29.08
N SER B 18 10.83 9.06 29.99
CA SER B 18 11.50 9.69 31.12
C SER B 18 12.77 10.37 30.63
N LYS B 19 13.37 11.19 31.47
CA LYS B 19 14.60 11.89 31.10
C LYS B 19 15.78 10.94 30.84
N LYS B 20 15.74 9.76 31.45
CA LYS B 20 16.73 8.70 31.21
C LYS B 20 16.51 8.09 29.82
N GLN B 21 15.27 7.73 29.54
CA GLN B 21 14.88 7.20 28.22
C GLN B 21 15.21 8.17 27.08
N LEU B 22 14.89 9.46 27.24
CA LEU B 22 15.24 10.51 26.26
C LEU B 22 16.74 10.68 26.02
N LYS B 23 17.55 10.38 27.02
CA LYS B 23 18.99 10.41 26.87
C LYS B 23 19.45 9.26 25.99
N VAL B 24 18.78 8.11 26.07
CA VAL B 24 19.08 6.96 25.20
C VAL B 24 18.66 7.20 23.74
N LEU B 25 17.52 7.86 23.54
CA LEU B 25 17.06 8.23 22.21
C LEU B 25 17.90 9.31 21.52
N THR B 26 18.58 10.15 22.29
CA THR B 26 19.22 11.35 21.74
C THR B 26 20.72 11.54 21.98
N TRP B 27 21.37 10.70 22.78
CA TRP B 27 22.81 10.89 23.11
C TRP B 27 23.73 11.00 21.90
N TRP B 28 23.38 10.28 20.84
CA TRP B 28 24.16 10.21 19.60
C TRP B 28 23.92 11.37 18.64
N ARG B 29 22.91 12.19 18.87
CA ARG B 29 22.56 13.27 17.93
C ARG B 29 23.57 14.42 17.99
N LYS B 30 23.75 15.09 16.85
CA LYS B 30 24.78 16.14 16.67
C LYS B 30 24.94 17.07 17.88
N ALA B 31 23.82 17.68 18.28
CA ALA B 31 23.80 18.63 19.40
C ALA B 31 23.64 17.92 20.75
N SER B 32 24.68 17.18 21.14
CA SER B 32 24.72 16.50 22.44
C SER B 32 26.15 16.52 23.00
N PRO B 33 26.32 16.83 24.30
CA PRO B 33 27.62 16.78 24.98
C PRO B 33 28.41 15.46 24.91
N VAL B 34 27.74 14.32 24.70
CA VAL B 34 28.38 13.00 24.70
C VAL B 34 28.42 12.29 23.33
N SER B 35 28.30 13.05 22.23
CA SER B 35 28.24 12.48 20.87
C SER B 35 29.48 11.69 20.45
N ASP B 36 30.65 12.16 20.88
CA ASP B 36 31.92 11.50 20.57
C ASP B 36 32.07 10.09 21.17
N LYS B 37 31.34 9.82 22.26
CA LYS B 37 31.43 8.55 23.00
C LYS B 37 31.28 7.33 22.10
N ASP B 38 32.09 6.30 22.34
CA ASP B 38 32.12 5.10 21.47
C ASP B 38 30.96 4.13 21.68
N GLY B 39 30.03 4.43 22.59
CA GLY B 39 28.88 3.59 22.83
C GLY B 39 28.19 3.85 24.14
N ILE B 40 27.22 3.00 24.47
CA ILE B 40 26.37 3.17 25.65
C ILE B 40 26.09 1.84 26.35
N ILE B 41 26.17 1.85 27.68
CA ILE B 41 25.77 0.72 28.51
C ILE B 41 24.53 1.16 29.30
N CYS B 42 23.47 0.35 29.21
CA CYS B 42 22.25 0.56 29.98
C CYS B 42 21.96 -0.68 30.79
N ASP B 43 22.40 -0.68 32.04
CA ASP B 43 22.07 -1.76 32.97
C ASP B 43 20.98 -1.30 33.92
N GLY B 44 20.53 -2.21 34.79
CA GLY B 44 19.64 -1.88 35.88
C GLY B 44 18.48 -2.85 36.02
N SER B 45 17.38 -2.34 36.59
CA SER B 45 16.23 -3.16 36.95
C SER B 45 15.51 -3.81 35.78
N ILE B 46 14.66 -4.79 36.10
CA ILE B 46 13.72 -5.33 35.14
C ILE B 46 12.64 -4.30 34.79
N ARG B 47 12.06 -4.48 33.61
CA ARG B 47 10.89 -3.73 33.18
C ARG B 47 11.10 -2.21 33.17
N ALA B 48 12.35 -1.77 32.96
CA ALA B 48 12.70 -0.36 33.06
C ALA B 48 12.66 0.42 31.73
N GLY B 49 12.29 -0.24 30.64
CA GLY B 49 12.24 0.40 29.31
C GLY B 49 13.55 0.55 28.57
N LYS B 50 14.55 -0.27 28.94
CA LYS B 50 15.85 -0.27 28.29
C LYS B 50 15.79 -0.74 26.84
N THR B 51 15.33 -1.99 26.63
CA THR B 51 15.30 -2.59 25.30
C THR B 51 14.43 -1.81 24.32
N ILE B 52 13.25 -1.39 24.76
CA ILE B 52 12.27 -0.76 23.88
C ILE B 52 12.78 0.56 23.29
N VAL B 53 13.42 1.41 24.11
CA VAL B 53 14.00 2.68 23.62
C VAL B 53 15.38 2.51 23.00
N MET B 54 16.16 1.56 23.50
CA MET B 54 17.55 1.42 23.05
C MET B 54 17.64 0.70 21.72
N SER B 55 16.75 -0.26 21.48
CA SER B 55 16.63 -0.90 20.17
C SER B 55 16.13 0.12 19.14
N PHE B 56 15.10 0.86 19.53
CA PHE B 56 14.54 1.90 18.70
C PHE B 56 15.54 3.02 18.40
N SER B 57 16.36 3.40 19.38
CA SER B 57 17.41 4.40 19.18
C SER B 57 18.56 3.87 18.34
N TYR B 58 18.86 2.58 18.45
CA TYR B 58 19.89 1.92 17.63
C TYR B 58 19.56 1.96 16.14
N VAL B 59 18.31 1.67 15.80
CA VAL B 59 17.86 1.70 14.42
C VAL B 59 17.87 3.14 13.91
N MET B 60 17.30 4.06 14.69
CA MET B 60 17.29 5.49 14.33
C MET B 60 18.70 6.06 14.15
N TRP B 61 19.61 5.68 15.02
CA TRP B 61 21.02 6.06 14.86
C TRP B 61 21.61 5.48 13.58
N ALA B 62 21.48 4.16 13.43
CA ALA B 62 22.02 3.45 12.27
C ALA B 62 21.46 3.94 10.94
N MET B 63 20.16 4.20 10.89
CA MET B 63 19.51 4.70 9.67
C MET B 63 19.91 6.13 9.31
N ASP B 64 20.08 6.99 10.32
CA ASP B 64 20.48 8.38 10.09
C ASP B 64 21.96 8.50 9.69
N THR B 65 22.83 7.89 10.49
CA THR B 65 24.27 8.10 10.37
C THR B 65 24.94 7.32 9.22
N PHE B 66 24.27 6.31 8.66
CA PHE B 66 24.86 5.44 7.63
C PHE B 66 23.88 5.10 6.53
N ASN B 67 24.43 4.68 5.39
CA ASN B 67 23.66 4.09 4.29
C ASN B 67 24.42 2.90 3.75
N GLU B 68 23.69 1.86 3.34
CA GLU B 68 24.27 0.60 2.84
C GLU B 68 25.40 0.10 3.74
N GLN B 69 25.02 -0.26 4.97
CA GLN B 69 25.95 -0.83 5.97
C GLN B 69 25.31 -1.97 6.73
N ASN B 70 26.17 -2.81 7.28
CA ASN B 70 25.74 -3.96 8.08
C ASN B 70 25.77 -3.60 9.56
N PHE B 71 24.79 -4.10 10.30
CA PHE B 71 24.63 -3.80 11.72
C PHE B 71 24.32 -5.05 12.51
N GLY B 72 24.68 -5.03 13.79
CA GLY B 72 24.59 -6.19 14.64
C GLY B 72 23.52 -6.06 15.71
N MET B 73 22.84 -7.16 15.97
CA MET B 73 21.89 -7.27 17.07
C MET B 73 22.05 -8.66 17.68
N ALA B 74 22.35 -8.73 18.97
CA ALA B 74 22.67 -10.01 19.64
C ALA B 74 21.84 -10.25 20.88
N GLY B 75 21.62 -11.54 21.18
CA GLY B 75 20.96 -11.99 22.41
C GLY B 75 21.56 -13.31 22.89
N LYS B 76 21.05 -13.84 24.00
CA LYS B 76 21.40 -15.19 24.45
C LYS B 76 21.12 -16.25 23.38
N THR B 77 19.96 -16.14 22.73
CA THR B 77 19.53 -17.02 21.62
C THR B 77 18.82 -16.16 20.57
N ILE B 78 18.92 -16.51 19.29
CA ILE B 78 18.21 -15.75 18.22
C ILE B 78 16.68 -15.65 18.50
N GLY B 79 16.10 -16.73 19.05
CA GLY B 79 14.70 -16.75 19.43
C GLY B 79 14.40 -15.77 20.55
N ALA B 80 15.25 -15.76 21.56
CA ALA B 80 15.15 -14.80 22.67
C ALA B 80 15.30 -13.34 22.19
N LEU B 81 16.19 -13.12 21.23
CA LEU B 81 16.34 -11.82 20.57
C LEU B 81 15.09 -11.49 19.76
N ARG B 82 14.57 -12.49 19.05
CA ARG B 82 13.31 -12.35 18.32
C ARG B 82 12.14 -11.97 19.24
N ARG B 83 12.01 -12.67 20.36
CA ARG B 83 10.94 -12.43 21.33
C ARG B 83 11.11 -11.07 22.00
N ASN B 84 12.27 -10.85 22.62
CA ASN B 84 12.52 -9.62 23.40
C ASN B 84 12.63 -8.33 22.58
N VAL B 85 13.38 -8.38 21.48
CA VAL B 85 13.80 -7.17 20.76
C VAL B 85 13.11 -6.98 19.41
N ILE B 86 13.27 -7.95 18.49
CA ILE B 86 12.92 -7.76 17.06
C ILE B 86 11.42 -7.61 16.85
N THR B 87 10.62 -8.45 17.49
CA THR B 87 9.17 -8.48 17.23
C THR B 87 8.46 -7.16 17.61
N PRO B 88 8.69 -6.65 18.84
CA PRO B 88 8.25 -5.28 19.16
C PRO B 88 8.85 -4.20 18.25
N LEU B 89 10.18 -4.18 18.13
CA LEU B 89 10.90 -3.20 17.30
C LEU B 89 10.36 -3.10 15.88
N LYS B 90 10.12 -4.26 15.27
CA LYS B 90 9.65 -4.34 13.90
C LYS B 90 8.25 -3.75 13.77
N ARG B 91 7.43 -3.91 14.82
CA ARG B 91 6.08 -3.36 14.87
C ARG B 91 6.09 -1.84 15.07
N MET B 92 6.91 -1.35 16.00
CA MET B 92 6.96 0.10 16.29
C MET B 92 7.67 0.89 15.18
N LEU B 93 8.63 0.26 14.49
CA LEU B 93 9.24 0.84 13.28
C LEU B 93 8.24 0.93 12.12
N LYS B 94 7.46 -0.13 11.89
CA LYS B 94 6.44 -0.15 10.84
C LYS B 94 5.32 0.89 11.04
N SER B 95 5.04 1.25 12.29
CA SER B 95 4.13 2.35 12.60
C SER B 95 4.72 3.70 12.16
N ARG B 96 5.99 3.93 12.45
CA ARG B 96 6.63 5.23 12.18
C ARG B 96 7.02 5.49 10.72
N GLY B 97 6.81 4.52 9.83
CA GLY B 97 7.13 4.68 8.40
C GLY B 97 8.50 4.13 8.06
N TYR B 98 8.68 2.85 8.36
CA TYR B 98 9.86 2.09 7.95
C TYR B 98 9.34 0.87 7.19
N ARG B 99 10.01 0.54 6.09
CA ARG B 99 9.81 -0.73 5.38
C ARG B 99 10.83 -1.71 5.96
N VAL B 100 10.34 -2.78 6.59
CA VAL B 100 11.19 -3.75 7.29
C VAL B 100 10.97 -5.14 6.70
N LYS B 101 12.01 -5.66 6.02
CA LYS B 101 11.95 -6.98 5.37
C LYS B 101 12.80 -7.98 6.15
N ASP B 102 12.16 -8.87 6.90
CA ASP B 102 12.87 -9.86 7.73
C ASP B 102 13.18 -11.10 6.90
N HIS B 103 14.43 -11.55 6.98
CA HIS B 103 14.85 -12.80 6.33
C HIS B 103 15.01 -13.88 7.39
N ARG B 104 13.90 -14.56 7.68
CA ARG B 104 13.84 -15.47 8.83
C ARG B 104 14.79 -16.65 8.67
N ALA B 105 14.99 -17.10 7.43
CA ALA B 105 15.92 -18.19 7.12
C ALA B 105 17.39 -17.81 7.30
N ASP B 106 17.73 -16.57 6.91
CA ASP B 106 19.12 -16.11 6.85
C ASP B 106 19.59 -15.26 8.05
N ASN B 107 18.66 -14.84 8.91
CA ASN B 107 18.94 -14.04 10.13
C ASN B 107 19.57 -12.65 9.86
N TYR B 108 18.92 -11.88 8.99
CA TYR B 108 19.15 -10.45 8.93
C TYR B 108 17.90 -9.73 8.43
N LEU B 109 17.89 -8.42 8.60
CA LEU B 109 16.77 -7.56 8.20
C LEU B 109 17.30 -6.48 7.27
N THR B 110 16.48 -6.05 6.32
CA THR B 110 16.73 -4.83 5.55
C THR B 110 15.66 -3.81 5.94
N ILE B 111 16.10 -2.72 6.55
CA ILE B 111 15.23 -1.66 6.99
C ILE B 111 15.45 -0.48 6.04
N THR B 112 14.35 0.12 5.59
CA THR B 112 14.39 1.27 4.69
C THR B 112 13.60 2.44 5.29
N PHE B 113 14.19 3.64 5.25
CA PHE B 113 13.55 4.86 5.75
C PHE B 113 14.33 6.08 5.27
N LYS B 114 13.61 7.14 4.87
CA LYS B 114 14.21 8.37 4.29
C LYS B 114 14.94 8.04 2.97
N GLY B 115 14.42 7.05 2.24
CA GLY B 115 15.10 6.52 1.06
C GLY B 115 16.43 5.79 1.30
N LYS B 116 16.85 5.69 2.57
CA LYS B 116 18.11 5.04 2.96
C LYS B 116 17.84 3.60 3.34
N THR B 117 18.87 2.76 3.22
CA THR B 117 18.75 1.30 3.44
C THR B 117 19.98 0.80 4.22
N ASN B 118 19.72 0.12 5.35
CA ASN B 118 20.77 -0.61 6.06
C ASN B 118 20.34 -2.02 6.33
N TYR B 119 21.31 -2.85 6.72
CA TYR B 119 21.12 -4.29 6.91
C TYR B 119 21.50 -4.68 8.33
N PHE B 120 20.56 -5.31 9.05
CA PHE B 120 20.74 -5.62 10.48
C PHE B 120 20.76 -7.13 10.72
N TYR B 121 21.94 -7.66 11.02
CA TYR B 121 22.15 -9.10 11.21
C TYR B 121 21.85 -9.50 12.65
N LEU B 122 21.16 -10.64 12.80
CA LEU B 122 20.76 -11.17 14.10
C LEU B 122 21.74 -12.23 14.59
N PHE B 123 22.22 -12.09 15.83
CA PHE B 123 23.19 -13.02 16.42
C PHE B 123 22.68 -13.68 17.70
N GLY B 124 23.32 -14.80 18.06
CA GLY B 124 23.08 -15.53 19.30
C GLY B 124 24.39 -15.83 20.01
N GLY B 125 24.35 -15.85 21.34
CA GLY B 125 25.55 -16.07 22.15
C GLY B 125 26.20 -17.41 21.93
N LYS B 126 25.50 -18.48 22.30
CA LYS B 126 26.01 -19.85 22.21
C LYS B 126 25.51 -20.59 20.96
N ASP B 127 25.50 -19.90 19.82
CA ASP B 127 25.05 -20.47 18.54
C ASP B 127 26.27 -21.05 17.81
N GLU B 128 25.99 -21.92 16.83
CA GLU B 128 27.00 -22.40 15.88
C GLU B 128 27.01 -21.52 14.63
N SER B 129 25.83 -21.20 14.09
CA SER B 129 25.70 -20.36 12.90
C SER B 129 26.34 -19.01 13.09
N SER B 130 25.93 -18.32 14.15
CA SER B 130 26.34 -16.94 14.42
C SER B 130 27.84 -16.79 14.68
N GLN B 131 28.40 -17.71 15.47
CA GLN B 131 29.83 -17.68 15.81
C GLN B 131 30.74 -18.03 14.62
N ASP B 132 30.21 -18.78 13.65
CA ASP B 132 30.89 -18.99 12.37
C ASP B 132 30.87 -17.72 11.50
N LEU B 133 29.74 -17.02 11.50
CA LEU B 133 29.56 -15.80 10.69
C LEU B 133 30.32 -14.60 11.23
N ILE B 134 30.28 -14.39 12.54
CA ILE B 134 30.93 -13.24 13.19
C ILE B 134 32.46 -13.20 12.96
N GLN B 135 33.09 -14.37 12.82
CA GLN B 135 34.52 -14.48 12.47
C GLN B 135 34.92 -13.56 11.31
N GLY B 136 34.11 -13.56 10.25
CA GLY B 136 34.37 -12.76 9.04
C GLY B 136 33.17 -11.96 8.57
N ILE B 137 32.93 -10.83 9.23
CA ILE B 137 31.89 -9.86 8.83
C ILE B 137 32.30 -8.47 9.30
N THR B 138 31.91 -7.47 8.53
CA THR B 138 32.18 -6.07 8.85
C THR B 138 30.88 -5.40 9.29
N LEU B 139 30.94 -4.68 10.41
CA LEU B 139 29.77 -4.03 11.01
C LEU B 139 30.04 -2.56 11.32
N ALA B 140 28.99 -1.75 11.28
CA ALA B 140 29.08 -0.33 11.61
C ALA B 140 28.54 -0.03 13.01
N GLY B 141 28.30 -1.07 13.81
CA GLY B 141 27.69 -0.93 15.13
C GLY B 141 27.21 -2.29 15.62
N MET B 142 26.96 -2.39 16.92
CA MET B 142 26.56 -3.65 17.51
C MET B 142 25.68 -3.42 18.73
N PHE B 143 24.59 -4.18 18.81
CA PHE B 143 23.59 -4.06 19.87
C PHE B 143 23.51 -5.39 20.64
N PHE B 144 23.55 -5.30 21.96
CA PHE B 144 23.56 -6.45 22.85
C PHE B 144 22.42 -6.38 23.85
N ASP B 145 21.40 -7.20 23.65
CA ASP B 145 20.26 -7.33 24.58
C ASP B 145 20.55 -8.45 25.57
N GLU B 146 20.54 -8.12 26.86
CA GLU B 146 20.91 -9.03 27.95
C GLU B 146 22.37 -9.46 27.84
N VAL B 147 23.28 -8.49 27.69
CA VAL B 147 24.71 -8.80 27.47
C VAL B 147 25.37 -9.67 28.56
N ALA B 148 24.95 -9.49 29.81
CA ALA B 148 25.48 -10.26 30.95
C ALA B 148 25.35 -11.77 30.81
N LEU B 149 24.38 -12.22 30.01
CA LEU B 149 24.09 -13.65 29.84
C LEU B 149 24.94 -14.31 28.73
N MET B 150 25.42 -13.52 27.78
CA MET B 150 26.21 -14.05 26.67
C MET B 150 27.63 -14.36 27.10
N PRO B 151 28.37 -15.18 26.31
CA PRO B 151 29.77 -15.45 26.63
C PRO B 151 30.68 -14.23 26.44
N GLU B 152 31.72 -14.11 27.28
CA GLU B 152 32.70 -13.02 27.16
C GLU B 152 33.49 -13.11 25.85
N SER B 153 33.81 -14.33 25.42
CA SER B 153 34.51 -14.54 24.15
C SER B 153 33.73 -14.00 22.94
N PHE B 154 32.42 -14.16 22.98
CA PHE B 154 31.58 -13.71 21.87
C PHE B 154 31.51 -12.20 21.76
N VAL B 155 31.29 -11.47 22.87
CA VAL B 155 31.16 -10.01 22.75
C VAL B 155 32.47 -9.39 22.28
N ASN B 156 33.60 -9.88 22.80
CA ASN B 156 34.92 -9.36 22.42
C ASN B 156 35.25 -9.55 20.93
N GLN B 157 34.83 -10.67 20.33
CA GLN B 157 34.94 -10.85 18.88
C GLN B 157 33.94 -9.94 18.14
N ALA B 158 32.72 -9.84 18.65
CA ALA B 158 31.69 -9.01 18.00
C ALA B 158 32.02 -7.53 18.03
N THR B 159 32.63 -7.06 19.12
CA THR B 159 33.10 -5.67 19.20
C THR B 159 34.26 -5.43 18.22
N ALA B 160 35.11 -6.45 18.04
CA ALA B 160 36.23 -6.39 17.09
C ALA B 160 35.83 -6.46 15.60
N ARG B 161 34.55 -6.76 15.31
CA ARG B 161 34.02 -6.66 13.95
C ARG B 161 33.48 -5.28 13.60
N CYS B 162 33.36 -4.38 14.59
CA CYS B 162 32.83 -3.03 14.35
C CYS B 162 33.91 -2.13 13.73
N SER B 163 34.27 -2.48 12.49
CA SER B 163 35.44 -1.94 11.80
C SER B 163 35.17 -0.59 11.15
N VAL B 164 33.96 -0.43 10.62
CA VAL B 164 33.55 0.80 9.92
C VAL B 164 33.85 2.05 10.76
N ASP B 165 34.28 3.12 10.08
CA ASP B 165 34.71 4.35 10.74
C ASP B 165 33.50 5.09 11.34
N GLY B 166 33.52 5.28 12.66
CA GLY B 166 32.44 5.95 13.40
C GLY B 166 31.36 5.04 13.97
N ALA B 167 31.72 3.82 14.32
CA ALA B 167 30.77 2.84 14.89
C ALA B 167 30.57 3.06 16.39
N LYS B 168 29.44 2.56 16.88
CA LYS B 168 29.04 2.69 18.28
C LYS B 168 28.57 1.33 18.82
N LEU B 169 28.90 1.06 20.09
CA LEU B 169 28.52 -0.17 20.78
C LEU B 169 27.35 0.10 21.74
N TRP B 170 26.45 -0.86 21.86
CA TRP B 170 25.20 -0.67 22.60
C TRP B 170 24.93 -1.92 23.42
N PHE B 171 24.92 -1.78 24.74
CA PHE B 171 24.70 -2.89 25.65
C PHE B 171 23.54 -2.58 26.58
N ASN B 172 22.60 -3.53 26.73
CA ASN B 172 21.68 -3.49 27.87
C ASN B 172 21.66 -4.84 28.57
N CYS B 173 21.43 -4.82 29.88
CA CYS B 173 21.40 -6.03 30.70
C CYS B 173 20.83 -5.78 32.10
N ASN B 174 20.53 -6.87 32.78
CA ASN B 174 20.26 -6.85 34.21
C ASN B 174 21.55 -7.18 34.95
N PRO B 175 21.64 -6.80 36.23
CA PRO B 175 22.87 -7.05 36.98
C PRO B 175 23.12 -8.51 37.36
N ALA B 176 24.37 -8.78 37.72
CA ALA B 176 24.84 -10.09 38.17
C ALA B 176 25.75 -9.89 39.40
N GLY B 177 26.75 -10.77 39.61
CA GLY B 177 27.76 -10.54 40.65
C GLY B 177 28.70 -9.39 40.29
N PRO B 178 29.28 -8.71 41.30
CA PRO B 178 30.21 -7.61 41.00
C PRO B 178 31.58 -8.06 40.50
N TYR B 179 31.87 -9.36 40.57
CA TYR B 179 33.02 -9.96 39.88
C TYR B 179 32.68 -10.48 38.46
N HIS B 180 31.52 -10.12 37.92
CA HIS B 180 31.07 -10.59 36.60
C HIS B 180 31.82 -9.80 35.53
N TRP B 181 32.18 -10.47 34.43
CA TRP B 181 33.07 -9.86 33.44
C TRP B 181 32.59 -8.53 32.86
N PHE B 182 31.28 -8.38 32.66
CA PHE B 182 30.73 -7.12 32.16
C PHE B 182 30.80 -5.99 33.19
N LYS B 183 30.81 -6.32 34.49
CA LYS B 183 31.07 -5.32 35.54
C LYS B 183 32.53 -4.92 35.52
N VAL B 184 33.41 -5.92 35.47
CA VAL B 184 34.85 -5.71 35.61
C VAL B 184 35.47 -5.14 34.33
N GLU B 185 35.16 -5.74 33.18
CA GLU B 185 35.80 -5.40 31.90
C GLU B 185 35.14 -4.26 31.12
N TYR B 186 33.93 -3.84 31.52
CA TYR B 186 33.17 -2.84 30.78
C TYR B 186 32.65 -1.68 31.65
N LEU B 187 31.98 -1.97 32.76
CA LEU B 187 31.47 -0.91 33.65
C LEU B 187 32.53 -0.27 34.54
N ASP B 188 33.47 -1.07 35.04
CA ASP B 188 34.60 -0.53 35.81
C ASP B 188 35.74 0.03 34.91
N LYS B 189 35.68 -0.24 33.61
CA LYS B 189 36.59 0.36 32.61
C LYS B 189 35.80 1.27 31.65
N LEU B 190 34.96 2.13 32.24
CA LEU B 190 33.99 2.93 31.49
C LEU B 190 34.65 4.09 30.74
N ASP B 191 35.68 4.70 31.34
CA ASP B 191 36.47 5.75 30.70
C ASP B 191 37.49 5.19 29.69
N GLU B 192 38.08 4.04 29.98
CA GLU B 192 39.06 3.38 29.09
C GLU B 192 38.51 3.04 27.70
N LYS B 193 37.21 2.78 27.61
CA LYS B 193 36.53 2.44 26.35
C LYS B 193 35.67 3.59 25.80
N ASN B 194 35.67 4.73 26.47
CA ASN B 194 34.86 5.91 26.10
C ASN B 194 33.38 5.55 25.93
N LEU B 195 32.84 4.85 26.94
CA LEU B 195 31.45 4.40 26.93
C LEU B 195 30.59 5.22 27.88
N LEU B 196 29.35 5.45 27.47
CA LEU B 196 28.37 6.16 28.26
C LEU B 196 27.65 5.15 29.15
N HIS B 197 27.17 5.60 30.30
CA HIS B 197 26.53 4.72 31.28
C HIS B 197 25.28 5.38 31.84
N LEU B 198 24.13 4.73 31.66
CA LEU B 198 22.87 5.12 32.32
C LEU B 198 22.33 3.94 33.10
N HIS B 199 21.94 4.19 34.34
CA HIS B 199 21.37 3.17 35.19
C HIS B 199 19.87 3.35 35.24
N PHE B 200 19.13 2.29 34.92
CA PHE B 200 17.67 2.35 34.88
C PHE B 200 17.07 1.68 36.11
N THR B 201 16.20 2.40 36.80
CA THR B 201 15.33 1.85 37.84
C THR B 201 13.93 1.83 37.24
N MET B 202 12.98 1.16 37.89
CA MET B 202 11.60 1.11 37.39
C MET B 202 10.89 2.47 37.41
N ASP B 203 11.46 3.44 38.14
CA ASP B 203 10.98 4.82 38.15
C ASP B 203 11.27 5.56 36.84
N ASP B 204 12.03 4.96 35.93
CA ASP B 204 12.34 5.54 34.62
C ASP B 204 11.43 5.02 33.51
N ASN B 205 10.76 3.90 33.73
CA ASN B 205 9.65 3.52 32.88
C ASN B 205 8.42 4.27 33.37
N LEU B 206 8.13 5.39 32.72
CA LEU B 206 6.94 6.20 33.04
C LEU B 206 5.62 5.55 32.61
N SER B 207 5.68 4.52 31.75
CA SER B 207 4.49 3.76 31.37
C SER B 207 3.87 3.01 32.56
N LEU B 208 4.70 2.64 33.53
CA LEU B 208 4.26 1.83 34.67
C LEU B 208 3.59 2.68 35.75
N SER B 209 2.46 2.18 36.26
CA SER B 209 1.79 2.76 37.40
C SER B 209 2.45 2.30 38.69
N LYS B 210 2.18 3.03 39.78
CA LYS B 210 2.63 2.65 41.14
C LYS B 210 2.06 1.30 41.59
N GLN B 211 0.90 0.91 41.05
CA GLN B 211 0.34 -0.42 41.29
C GLN B 211 1.23 -1.54 40.73
N VAL B 212 1.52 -1.47 39.43
CA VAL B 212 2.30 -2.51 38.74
C VAL B 212 3.73 -2.56 39.30
N LYS B 213 4.30 -1.40 39.61
CA LYS B 213 5.63 -1.31 40.22
C LYS B 213 5.68 -1.97 41.60
N GLU B 214 4.58 -1.91 42.34
CA GLU B 214 4.47 -2.64 43.61
C GLU B 214 4.23 -4.15 43.44
N ARG B 215 3.51 -4.54 42.38
CA ARG B 215 3.26 -5.96 42.10
C ARG B 215 4.53 -6.69 41.66
N TYR B 216 5.36 -6.03 40.85
CA TYR B 216 6.69 -6.54 40.47
C TYR B 216 7.64 -6.62 41.66
N GLN B 217 7.64 -5.59 42.50
CA GLN B 217 8.44 -5.58 43.74
C GLN B 217 8.23 -6.81 44.62
N ARG B 218 6.98 -7.24 44.75
CA ARG B 218 6.64 -8.39 45.59
C ARG B 218 7.10 -9.74 45.02
N MET B 219 7.30 -9.82 43.70
CA MET B 219 7.88 -11.02 43.07
C MET B 219 9.31 -11.35 43.53
N TYR B 220 10.06 -10.35 43.99
CA TYR B 220 11.49 -10.49 44.33
C TYR B 220 11.80 -10.14 45.78
N LYS B 221 12.62 -10.98 46.43
CA LYS B 221 13.16 -10.72 47.76
C LYS B 221 14.64 -11.16 47.87
N GLY B 222 15.40 -10.47 48.73
CA GLY B 222 16.78 -10.84 48.99
C GLY B 222 17.73 -10.38 47.90
N VAL B 223 18.61 -11.28 47.45
CA VAL B 223 19.61 -10.98 46.41
C VAL B 223 18.95 -10.55 45.10
N PHE B 224 17.92 -11.29 44.69
CA PHE B 224 17.28 -11.06 43.39
C PHE B 224 16.51 -9.74 43.39
N TYR B 225 16.08 -9.30 44.58
CA TYR B 225 15.49 -7.98 44.75
C TYR B 225 16.55 -6.91 44.51
N GLN B 226 17.67 -7.05 45.23
CA GLN B 226 18.81 -6.14 45.06
C GLN B 226 19.27 -6.05 43.60
N ARG B 227 19.25 -7.18 42.87
CA ARG B 227 19.67 -7.19 41.47
C ARG B 227 18.63 -6.59 40.55
N TYR B 228 17.45 -7.20 40.50
CA TYR B 228 16.45 -6.88 39.48
C TYR B 228 15.46 -5.77 39.80
N ILE B 229 15.38 -5.34 41.06
CA ILE B 229 14.54 -4.21 41.41
C ILE B 229 15.38 -2.99 41.70
N LEU B 230 16.38 -3.14 42.58
CA LEU B 230 17.28 -2.04 42.93
C LEU B 230 18.38 -1.81 41.88
N GLY B 231 18.51 -2.71 40.92
CA GLY B 231 19.46 -2.55 39.82
C GLY B 231 20.91 -2.72 40.22
N LEU B 232 21.16 -3.36 41.37
CA LEU B 232 22.50 -3.42 41.98
C LEU B 232 23.25 -4.70 41.62
N TRP B 233 24.57 -4.60 41.45
CA TRP B 233 25.42 -5.76 41.17
C TRP B 233 25.94 -6.30 42.52
N VAL B 234 25.09 -7.00 43.28
CA VAL B 234 25.49 -7.58 44.57
C VAL B 234 25.86 -9.06 44.42
N LEU B 235 26.65 -9.54 45.38
CA LEU B 235 27.21 -10.89 45.38
C LEU B 235 26.20 -11.95 45.81
N ALA B 236 26.24 -13.10 45.15
CA ALA B 236 25.34 -14.21 45.45
C ALA B 236 25.84 -14.97 46.68
N GLU B 237 25.29 -14.64 47.84
CA GLU B 237 25.86 -15.06 49.14
C GLU B 237 24.98 -16.06 49.90
N GLY B 238 25.57 -17.21 50.25
CA GLY B 238 24.96 -18.17 51.18
C GLY B 238 23.76 -18.94 50.63
N ILE B 239 22.70 -19.04 51.44
CA ILE B 239 21.53 -19.85 51.12
C ILE B 239 20.79 -19.24 49.94
N ILE B 240 20.49 -20.07 48.95
CA ILE B 240 19.82 -19.63 47.71
C ILE B 240 18.36 -19.21 47.95
N TYR B 241 17.54 -20.18 48.33
CA TYR B 241 16.12 -19.95 48.58
C TYR B 241 15.94 -19.57 50.05
N ASP B 242 16.40 -18.37 50.40
CA ASP B 242 16.23 -17.82 51.74
C ASP B 242 14.79 -17.36 51.99
N MET B 243 14.01 -17.16 50.92
CA MET B 243 12.59 -16.81 51.04
C MET B 243 11.65 -17.98 51.33
N PHE B 244 12.17 -19.21 51.31
CA PHE B 244 11.40 -20.37 51.74
C PHE B 244 11.17 -20.29 53.25
N ASP B 245 9.95 -20.60 53.65
CA ASP B 245 9.46 -20.33 54.99
C ASP B 245 8.36 -21.34 55.32
N GLN B 246 8.61 -22.16 56.33
CA GLN B 246 7.73 -23.28 56.68
C GLN B 246 6.36 -22.81 57.20
N ASP B 247 6.29 -21.56 57.68
CA ASP B 247 5.02 -20.88 57.99
C ASP B 247 4.16 -20.61 56.77
N GLU B 248 4.80 -20.08 55.72
CA GLU B 248 4.10 -19.63 54.51
C GLU B 248 3.87 -20.73 53.48
N HIS B 249 4.84 -21.64 53.30
CA HIS B 249 4.88 -22.53 52.13
C HIS B 249 4.49 -24.01 52.31
N VAL B 250 4.58 -24.53 53.54
CA VAL B 250 4.19 -25.93 53.81
C VAL B 250 2.74 -26.01 54.30
N VAL B 251 2.00 -26.97 53.74
CA VAL B 251 0.60 -27.19 54.08
C VAL B 251 0.39 -28.64 54.51
N PRO B 252 -0.76 -28.96 55.16
CA PRO B 252 -0.98 -30.33 55.62
C PRO B 252 -1.20 -31.32 54.48
N THR B 253 -0.65 -32.52 54.63
CA THR B 253 -0.82 -33.58 53.66
C THR B 253 -2.22 -34.17 53.79
N VAL B 254 -3.18 -33.53 53.15
CA VAL B 254 -4.61 -33.86 53.29
C VAL B 254 -5.32 -33.66 51.94
N PRO B 255 -6.13 -34.66 51.49
CA PRO B 255 -6.50 -34.67 50.07
C PRO B 255 -7.29 -33.45 49.62
N ARG B 256 -7.10 -33.08 48.35
CA ARG B 256 -7.75 -31.93 47.72
C ARG B 256 -8.23 -32.34 46.33
N PRO B 257 -9.19 -31.58 45.76
CA PRO B 257 -9.70 -31.90 44.43
C PRO B 257 -8.83 -31.28 43.34
N TYR B 258 -7.75 -31.99 42.98
CA TYR B 258 -6.78 -31.46 42.05
C TYR B 258 -7.32 -31.49 40.62
N GLU B 259 -7.19 -30.36 39.93
CA GLU B 259 -7.72 -30.15 38.59
C GLU B 259 -6.88 -30.77 37.47
N LYS B 260 -5.60 -31.00 37.73
CA LYS B 260 -4.62 -31.30 36.68
C LYS B 260 -3.29 -31.67 37.33
N TYR B 261 -2.72 -32.83 36.97
CA TYR B 261 -1.44 -33.29 37.54
C TYR B 261 -0.23 -33.17 36.60
N TYR B 262 0.96 -33.11 37.20
CA TYR B 262 2.25 -33.31 36.52
C TYR B 262 3.13 -34.15 37.44
N VAL B 263 4.12 -34.83 36.87
CA VAL B 263 5.22 -35.42 37.64
C VAL B 263 6.50 -34.75 37.15
N SER B 264 7.41 -34.47 38.07
CA SER B 264 8.69 -33.82 37.77
C SER B 264 9.83 -34.70 38.25
N CYS B 265 10.86 -34.87 37.42
CA CYS B 265 11.90 -35.86 37.68
C CYS B 265 13.34 -35.35 37.53
N ASP B 266 14.16 -35.70 38.53
CA ASP B 266 15.61 -35.64 38.44
C ASP B 266 16.09 -37.09 38.39
N TYR B 267 16.69 -37.50 37.27
CA TYR B 267 17.11 -38.90 37.07
C TYR B 267 18.49 -39.17 37.64
N GLY B 268 18.68 -40.36 38.21
CA GLY B 268 19.98 -40.83 38.69
C GLY B 268 20.06 -42.34 38.90
N THR B 269 21.23 -42.92 38.63
CA THR B 269 21.47 -44.34 38.89
C THR B 269 22.43 -44.52 40.07
N GLN B 270 23.58 -43.83 39.99
CA GLN B 270 24.53 -43.71 41.11
C GLN B 270 23.98 -42.74 42.15
N ASN B 271 23.69 -41.51 41.71
CA ASN B 271 23.06 -40.45 42.54
C ASN B 271 21.55 -40.71 42.80
N PRO B 272 20.91 -39.91 43.68
CA PRO B 272 19.47 -40.11 43.92
C PRO B 272 18.57 -39.78 42.74
N THR B 273 17.40 -40.42 42.69
CA THR B 273 16.34 -40.10 41.74
C THR B 273 15.16 -39.56 42.50
N THR B 274 14.50 -38.54 41.95
CA THR B 274 13.29 -37.98 42.53
C THR B 274 12.12 -37.92 41.53
N PHE B 275 10.94 -38.25 42.03
CA PHE B 275 9.68 -37.93 41.35
C PHE B 275 8.93 -37.01 42.28
N GLY B 276 8.36 -35.95 41.73
CA GLY B 276 7.48 -35.07 42.49
C GLY B 276 6.14 -35.00 41.78
N LEU B 277 5.08 -35.48 42.44
CA LEU B 277 3.73 -35.34 41.91
C LEU B 277 3.22 -33.94 42.26
N TRP B 278 2.90 -33.16 41.25
CA TRP B 278 2.32 -31.82 41.42
C TRP B 278 0.84 -31.86 41.08
N GLY B 279 0.11 -30.82 41.49
CA GLY B 279 -1.35 -30.79 41.36
C GLY B 279 -1.92 -29.39 41.48
N LEU B 280 -2.85 -29.04 40.58
CA LEU B 280 -3.43 -27.69 40.54
C LEU B 280 -4.73 -27.67 41.35
N TYR B 281 -4.89 -26.63 42.16
CA TYR B 281 -6.11 -26.41 42.94
C TYR B 281 -6.27 -24.92 43.21
N ASN B 282 -7.32 -24.33 42.63
CA ASN B 282 -7.63 -22.90 42.79
C ASN B 282 -6.42 -22.03 42.43
N GLY B 283 -5.89 -22.26 41.22
CA GLY B 283 -4.77 -21.50 40.68
C GLY B 283 -3.46 -21.60 41.44
N VAL B 284 -3.25 -22.69 42.17
CA VAL B 284 -2.01 -22.92 42.92
C VAL B 284 -1.55 -24.36 42.71
N TRP B 285 -0.27 -24.53 42.46
CA TRP B 285 0.31 -25.86 42.25
C TRP B 285 0.87 -26.41 43.57
N TYR B 286 0.38 -27.58 43.96
CA TYR B 286 0.77 -28.23 45.21
C TYR B 286 1.64 -29.44 44.92
N LYS B 287 2.88 -29.44 45.40
CA LYS B 287 3.68 -30.66 45.38
C LYS B 287 2.97 -31.58 46.35
N VAL B 288 2.25 -32.55 45.79
CA VAL B 288 1.34 -33.39 46.57
C VAL B 288 2.17 -34.40 47.35
N LYS B 289 3.02 -35.12 46.63
CA LYS B 289 3.98 -36.02 47.28
C LYS B 289 5.29 -36.10 46.51
N GLU B 290 6.31 -36.63 47.18
CA GLU B 290 7.65 -36.75 46.64
C GLU B 290 8.10 -38.19 46.71
N TYR B 291 9.05 -38.53 45.86
CA TYR B 291 9.69 -39.83 45.84
C TYR B 291 11.18 -39.53 45.87
N HIS B 292 11.95 -40.40 46.51
CA HIS B 292 13.37 -40.13 46.78
C HIS B 292 14.08 -41.45 47.04
N TYR B 293 14.79 -41.95 46.02
CA TYR B 293 15.52 -43.20 46.13
C TYR B 293 17.00 -42.93 45.90
N ASP B 294 17.82 -43.30 46.87
CA ASP B 294 19.27 -43.12 46.85
C ASP B 294 19.95 -44.47 46.59
N GLY B 295 20.46 -44.67 45.37
CA GLY B 295 21.14 -45.91 44.99
C GLY B 295 22.31 -46.25 45.90
N ARG B 296 23.10 -45.22 46.23
CA ARG B 296 24.25 -45.33 47.13
C ARG B 296 23.85 -45.79 48.53
N LYS B 297 22.96 -45.04 49.15
CA LYS B 297 22.58 -45.25 50.56
C LYS B 297 21.85 -46.60 50.79
N GLU B 298 21.16 -47.10 49.77
CA GLU B 298 20.43 -48.36 49.83
C GLU B 298 21.27 -49.61 49.50
N ASN B 299 22.47 -49.41 48.94
CA ASN B 299 23.30 -50.51 48.42
C ASN B 299 22.53 -51.35 47.40
N LYS B 300 21.88 -50.66 46.46
CA LYS B 300 21.16 -51.30 45.37
C LYS B 300 20.84 -50.26 44.29
N GLN B 301 21.51 -50.39 43.14
CA GLN B 301 21.26 -49.54 41.98
C GLN B 301 19.89 -49.87 41.40
N LYS B 302 19.30 -48.94 40.65
CA LYS B 302 18.03 -49.19 39.99
C LYS B 302 18.09 -48.97 38.48
N THR B 303 17.46 -49.88 37.74
CA THR B 303 17.40 -49.84 36.29
C THR B 303 16.30 -48.88 35.85
N ASP B 304 16.33 -48.51 34.57
CA ASP B 304 15.28 -47.69 33.96
C ASP B 304 13.92 -48.37 34.09
N GLN B 305 13.90 -49.69 33.98
CA GLN B 305 12.69 -50.48 34.19
C GLN B 305 12.19 -50.31 35.62
N GLU B 306 13.08 -50.49 36.59
CA GLU B 306 12.71 -50.43 38.01
C GLU B 306 12.18 -49.05 38.42
N TYR B 307 12.83 -47.98 37.96
CA TYR B 307 12.32 -46.63 38.23
C TYR B 307 10.95 -46.43 37.57
N TYR B 308 10.80 -46.91 36.34
CA TYR B 308 9.51 -46.81 35.63
C TYR B 308 8.38 -47.53 36.39
N GLU B 309 8.66 -48.73 36.89
CA GLU B 309 7.70 -49.48 37.71
C GLU B 309 7.25 -48.67 38.93
N ASP B 310 8.19 -48.04 39.61
CA ASP B 310 7.89 -47.16 40.74
C ASP B 310 7.12 -45.89 40.34
N LEU B 311 7.42 -45.33 39.17
CA LEU B 311 6.66 -44.19 38.65
C LEU B 311 5.20 -44.51 38.38
N MET B 312 4.91 -45.74 37.96
CA MET B 312 3.53 -46.19 37.78
C MET B 312 2.84 -46.36 39.13
N LYS B 313 3.54 -46.92 40.12
CA LYS B 313 3.02 -47.01 41.51
C LYS B 313 2.82 -45.62 42.12
N PHE B 314 3.69 -44.68 41.75
CA PHE B 314 3.64 -43.30 42.24
C PHE B 314 2.43 -42.50 41.73
N ILE B 315 1.84 -42.91 40.61
CA ILE B 315 0.66 -42.23 40.05
C ILE B 315 -0.55 -43.16 39.82
N GLU B 316 -0.67 -44.23 40.62
CA GLU B 316 -1.81 -45.16 40.53
C GLU B 316 -3.16 -44.46 40.75
N ASP B 317 -3.33 -43.89 41.93
CA ASP B 317 -4.63 -43.36 42.37
C ASP B 317 -5.24 -42.28 41.48
N ILE B 318 -4.41 -41.44 40.84
CA ILE B 318 -4.93 -40.28 40.11
C ILE B 318 -5.61 -40.67 38.77
N GLU B 319 -6.61 -39.88 38.39
CA GLU B 319 -7.36 -40.11 37.16
C GLU B 319 -6.48 -39.77 35.95
N LYS B 320 -6.25 -40.77 35.09
CA LYS B 320 -5.32 -40.65 33.97
C LYS B 320 -5.57 -39.47 33.05
N HIS B 321 -6.83 -39.05 32.91
CA HIS B 321 -7.16 -37.84 32.13
C HIS B 321 -6.68 -36.52 32.74
N LYS B 322 -6.46 -36.50 34.05
CA LYS B 322 -5.91 -35.33 34.75
C LYS B 322 -4.37 -35.22 34.58
N PHE B 323 -3.72 -36.35 34.31
CA PHE B 323 -2.27 -36.43 34.16
C PHE B 323 -1.79 -35.83 32.84
N LYS B 324 -0.96 -34.78 32.91
CA LYS B 324 -0.47 -34.07 31.72
C LYS B 324 1.00 -34.37 31.37
N GLY B 325 1.56 -35.44 31.93
CA GLY B 325 2.89 -35.92 31.55
C GLY B 325 4.02 -35.71 32.54
N VAL B 326 5.10 -36.46 32.35
CA VAL B 326 6.30 -36.37 33.17
C VAL B 326 7.20 -35.28 32.59
N ILE B 327 7.82 -34.51 33.47
CA ILE B 327 8.84 -33.53 33.07
C ILE B 327 10.17 -34.09 33.56
N VAL B 328 11.13 -34.25 32.65
CA VAL B 328 12.37 -34.96 32.98
C VAL B 328 13.62 -34.28 32.41
N ASP B 329 14.73 -34.49 33.12
CA ASP B 329 16.04 -33.94 32.77
C ASP B 329 16.40 -34.39 31.35
N PRO B 330 16.66 -33.44 30.42
CA PRO B 330 16.92 -33.83 29.02
C PRO B 330 18.09 -34.80 28.81
N SER B 331 19.01 -34.87 29.78
CA SER B 331 20.05 -35.90 29.82
C SER B 331 19.62 -37.09 30.67
N ALA B 332 18.55 -37.76 30.24
CA ALA B 332 18.14 -39.03 30.82
C ALA B 332 17.45 -39.87 29.73
N ALA B 333 18.10 -39.90 28.56
CA ALA B 333 17.50 -40.47 27.36
C ALA B 333 17.20 -41.96 27.47
N SER B 334 18.01 -42.70 28.22
CA SER B 334 17.72 -44.11 28.57
C SER B 334 16.30 -44.25 29.11
N PHE B 335 15.97 -43.35 30.04
CA PHE B 335 14.67 -43.34 30.71
C PHE B 335 13.61 -42.75 29.79
N ILE B 336 13.93 -41.64 29.12
CA ILE B 336 12.96 -40.98 28.23
C ILE B 336 12.53 -41.91 27.10
N ALA B 337 13.50 -42.62 26.51
CA ALA B 337 13.21 -43.61 25.47
C ALA B 337 12.25 -44.69 25.98
N LEU B 338 12.48 -45.15 27.22
CA LEU B 338 11.63 -46.17 27.86
C LEU B 338 10.21 -45.68 28.13
N LEU B 339 10.08 -44.49 28.70
CA LEU B 339 8.76 -43.91 29.00
C LEU B 339 7.90 -43.75 27.74
N ARG B 340 8.54 -43.33 26.65
CA ARG B 340 7.85 -43.16 25.38
C ARG B 340 7.40 -44.48 24.74
N GLN B 341 8.17 -45.55 24.95
CA GLN B 341 7.73 -46.91 24.62
C GLN B 341 6.47 -47.29 25.40
N LYS B 342 6.40 -46.88 26.66
CA LYS B 342 5.25 -47.18 27.52
C LYS B 342 4.10 -46.17 27.34
N GLY B 343 4.29 -45.15 26.50
CA GLY B 343 3.23 -44.21 26.15
C GLY B 343 3.03 -43.08 27.15
N ILE B 344 4.00 -42.85 28.02
CA ILE B 344 3.95 -41.78 29.00
C ILE B 344 4.53 -40.53 28.34
N LYS B 345 3.81 -39.40 28.39
CA LYS B 345 4.25 -38.16 27.73
C LYS B 345 5.40 -37.47 28.49
N VAL B 346 6.61 -37.64 27.97
CA VAL B 346 7.78 -36.94 28.49
C VAL B 346 7.80 -35.52 27.97
N ILE B 347 8.15 -34.58 28.84
CA ILE B 347 8.39 -33.19 28.46
C ILE B 347 9.85 -32.90 28.75
N LYS B 348 10.57 -32.43 27.72
CA LYS B 348 11.96 -32.00 27.87
C LYS B 348 11.98 -30.74 28.72
N ALA B 349 12.70 -30.79 29.83
CA ALA B 349 12.69 -29.72 30.82
C ALA B 349 13.52 -28.52 30.37
N LYS B 350 12.91 -27.33 30.45
CA LYS B 350 13.63 -26.06 30.27
C LYS B 350 14.56 -25.83 31.48
N ASN B 351 15.79 -26.33 31.35
CA ASN B 351 16.72 -26.44 32.48
C ASN B 351 17.83 -25.37 32.49
N ASP B 352 17.46 -24.13 32.17
CA ASP B 352 18.36 -22.97 32.36
C ASP B 352 18.47 -22.76 33.88
N VAL B 353 19.65 -23.02 34.42
CA VAL B 353 19.84 -23.14 35.88
C VAL B 353 19.58 -21.83 36.63
N LEU B 354 20.29 -20.76 36.27
CA LEU B 354 20.13 -19.48 36.97
C LEU B 354 18.73 -18.89 36.81
N ASP B 355 18.15 -19.05 35.62
CA ASP B 355 16.77 -18.61 35.38
C ASP B 355 15.74 -19.49 36.09
N GLY B 356 16.08 -20.75 36.32
CA GLY B 356 15.25 -21.68 37.11
C GLY B 356 15.27 -21.41 38.61
N ILE B 357 16.43 -21.05 39.15
CA ILE B 357 16.55 -20.62 40.54
C ILE B 357 15.78 -19.33 40.76
N ARG B 358 15.90 -18.41 39.80
CA ARG B 358 15.22 -17.11 39.86
C ARG B 358 13.70 -17.23 39.84
N ASN B 359 13.17 -18.21 39.12
CA ASN B 359 11.71 -18.39 38.97
C ASN B 359 11.09 -19.15 40.15
N VAL B 360 11.76 -20.20 40.62
CA VAL B 360 11.34 -20.89 41.85
C VAL B 360 11.25 -19.88 42.99
N ALA B 361 12.28 -19.05 43.14
CA ALA B 361 12.29 -17.96 44.13
C ALA B 361 11.07 -17.06 43.99
N THR B 362 10.74 -16.70 42.75
CA THR B 362 9.56 -15.87 42.46
C THR B 362 8.26 -16.61 42.80
N ALA B 363 8.13 -17.86 42.35
CA ALA B 363 6.94 -18.67 42.65
C ALA B 363 6.73 -18.84 44.15
N LEU B 364 7.82 -18.95 44.89
CA LEU B 364 7.77 -18.99 46.35
C LEU B 364 7.30 -17.66 46.93
N ASN B 365 7.85 -16.55 46.45
CA ASN B 365 7.47 -15.20 46.92
C ASN B 365 6.00 -14.88 46.64
N LYS B 366 5.59 -15.02 45.39
CA LYS B 366 4.20 -14.79 44.96
C LYS B 366 3.23 -15.95 45.29
N LYS B 367 3.77 -17.05 45.85
CA LYS B 367 2.99 -18.21 46.32
C LYS B 367 2.25 -18.95 45.23
N MET B 368 2.91 -19.13 44.09
CA MET B 368 2.37 -19.92 42.99
C MET B 368 2.46 -21.42 43.29
N ILE B 369 3.35 -21.78 44.22
CA ILE B 369 3.48 -23.16 44.66
C ILE B 369 3.42 -23.28 46.18
N LEU B 370 2.93 -24.43 46.65
CA LEU B 370 2.96 -24.78 48.08
C LEU B 370 3.29 -26.25 48.18
N TYR B 371 3.82 -26.68 49.33
CA TYR B 371 4.33 -28.05 49.52
C TYR B 371 3.54 -28.76 50.60
N ASN B 372 3.19 -30.03 50.35
CA ASN B 372 2.57 -30.87 51.40
C ASN B 372 3.66 -31.22 52.42
N ASP B 373 3.29 -31.34 53.70
CA ASP B 373 4.28 -31.57 54.76
C ASP B 373 4.94 -32.96 54.72
N CYS B 374 4.44 -33.85 53.86
CA CYS B 374 5.11 -35.12 53.57
C CYS B 374 6.39 -34.97 52.72
N CYS B 375 6.56 -33.85 52.03
CA CYS B 375 7.74 -33.62 51.17
C CYS B 375 8.99 -33.23 52.00
N LYS B 376 9.42 -34.14 52.86
CA LYS B 376 10.43 -33.85 53.87
C LYS B 376 11.87 -33.73 53.33
N GLU B 377 12.19 -34.46 52.26
CA GLU B 377 13.52 -34.37 51.64
C GLU B 377 13.72 -33.05 50.93
N THR B 378 12.67 -32.56 50.27
CA THR B 378 12.67 -31.22 49.68
C THR B 378 13.03 -30.13 50.72
N PHE B 379 12.41 -30.21 51.90
CA PHE B 379 12.64 -29.21 52.96
C PHE B 379 14.04 -29.29 53.57
N ARG B 380 14.58 -30.51 53.67
CA ARG B 380 15.97 -30.70 54.10
C ARG B 380 16.91 -29.99 53.13
N GLU B 381 16.60 -30.08 51.83
CA GLU B 381 17.44 -29.50 50.80
C GLU B 381 17.32 -27.98 50.75
N TYR B 382 16.10 -27.45 50.84
CA TYR B 382 15.87 -25.99 50.95
C TYR B 382 16.77 -25.31 52.01
N SER B 383 17.01 -26.00 53.13
CA SER B 383 17.91 -25.51 54.19
C SER B 383 19.42 -25.67 53.91
N SER B 384 19.79 -26.54 52.96
CA SER B 384 21.20 -26.83 52.64
C SER B 384 21.47 -26.75 51.14
N TYR B 385 20.97 -25.68 50.52
CA TYR B 385 21.21 -25.42 49.10
C TYR B 385 21.76 -24.01 48.99
N VAL B 386 23.07 -23.93 48.73
CA VAL B 386 23.80 -22.66 48.79
C VAL B 386 24.49 -22.31 47.48
N TRP B 387 24.68 -21.01 47.29
CA TRP B 387 25.51 -20.49 46.21
C TRP B 387 26.94 -21.00 46.37
N ASP B 388 27.56 -21.33 45.24
CA ASP B 388 28.99 -21.67 45.19
C ASP B 388 29.80 -20.42 45.49
N GLU B 389 30.56 -20.49 46.59
CA GLU B 389 31.35 -19.35 47.08
C GLU B 389 32.47 -19.03 46.12
N LYS B 390 33.27 -20.06 45.81
CA LYS B 390 34.45 -19.93 44.93
C LYS B 390 34.10 -19.46 43.53
N ALA B 391 32.94 -19.89 43.03
CA ALA B 391 32.49 -19.50 41.69
C ALA B 391 32.06 -18.04 41.64
N ALA B 392 31.30 -17.59 42.62
CA ALA B 392 30.80 -16.21 42.66
C ALA B 392 31.89 -15.14 42.51
N GLU B 393 33.06 -15.38 43.11
CA GLU B 393 34.19 -14.44 43.02
C GLU B 393 34.90 -14.41 41.65
N ARG B 394 34.65 -15.40 40.80
CA ARG B 394 35.13 -15.38 39.40
C ARG B 394 34.23 -14.56 38.47
N GLY B 395 32.93 -14.51 38.78
CA GLY B 395 31.92 -13.93 37.89
C GLY B 395 30.76 -14.87 37.60
N GLU B 396 30.99 -16.17 37.78
CA GLU B 396 29.98 -17.20 37.57
C GLU B 396 29.12 -17.33 38.82
N ASP B 397 27.84 -17.00 38.71
CA ASP B 397 26.88 -17.24 39.77
C ASP B 397 26.24 -18.59 39.50
N LYS B 398 26.57 -19.57 40.34
CA LYS B 398 25.99 -20.91 40.23
C LYS B 398 25.87 -21.55 41.61
N PRO B 399 25.04 -22.61 41.74
CA PRO B 399 24.87 -23.29 43.02
C PRO B 399 25.85 -24.45 43.23
N VAL B 400 26.16 -24.75 44.49
CA VAL B 400 26.88 -25.97 44.86
C VAL B 400 25.96 -27.15 44.60
N LYS B 401 26.35 -28.02 43.66
CA LYS B 401 25.54 -29.19 43.30
C LYS B 401 25.67 -30.28 44.37
N GLN B 402 24.97 -30.10 45.49
CA GLN B 402 25.05 -31.03 46.62
C GLN B 402 23.79 -30.99 47.50
N ASN B 403 23.09 -32.13 47.59
CA ASN B 403 21.75 -32.22 48.17
C ASN B 403 20.82 -31.25 47.45
N ASP B 404 20.67 -31.48 46.16
CA ASP B 404 19.93 -30.59 45.26
C ASP B 404 18.98 -31.33 44.33
N HIS B 405 18.64 -32.58 44.66
CA HIS B 405 17.99 -33.49 43.71
C HIS B 405 16.48 -33.29 43.64
N GLN B 406 15.85 -33.06 44.79
CA GLN B 406 14.46 -32.61 44.82
C GLN B 406 14.37 -31.22 44.20
N LEU B 407 15.24 -30.31 44.63
CA LEU B 407 15.16 -28.91 44.19
C LEU B 407 15.43 -28.72 42.70
N ASP B 408 16.21 -29.61 42.10
CA ASP B 408 16.39 -29.62 40.62
C ASP B 408 15.11 -30.07 39.92
N ALA B 409 14.41 -31.05 40.47
CA ALA B 409 13.10 -31.47 39.95
C ALA B 409 12.03 -30.36 40.13
N ASP B 410 11.98 -29.76 41.31
CA ASP B 410 11.10 -28.60 41.56
C ASP B 410 11.36 -27.46 40.59
N ARG B 411 12.64 -27.25 40.25
CA ARG B 411 13.07 -26.23 39.30
C ARG B 411 12.60 -26.54 37.88
N TYR B 412 12.77 -27.80 37.46
CA TYR B 412 12.31 -28.25 36.12
C TYR B 412 10.81 -28.04 35.99
N PHE B 413 10.05 -28.39 37.02
CA PHE B 413 8.60 -28.20 37.00
C PHE B 413 8.19 -26.73 36.84
N VAL B 414 8.70 -25.88 37.72
CA VAL B 414 8.32 -24.46 37.77
C VAL B 414 8.72 -23.76 36.47
N ASN B 415 10.00 -23.86 36.13
CA ASN B 415 10.55 -23.15 34.97
C ASN B 415 9.93 -23.62 33.62
N THR B 416 9.49 -24.87 33.56
CA THR B 416 8.87 -25.46 32.35
C THR B 416 7.36 -25.21 32.24
N ILE B 417 6.66 -25.29 33.36
CA ILE B 417 5.19 -25.19 33.38
C ILE B 417 4.72 -23.78 33.79
N LEU B 418 5.23 -23.28 34.91
CA LEU B 418 4.76 -21.99 35.46
C LEU B 418 5.29 -20.77 34.70
N PHE B 419 6.45 -20.88 34.08
CA PHE B 419 7.08 -19.75 33.37
C PHE B 419 7.35 -20.05 31.89
N GLY B 420 7.39 -18.98 31.09
CA GLY B 420 7.61 -19.09 29.64
C GLY B 420 6.44 -19.71 28.91
N PRO C 16 12.60 11.94 -18.74
CA PRO C 16 12.35 11.95 -20.19
C PRO C 16 13.56 11.45 -21.01
N PHE C 17 13.44 10.28 -21.62
CA PHE C 17 14.57 9.63 -22.32
C PHE C 17 14.72 10.14 -23.76
N SER C 18 15.98 10.28 -24.21
CA SER C 18 16.29 10.64 -25.60
C SER C 18 16.12 9.45 -26.55
N LYS C 19 16.28 9.70 -27.84
CA LYS C 19 16.10 8.65 -28.85
C LYS C 19 17.06 7.48 -28.64
N LYS C 20 18.34 7.80 -28.42
CA LYS C 20 19.36 6.77 -28.17
C LYS C 20 19.13 6.02 -26.85
N GLN C 21 18.58 6.69 -25.84
CA GLN C 21 18.30 6.07 -24.53
C GLN C 21 17.12 5.11 -24.58
N LEU C 22 16.07 5.50 -25.29
CA LEU C 22 14.93 4.61 -25.54
C LEU C 22 15.32 3.41 -26.40
N LYS C 23 16.33 3.56 -27.25
CA LYS C 23 16.89 2.44 -28.00
C LYS C 23 17.57 1.40 -27.09
N VAL C 24 18.22 1.86 -26.01
CA VAL C 24 18.85 0.97 -25.02
C VAL C 24 17.81 0.17 -24.21
N LEU C 25 16.69 0.81 -23.89
CA LEU C 25 15.58 0.14 -23.19
C LEU C 25 14.82 -0.87 -24.05
N THR C 26 14.77 -0.65 -25.37
CA THR C 26 13.88 -1.40 -26.27
C THR C 26 14.54 -2.39 -27.24
N TRP C 27 15.82 -2.25 -27.55
CA TRP C 27 16.48 -3.07 -28.59
C TRP C 27 16.29 -4.60 -28.41
N TRP C 28 16.27 -5.05 -27.17
CA TRP C 28 16.16 -6.49 -26.86
C TRP C 28 14.76 -7.04 -27.08
N ARG C 29 13.75 -6.18 -27.10
CA ARG C 29 12.36 -6.58 -27.28
C ARG C 29 12.14 -7.13 -28.69
N LYS C 30 11.29 -8.17 -28.81
CA LYS C 30 11.07 -8.87 -30.10
C LYS C 30 10.61 -7.95 -31.24
N ALA C 31 9.80 -6.95 -30.90
CA ALA C 31 9.37 -5.90 -31.85
C ALA C 31 10.51 -5.13 -32.50
N SER C 32 11.65 -5.01 -31.81
CA SER C 32 12.85 -4.35 -32.36
C SER C 32 13.42 -5.12 -33.56
N PRO C 33 13.96 -4.39 -34.56
CA PRO C 33 14.60 -5.02 -35.72
C PRO C 33 16.00 -5.62 -35.44
N VAL C 34 16.68 -5.15 -34.39
CA VAL C 34 18.01 -5.66 -34.03
C VAL C 34 17.98 -6.50 -32.74
N SER C 35 16.92 -7.30 -32.59
CA SER C 35 16.78 -8.25 -31.49
C SER C 35 17.68 -9.47 -31.66
N ASP C 36 17.93 -9.87 -32.90
CA ASP C 36 18.79 -11.01 -33.22
C ASP C 36 20.27 -10.84 -32.80
N LYS C 37 20.67 -9.59 -32.51
CA LYS C 37 22.05 -9.30 -32.06
C LYS C 37 22.35 -10.01 -30.75
N ASP C 38 23.59 -10.46 -30.60
CA ASP C 38 24.02 -11.23 -29.42
C ASP C 38 24.41 -10.34 -28.21
N GLY C 39 24.32 -9.01 -28.35
CA GLY C 39 24.59 -8.08 -27.25
C GLY C 39 24.60 -6.61 -27.63
N ILE C 40 25.14 -5.78 -26.74
CA ILE C 40 25.17 -4.32 -26.94
C ILE C 40 26.40 -3.69 -26.27
N ILE C 41 26.93 -2.63 -26.89
CA ILE C 41 28.00 -1.80 -26.36
C ILE C 41 27.56 -0.34 -26.33
N CYS C 42 27.65 0.30 -25.17
CA CYS C 42 27.42 1.74 -25.03
C CYS C 42 28.69 2.40 -24.54
N ASP C 43 29.28 3.24 -25.39
CA ASP C 43 30.47 4.00 -25.00
C ASP C 43 30.28 5.49 -25.29
N GLY C 44 31.31 6.27 -24.99
CA GLY C 44 31.30 7.70 -25.22
C GLY C 44 31.32 8.48 -23.93
N SER C 45 30.84 9.71 -23.99
CA SER C 45 31.06 10.72 -22.96
C SER C 45 30.58 10.34 -21.54
N ILE C 46 31.09 11.08 -20.56
CA ILE C 46 30.55 11.04 -19.20
C ILE C 46 29.15 11.65 -19.17
N ARG C 47 28.39 11.28 -18.14
CA ARG C 47 27.07 11.87 -17.87
C ARG C 47 26.16 11.96 -19.10
N ALA C 48 25.97 10.81 -19.74
CA ALA C 48 25.04 10.67 -20.85
C ALA C 48 23.76 9.92 -20.46
N GLY C 49 23.71 9.45 -19.22
CA GLY C 49 22.61 8.61 -18.74
C GLY C 49 22.69 7.16 -19.20
N LYS C 50 23.76 6.79 -19.91
CA LYS C 50 23.90 5.44 -20.46
C LYS C 50 24.22 4.40 -19.37
N THR C 51 24.96 4.81 -18.34
CA THR C 51 25.25 3.92 -17.21
C THR C 51 23.97 3.44 -16.52
N ILE C 52 22.98 4.32 -16.40
CA ILE C 52 21.79 4.04 -15.61
C ILE C 52 20.67 3.34 -16.40
N VAL C 53 20.42 3.78 -17.65
CA VAL C 53 19.39 3.16 -18.49
C VAL C 53 19.76 1.75 -18.95
N MET C 54 21.06 1.51 -19.10
CA MET C 54 21.56 0.21 -19.50
C MET C 54 21.47 -0.79 -18.36
N SER C 55 21.77 -0.33 -17.13
CA SER C 55 21.61 -1.15 -15.93
C SER C 55 20.14 -1.53 -15.70
N PHE C 56 19.25 -0.57 -15.93
CA PHE C 56 17.80 -0.79 -15.82
C PHE C 56 17.26 -1.72 -16.89
N SER C 57 17.69 -1.51 -18.12
CA SER C 57 17.30 -2.35 -19.26
C SER C 57 17.75 -3.80 -19.11
N TYR C 58 18.91 -4.00 -18.48
CA TYR C 58 19.46 -5.35 -18.24
C TYR C 58 18.50 -6.17 -17.38
N VAL C 59 18.04 -5.60 -16.27
CA VAL C 59 17.13 -6.31 -15.37
C VAL C 59 15.76 -6.49 -16.03
N MET C 60 15.25 -5.44 -16.68
CA MET C 60 14.02 -5.52 -17.48
C MET C 60 14.03 -6.68 -18.46
N TRP C 61 15.08 -6.73 -19.26
CA TRP C 61 15.32 -7.83 -20.19
C TRP C 61 15.38 -9.13 -19.41
N ALA C 62 16.32 -9.21 -18.47
CA ALA C 62 16.59 -10.42 -17.70
C ALA C 62 15.34 -11.02 -17.04
N MET C 63 14.54 -10.17 -16.40
CA MET C 63 13.31 -10.62 -15.75
C MET C 63 12.26 -11.10 -16.74
N ASP C 64 12.09 -10.36 -17.84
CA ASP C 64 11.10 -10.68 -18.87
C ASP C 64 11.41 -11.99 -19.59
N THR C 65 12.64 -12.11 -20.08
CA THR C 65 13.01 -13.23 -20.95
C THR C 65 13.23 -14.56 -20.20
N PHE C 66 13.73 -14.50 -18.96
CA PHE C 66 14.10 -15.71 -18.21
C PHE C 66 13.50 -15.80 -16.80
N ASN C 67 13.49 -17.01 -16.24
CA ASN C 67 13.05 -17.26 -14.85
C ASN C 67 13.96 -18.28 -14.18
N GLU C 68 14.20 -18.05 -12.88
CA GLU C 68 15.10 -18.87 -12.05
C GLU C 68 16.52 -19.02 -12.63
N GLN C 69 16.98 -17.97 -13.35
CA GLN C 69 18.28 -17.99 -14.03
C GLN C 69 19.27 -17.07 -13.33
N ASN C 70 20.55 -17.41 -13.47
CA ASN C 70 21.64 -16.60 -12.92
C ASN C 70 22.09 -15.57 -13.96
N PHE C 71 22.55 -14.42 -13.46
CA PHE C 71 23.08 -13.34 -14.28
C PHE C 71 24.32 -12.80 -13.62
N GLY C 72 25.06 -11.97 -14.34
CA GLY C 72 26.29 -11.40 -13.83
C GLY C 72 26.36 -9.90 -14.05
N MET C 73 26.93 -9.21 -13.07
CA MET C 73 27.12 -7.76 -13.13
C MET C 73 28.51 -7.44 -12.60
N ALA C 74 29.23 -6.57 -13.30
CA ALA C 74 30.63 -6.34 -12.99
C ALA C 74 31.06 -4.88 -13.12
N GLY C 75 32.00 -4.49 -12.27
CA GLY C 75 32.68 -3.19 -12.32
C GLY C 75 34.15 -3.35 -11.98
N LYS C 76 34.89 -2.23 -11.98
CA LYS C 76 36.33 -2.22 -11.63
C LYS C 76 36.60 -2.98 -10.34
N THR C 77 35.75 -2.76 -9.33
CA THR C 77 35.63 -3.63 -8.16
C THR C 77 34.15 -3.74 -7.74
N ILE C 78 33.86 -4.58 -6.74
CA ILE C 78 32.46 -4.78 -6.31
C ILE C 78 31.92 -3.53 -5.59
N GLY C 79 32.79 -2.85 -4.84
CA GLY C 79 32.44 -1.59 -4.21
C GLY C 79 32.02 -0.52 -5.20
N ALA C 80 32.68 -0.47 -6.36
CA ALA C 80 32.42 0.55 -7.38
C ALA C 80 31.12 0.29 -8.15
N LEU C 81 30.91 -0.97 -8.52
CA LEU C 81 29.63 -1.41 -9.10
C LEU C 81 28.46 -1.11 -8.16
N ARG C 82 28.66 -1.41 -6.87
CA ARG C 82 27.64 -1.13 -5.85
C ARG C 82 27.28 0.36 -5.72
N ARG C 83 28.30 1.22 -5.74
CA ARG C 83 28.10 2.67 -5.64
C ARG C 83 27.54 3.25 -6.93
N ASN C 84 28.22 3.00 -8.05
CA ASN C 84 27.83 3.56 -9.36
C ASN C 84 26.49 3.06 -9.87
N VAL C 85 26.24 1.76 -9.72
CA VAL C 85 25.15 1.09 -10.43
C VAL C 85 24.08 0.45 -9.54
N ILE C 86 24.48 -0.39 -8.57
CA ILE C 86 23.52 -1.30 -7.90
C ILE C 86 22.56 -0.59 -6.97
N THR C 87 23.06 0.37 -6.18
CA THR C 87 22.20 1.12 -5.25
C THR C 87 21.18 2.05 -5.92
N PRO C 88 21.58 2.85 -6.95
CA PRO C 88 20.53 3.59 -7.68
C PRO C 88 19.61 2.69 -8.51
N LEU C 89 20.14 1.59 -9.02
CA LEU C 89 19.32 0.59 -9.71
C LEU C 89 18.28 0.02 -8.75
N LYS C 90 18.71 -0.37 -7.55
CA LYS C 90 17.79 -0.85 -6.52
C LYS C 90 16.63 0.11 -6.26
N ARG C 91 16.95 1.39 -6.08
CA ARG C 91 15.92 2.42 -5.90
C ARG C 91 15.01 2.51 -7.12
N MET C 92 15.64 2.56 -8.31
CA MET C 92 14.92 2.66 -9.58
C MET C 92 14.05 1.43 -9.87
N LEU C 93 14.52 0.25 -9.48
CA LEU C 93 13.77 -0.99 -9.63
C LEU C 93 12.58 -1.02 -8.67
N LYS C 94 12.84 -0.77 -7.39
CA LYS C 94 11.81 -0.82 -6.35
C LYS C 94 10.65 0.14 -6.63
N SER C 95 10.96 1.41 -6.81
CA SER C 95 9.94 2.44 -7.09
C SER C 95 9.16 2.18 -8.38
N ARG C 96 9.80 1.57 -9.38
CA ARG C 96 9.14 1.18 -10.63
C ARG C 96 8.53 -0.23 -10.61
N GLY C 97 8.23 -0.78 -9.42
CA GLY C 97 7.43 -2.01 -9.27
C GLY C 97 8.16 -3.28 -8.85
N TYR C 98 9.47 -3.35 -9.06
CA TYR C 98 10.24 -4.59 -8.84
C TYR C 98 10.50 -4.78 -7.34
N ARG C 99 11.03 -5.94 -6.98
CA ARG C 99 11.34 -6.26 -5.58
C ARG C 99 12.73 -6.89 -5.51
N VAL C 100 13.61 -6.29 -4.72
CA VAL C 100 15.00 -6.72 -4.62
C VAL C 100 15.35 -7.18 -3.20
N LYS C 101 15.99 -8.33 -3.09
CA LYS C 101 16.67 -8.73 -1.85
C LYS C 101 18.18 -8.76 -2.12
N ASP C 102 18.94 -8.01 -1.33
CA ASP C 102 20.39 -7.96 -1.46
C ASP C 102 21.02 -8.97 -0.49
N HIS C 103 21.60 -10.04 -1.03
CA HIS C 103 22.39 -10.99 -0.23
C HIS C 103 23.77 -10.39 0.00
N ARG C 104 23.81 -9.39 0.89
CA ARG C 104 24.96 -8.49 1.05
C ARG C 104 26.32 -9.19 1.02
N ALA C 105 26.59 -10.04 2.00
CA ALA C 105 27.87 -10.71 2.16
C ALA C 105 28.22 -11.57 0.94
N ASP C 106 27.24 -12.35 0.47
CA ASP C 106 27.42 -13.27 -0.67
C ASP C 106 27.50 -12.58 -2.06
N ASN C 107 27.26 -11.27 -2.11
CA ASN C 107 27.44 -10.47 -3.34
C ASN C 107 26.62 -10.99 -4.52
N TYR C 108 25.31 -11.07 -4.29
CA TYR C 108 24.33 -11.29 -5.35
C TYR C 108 22.94 -10.79 -4.90
N LEU C 109 22.04 -10.63 -5.87
CA LEU C 109 20.69 -10.12 -5.62
C LEU C 109 19.66 -11.11 -6.13
N THR C 110 18.51 -11.17 -5.47
CA THR C 110 17.31 -11.79 -6.05
C THR C 110 16.32 -10.68 -6.33
N ILE C 111 15.99 -10.51 -7.60
CA ILE C 111 14.99 -9.57 -8.06
C ILE C 111 13.77 -10.40 -8.44
N THR C 112 12.59 -9.93 -8.04
CA THR C 112 11.34 -10.64 -8.25
C THR C 112 10.24 -9.66 -8.69
N PHE C 113 9.63 -9.94 -9.84
CA PHE C 113 8.76 -8.97 -10.53
C PHE C 113 7.75 -9.67 -11.41
N LYS C 114 6.47 -9.29 -11.25
CA LYS C 114 5.34 -9.89 -11.97
C LYS C 114 5.48 -11.41 -12.09
N GLY C 115 5.62 -12.06 -10.94
CA GLY C 115 5.72 -13.53 -10.86
C GLY C 115 7.11 -14.09 -11.04
N LYS C 116 7.86 -13.56 -12.01
CA LYS C 116 9.14 -14.14 -12.40
C LYS C 116 10.22 -13.76 -11.38
N THR C 117 11.20 -14.64 -11.21
CA THR C 117 12.30 -14.42 -10.26
C THR C 117 13.63 -14.85 -10.88
N ASN C 118 14.65 -14.00 -10.76
CA ASN C 118 16.01 -14.29 -11.28
C ASN C 118 17.10 -13.81 -10.31
N TYR C 119 18.29 -14.38 -10.47
CA TYR C 119 19.42 -14.20 -9.56
C TYR C 119 20.53 -13.42 -10.27
N PHE C 120 21.05 -12.38 -9.61
CA PHE C 120 22.00 -11.45 -10.22
C PHE C 120 23.27 -11.41 -9.39
N TYR C 121 24.32 -12.07 -9.89
CA TYR C 121 25.61 -12.16 -9.17
C TYR C 121 26.57 -11.00 -9.45
N LEU C 122 27.19 -10.47 -8.40
CA LEU C 122 28.11 -9.34 -8.50
C LEU C 122 29.55 -9.82 -8.57
N PHE C 123 30.38 -9.12 -9.36
CA PHE C 123 31.77 -9.50 -9.60
C PHE C 123 32.70 -8.28 -9.66
N GLY C 124 33.95 -8.48 -9.24
CA GLY C 124 35.01 -7.48 -9.39
C GLY C 124 35.82 -7.76 -10.65
N GLY C 125 36.32 -6.70 -11.28
CA GLY C 125 37.07 -6.81 -12.55
C GLY C 125 38.14 -5.75 -12.70
N ILE C 134 34.48 -15.82 -10.31
CA ILE C 134 33.91 -17.16 -10.42
C ILE C 134 34.10 -17.74 -11.82
N GLN C 135 34.69 -18.93 -11.88
CA GLN C 135 34.86 -19.72 -13.10
C GLN C 135 33.73 -20.76 -13.27
N GLY C 136 33.24 -21.29 -12.15
CA GLY C 136 32.22 -22.35 -12.16
C GLY C 136 30.77 -21.93 -12.36
N ILE C 137 30.48 -20.62 -12.32
CA ILE C 137 29.11 -20.11 -12.50
C ILE C 137 28.63 -20.25 -13.95
N THR C 138 27.32 -20.44 -14.12
CA THR C 138 26.66 -20.49 -15.43
C THR C 138 25.60 -19.39 -15.49
N LEU C 139 25.69 -18.53 -16.51
CA LEU C 139 24.88 -17.31 -16.61
C LEU C 139 24.04 -17.26 -17.88
N ALA C 140 22.94 -16.52 -17.81
CA ALA C 140 22.09 -16.27 -18.97
C ALA C 140 22.28 -14.86 -19.51
N GLY C 141 23.32 -14.18 -19.04
CA GLY C 141 23.58 -12.78 -19.40
C GLY C 141 24.63 -12.18 -18.48
N MET C 142 25.30 -11.15 -18.98
CA MET C 142 26.37 -10.49 -18.22
C MET C 142 26.39 -9.02 -18.56
N PHE C 143 26.32 -8.18 -17.53
CA PHE C 143 26.44 -6.72 -17.68
C PHE C 143 27.84 -6.32 -17.23
N PHE C 144 28.49 -5.46 -18.02
CA PHE C 144 29.80 -4.91 -17.69
C PHE C 144 29.68 -3.40 -17.62
N ASP C 145 29.95 -2.82 -16.45
CA ASP C 145 30.04 -1.37 -16.29
C ASP C 145 31.51 -0.99 -16.27
N GLU C 146 31.83 0.16 -16.88
CA GLU C 146 33.22 0.68 -17.02
C GLU C 146 34.24 -0.38 -17.47
N VAL C 147 33.88 -1.13 -18.51
CA VAL C 147 34.68 -2.29 -18.99
C VAL C 147 36.10 -1.95 -19.48
N ALA C 148 36.31 -0.70 -19.88
CA ALA C 148 37.66 -0.20 -20.25
C ALA C 148 38.71 -0.37 -19.14
N LEU C 149 38.28 -0.26 -17.89
CA LEU C 149 39.16 -0.43 -16.73
C LEU C 149 39.42 -1.90 -16.38
N MET C 150 38.54 -2.81 -16.80
CA MET C 150 38.69 -4.24 -16.51
C MET C 150 39.76 -4.91 -17.35
N PRO C 151 40.31 -6.05 -16.88
CA PRO C 151 41.26 -6.83 -17.68
C PRO C 151 40.56 -7.72 -18.71
N GLU C 152 41.13 -7.81 -19.92
CA GLU C 152 40.55 -8.63 -21.00
C GLU C 152 40.30 -10.07 -20.56
N SER C 153 41.24 -10.62 -19.78
CA SER C 153 41.13 -11.98 -19.24
C SER C 153 39.82 -12.22 -18.47
N PHE C 154 39.45 -11.25 -17.62
CA PHE C 154 38.21 -11.35 -16.86
C PHE C 154 36.99 -11.37 -17.78
N VAL C 155 36.93 -10.46 -18.77
CA VAL C 155 35.73 -10.37 -19.62
C VAL C 155 35.58 -11.56 -20.58
N ASN C 156 36.69 -12.21 -20.93
CA ASN C 156 36.66 -13.37 -21.81
C ASN C 156 36.10 -14.58 -21.08
N GLN C 157 36.58 -14.85 -19.87
CA GLN C 157 36.02 -15.95 -19.06
C GLN C 157 34.62 -15.62 -18.51
N ALA C 158 34.31 -14.34 -18.35
CA ALA C 158 32.95 -13.91 -17.99
C ALA C 158 31.95 -14.17 -19.11
N THR C 159 32.31 -13.76 -20.33
CA THR C 159 31.48 -14.01 -21.52
C THR C 159 31.49 -15.49 -21.93
N ALA C 160 32.55 -16.21 -21.54
CA ALA C 160 32.59 -17.66 -21.71
C ALA C 160 31.51 -18.35 -20.89
N ARG C 161 31.39 -17.97 -19.62
CA ARG C 161 30.41 -18.56 -18.70
C ARG C 161 28.93 -18.24 -19.04
N CYS C 162 28.70 -17.29 -19.94
CA CYS C 162 27.35 -17.02 -20.49
C CYS C 162 26.92 -18.07 -21.51
N SER C 163 26.62 -19.27 -21.01
CA SER C 163 26.40 -20.45 -21.85
C SER C 163 24.92 -20.77 -22.15
N VAL C 164 23.99 -20.10 -21.49
CA VAL C 164 22.54 -20.37 -21.65
C VAL C 164 22.06 -19.84 -23.01
N ASP C 165 21.14 -20.56 -23.64
CA ASP C 165 20.58 -20.14 -24.93
C ASP C 165 19.64 -18.95 -24.73
N GLY C 166 19.76 -17.97 -25.62
CA GLY C 166 19.08 -16.69 -25.50
C GLY C 166 19.91 -15.60 -24.84
N ALA C 167 21.09 -15.95 -24.33
CA ALA C 167 21.91 -15.04 -23.52
C ALA C 167 22.48 -13.89 -24.35
N LYS C 168 22.61 -12.74 -23.71
CA LYS C 168 23.08 -11.51 -24.34
C LYS C 168 24.15 -10.88 -23.47
N LEU C 169 25.10 -10.20 -24.11
CA LEU C 169 26.17 -9.46 -23.41
C LEU C 169 25.89 -7.96 -23.46
N TRP C 170 26.27 -7.25 -22.40
CA TRP C 170 26.00 -5.83 -22.28
C TRP C 170 27.25 -5.12 -21.77
N PHE C 171 27.78 -4.19 -22.55
CA PHE C 171 29.02 -3.50 -22.21
C PHE C 171 28.78 -2.00 -22.11
N ASN C 172 29.25 -1.41 -21.03
CA ASN C 172 29.25 0.03 -20.84
C ASN C 172 30.67 0.47 -20.54
N CYS C 173 31.11 1.57 -21.16
CA CYS C 173 32.44 2.12 -20.87
C CYS C 173 32.58 3.58 -21.28
N ASN C 174 33.64 4.21 -20.81
CA ASN C 174 34.12 5.47 -21.38
C ASN C 174 35.37 5.16 -22.18
N PRO C 175 35.72 6.03 -23.16
CA PRO C 175 36.86 5.71 -24.00
C PRO C 175 38.23 5.65 -23.29
N ALA C 176 39.19 5.09 -24.01
CA ALA C 176 40.60 5.01 -23.58
C ALA C 176 41.49 5.21 -24.84
N GLY C 177 42.67 4.60 -24.88
CA GLY C 177 43.49 4.61 -26.10
C GLY C 177 42.88 3.73 -27.18
N PRO C 178 43.15 4.04 -28.47
CA PRO C 178 42.61 3.22 -29.56
C PRO C 178 43.27 1.84 -29.71
N TYR C 179 44.40 1.62 -29.02
CA TYR C 179 45.04 0.31 -28.93
C TYR C 179 44.54 -0.53 -27.76
N HIS C 180 43.63 0.02 -26.95
CA HIS C 180 43.07 -0.70 -25.83
C HIS C 180 42.25 -1.90 -26.34
N TRP C 181 42.36 -3.02 -25.64
CA TRP C 181 41.79 -4.29 -26.10
C TRP C 181 40.31 -4.23 -26.46
N PHE C 182 39.52 -3.43 -25.75
CA PHE C 182 38.10 -3.32 -26.02
C PHE C 182 37.80 -2.62 -27.35
N LYS C 183 38.59 -1.60 -27.70
CA LYS C 183 38.47 -0.95 -29.01
C LYS C 183 38.89 -1.89 -30.14
N VAL C 184 39.97 -2.62 -29.92
CA VAL C 184 40.53 -3.53 -30.90
C VAL C 184 39.65 -4.77 -31.10
N GLU C 185 39.37 -5.48 -30.00
CA GLU C 185 38.80 -6.84 -30.03
C GLU C 185 37.26 -6.90 -30.08
N TYR C 186 36.57 -5.87 -29.56
CA TYR C 186 35.10 -5.81 -29.54
C TYR C 186 34.51 -4.75 -30.47
N LEU C 187 34.96 -3.50 -30.35
CA LEU C 187 34.36 -2.39 -31.12
C LEU C 187 34.72 -2.43 -32.61
N ASP C 188 35.99 -2.59 -32.93
CA ASP C 188 36.44 -2.67 -34.33
C ASP C 188 36.23 -4.07 -34.94
N LYS C 189 35.88 -5.06 -34.12
CA LYS C 189 35.44 -6.39 -34.59
C LYS C 189 33.96 -6.60 -34.23
N LEU C 190 33.12 -5.68 -34.69
CA LEU C 190 31.71 -5.62 -34.27
C LEU C 190 30.86 -6.73 -34.90
N ASP C 191 31.07 -6.98 -36.19
CA ASP C 191 30.29 -7.98 -36.95
C ASP C 191 30.71 -9.43 -36.68
N GLU C 192 32.00 -9.63 -36.39
CA GLU C 192 32.50 -10.94 -35.93
C GLU C 192 31.93 -11.33 -34.56
N LYS C 193 31.74 -10.33 -33.69
CA LYS C 193 31.08 -10.52 -32.38
C LYS C 193 29.56 -10.49 -32.49
N ASN C 194 29.04 -9.74 -33.47
CA ASN C 194 27.59 -9.54 -33.69
C ASN C 194 26.96 -8.84 -32.48
N LEU C 195 27.21 -7.54 -32.40
CA LEU C 195 26.76 -6.71 -31.29
C LEU C 195 26.15 -5.42 -31.81
N LEU C 196 25.11 -4.94 -31.13
CA LEU C 196 24.60 -3.60 -31.38
C LEU C 196 25.57 -2.60 -30.76
N HIS C 197 25.65 -1.41 -31.32
CA HIS C 197 26.57 -0.39 -30.83
C HIS C 197 25.90 0.96 -30.82
N LEU C 198 25.93 1.62 -29.67
CA LEU C 198 25.44 2.98 -29.51
C LEU C 198 26.55 3.82 -28.92
N HIS C 199 26.71 5.04 -29.44
CA HIS C 199 27.72 5.97 -28.94
C HIS C 199 27.03 7.18 -28.35
N PHE C 200 27.30 7.44 -27.07
CA PHE C 200 26.65 8.51 -26.32
C PHE C 200 27.58 9.72 -26.15
N THR C 201 27.20 10.84 -26.75
CA THR C 201 27.75 12.16 -26.40
C THR C 201 26.82 12.76 -25.34
N MET C 202 27.14 13.98 -24.88
CA MET C 202 26.30 14.69 -23.90
C MET C 202 24.91 15.09 -24.43
N ASP C 203 24.79 15.26 -25.75
CA ASP C 203 23.52 15.63 -26.40
C ASP C 203 22.43 14.56 -26.28
N ASP C 204 22.82 13.31 -26.04
CA ASP C 204 21.89 12.21 -25.81
C ASP C 204 21.22 12.19 -24.42
N ASN C 205 21.69 13.05 -23.51
CA ASN C 205 21.10 13.20 -22.17
C ASN C 205 20.30 14.50 -22.10
N LEU C 206 18.97 14.36 -22.12
CA LEU C 206 18.06 15.51 -22.11
C LEU C 206 17.87 16.15 -20.73
N SER C 207 18.28 15.47 -19.66
CA SER C 207 18.14 16.00 -18.29
C SER C 207 18.99 17.25 -18.02
N LEU C 208 20.15 17.37 -18.69
CA LEU C 208 21.00 18.56 -18.54
C LEU C 208 20.46 19.71 -19.37
N SER C 209 20.70 20.94 -18.90
CA SER C 209 20.48 22.16 -19.69
C SER C 209 21.67 22.41 -20.59
N LYS C 210 21.55 23.43 -21.47
CA LYS C 210 22.70 23.94 -22.21
C LYS C 210 23.72 24.60 -21.25
N GLN C 211 23.25 25.09 -20.10
CA GLN C 211 24.11 25.64 -19.05
C GLN C 211 24.87 24.57 -18.25
N VAL C 212 24.23 23.42 -17.98
CA VAL C 212 24.85 22.34 -17.18
C VAL C 212 25.92 21.57 -18.00
N LYS C 213 25.68 21.42 -19.31
CA LYS C 213 26.65 20.81 -20.23
C LYS C 213 27.94 21.63 -20.36
N GLU C 214 27.80 22.94 -20.56
CA GLU C 214 28.94 23.86 -20.62
C GLU C 214 29.70 23.95 -19.28
N ARG C 215 28.99 23.66 -18.17
CA ARG C 215 29.62 23.50 -16.86
C ARG C 215 30.56 22.29 -16.83
N TYR C 216 30.19 21.20 -17.50
CA TYR C 216 31.05 20.03 -17.65
C TYR C 216 32.12 20.18 -18.75
N GLN C 217 31.77 20.84 -19.87
CA GLN C 217 32.73 21.09 -20.97
C GLN C 217 33.93 21.96 -20.56
N ARG C 218 33.70 22.87 -19.61
CA ARG C 218 34.78 23.69 -19.04
C ARG C 218 35.75 22.90 -18.16
N MET C 219 35.31 21.77 -17.62
CA MET C 219 36.10 20.96 -16.67
C MET C 219 37.25 20.17 -17.32
N TYR C 220 37.13 19.86 -18.61
CA TYR C 220 38.15 19.09 -19.33
C TYR C 220 38.76 19.89 -20.47
N LYS C 221 40.06 19.72 -20.65
CA LYS C 221 40.76 20.21 -21.82
C LYS C 221 41.71 19.11 -22.29
N GLY C 222 42.08 19.16 -23.56
CA GLY C 222 43.05 18.22 -24.12
C GLY C 222 42.50 16.81 -24.30
N VAL C 223 43.28 15.82 -23.89
CA VAL C 223 42.94 14.41 -24.09
C VAL C 223 41.70 13.96 -23.33
N PHE C 224 41.49 14.51 -22.13
CA PHE C 224 40.34 14.15 -21.30
C PHE C 224 39.05 14.74 -21.88
N TYR C 225 39.15 15.93 -22.46
CA TYR C 225 38.04 16.53 -23.21
C TYR C 225 37.67 15.64 -24.38
N GLN C 226 38.69 15.17 -25.10
CA GLN C 226 38.48 14.29 -26.25
C GLN C 226 37.80 12.98 -25.87
N ARG C 227 38.19 12.40 -24.73
CA ARG C 227 37.64 11.13 -24.27
C ARG C 227 36.30 11.28 -23.57
N TYR C 228 36.24 12.15 -22.56
CA TYR C 228 35.07 12.23 -21.68
C TYR C 228 33.97 13.17 -22.14
N ILE C 229 34.26 14.10 -23.06
CA ILE C 229 33.21 14.95 -23.62
C ILE C 229 32.89 14.59 -25.07
N LEU C 230 33.91 14.53 -25.93
CA LEU C 230 33.70 14.17 -27.35
C LEU C 230 33.38 12.69 -27.53
N GLY C 231 33.87 11.85 -26.61
CA GLY C 231 33.60 10.41 -26.65
C GLY C 231 34.43 9.68 -27.68
N LEU C 232 35.73 9.96 -27.70
CA LEU C 232 36.64 9.45 -28.74
C LEU C 232 37.79 8.67 -28.11
N TRP C 233 38.20 7.59 -28.77
CA TRP C 233 39.29 6.73 -28.26
C TRP C 233 40.69 7.24 -28.70
N VAL C 234 40.99 8.49 -28.37
CA VAL C 234 42.27 9.12 -28.75
C VAL C 234 43.45 8.62 -27.91
N LEU C 235 44.64 8.66 -28.49
CA LEU C 235 45.85 8.19 -27.79
C LEU C 235 46.29 9.17 -26.70
N ALA C 236 46.73 8.62 -25.57
CA ALA C 236 47.46 9.36 -24.54
C ALA C 236 48.91 9.54 -24.98
N GLU C 237 49.35 10.78 -25.13
CA GLU C 237 50.67 11.07 -25.68
C GLU C 237 51.20 12.38 -25.14
N GLY C 238 52.46 12.37 -24.72
CA GLY C 238 53.18 13.58 -24.30
C GLY C 238 52.86 14.03 -22.90
N ILE C 239 53.01 15.33 -22.65
CA ILE C 239 52.71 15.94 -21.36
C ILE C 239 51.29 15.60 -20.91
N ILE C 240 51.15 15.23 -19.64
CA ILE C 240 49.88 14.77 -19.08
C ILE C 240 49.03 15.95 -18.63
N TYR C 241 49.63 16.83 -17.84
CA TYR C 241 48.95 18.00 -17.32
C TYR C 241 49.23 19.21 -18.21
N ASP C 242 48.83 19.12 -19.47
CA ASP C 242 49.05 20.19 -20.45
C ASP C 242 48.08 21.40 -20.31
N MET C 243 47.16 21.33 -19.34
CA MET C 243 46.33 22.49 -18.95
C MET C 243 47.01 23.41 -17.93
N PHE C 244 48.13 22.99 -17.35
CA PHE C 244 48.84 23.79 -16.35
C PHE C 244 49.50 25.01 -17.02
N ASP C 245 49.07 26.20 -16.61
CA ASP C 245 49.60 27.48 -17.11
C ASP C 245 50.04 28.33 -15.92
N GLN C 246 51.34 28.61 -15.83
CA GLN C 246 51.89 29.42 -14.71
C GLN C 246 51.29 30.83 -14.61
N ASP C 247 50.74 31.33 -15.74
CA ASP C 247 49.87 32.51 -15.73
C ASP C 247 48.69 32.31 -14.78
N GLU C 248 47.93 31.24 -15.04
CA GLU C 248 46.67 30.98 -14.33
C GLU C 248 46.87 30.39 -12.92
N HIS C 249 47.57 29.26 -12.80
CA HIS C 249 47.61 28.46 -11.56
C HIS C 249 48.60 28.88 -10.47
N VAL C 250 49.61 29.68 -10.80
CA VAL C 250 50.55 30.16 -9.77
C VAL C 250 50.07 31.49 -9.22
N VAL C 251 50.22 31.63 -7.90
CA VAL C 251 49.89 32.84 -7.16
C VAL C 251 51.08 33.18 -6.24
N PRO C 252 51.11 34.41 -5.70
CA PRO C 252 52.21 34.77 -4.80
C PRO C 252 52.24 33.97 -3.49
N THR C 253 53.37 34.01 -2.81
CA THR C 253 53.54 33.39 -1.50
C THR C 253 53.29 34.45 -0.42
N VAL C 254 52.06 34.93 -0.38
CA VAL C 254 51.64 35.97 0.56
C VAL C 254 50.69 35.28 1.55
N PRO C 255 50.94 35.44 2.87
CA PRO C 255 50.05 34.84 3.88
C PRO C 255 48.55 35.10 3.64
N ARG C 256 47.75 34.04 3.77
CA ARG C 256 46.31 34.08 3.56
C ARG C 256 45.58 33.47 4.77
N PRO C 257 44.30 33.83 4.96
CA PRO C 257 43.56 33.41 6.15
C PRO C 257 42.81 32.09 5.94
N TYR C 258 43.55 30.99 5.94
CA TYR C 258 43.01 29.69 5.53
C TYR C 258 42.05 29.10 6.60
N GLU C 259 40.95 28.53 6.14
CA GLU C 259 39.93 27.94 7.03
C GLU C 259 40.37 26.60 7.63
N LYS C 260 40.82 25.69 6.75
CA LYS C 260 41.28 24.36 7.14
C LYS C 260 42.70 24.15 6.62
N TYR C 261 43.33 23.06 7.06
CA TYR C 261 44.61 22.61 6.52
C TYR C 261 44.67 21.10 6.44
N TYR C 262 45.36 20.59 5.43
CA TYR C 262 45.72 19.17 5.31
C TYR C 262 47.20 19.07 4.95
N VAL C 263 47.73 17.85 5.02
CA VAL C 263 49.03 17.54 4.45
C VAL C 263 48.86 16.30 3.57
N SER C 264 49.57 16.29 2.45
CA SER C 264 49.63 15.14 1.56
C SER C 264 51.06 14.67 1.43
N CYS C 265 51.27 13.36 1.41
CA CYS C 265 52.61 12.77 1.46
C CYS C 265 52.82 11.63 0.45
N ASP C 266 53.81 11.80 -0.42
CA ASP C 266 54.40 10.68 -1.16
C ASP C 266 55.61 10.27 -0.32
N TYR C 267 55.63 9.04 0.20
CA TYR C 267 56.75 8.56 1.02
C TYR C 267 57.83 7.90 0.15
N GLY C 268 59.08 7.97 0.60
CA GLY C 268 60.19 7.27 -0.06
C GLY C 268 61.49 7.36 0.70
N THR C 269 62.14 6.21 0.91
CA THR C 269 63.46 6.15 1.54
C THR C 269 64.54 6.11 0.44
N GLN C 270 64.39 5.17 -0.49
CA GLN C 270 65.27 5.06 -1.68
C GLN C 270 64.97 6.14 -2.73
N ASN C 271 63.76 6.70 -2.71
CA ASN C 271 63.36 7.81 -3.59
C ASN C 271 63.07 9.07 -2.74
N PRO C 272 62.85 10.22 -3.41
CA PRO C 272 62.41 11.42 -2.66
C PRO C 272 61.10 11.24 -1.90
N THR C 273 61.02 11.89 -0.73
CA THR C 273 59.78 12.03 0.03
C THR C 273 59.33 13.48 -0.08
N THR C 274 58.01 13.69 -0.16
CA THR C 274 57.44 15.04 -0.22
C THR C 274 56.32 15.24 0.82
N PHE C 275 56.21 16.46 1.35
CA PHE C 275 55.02 16.91 2.06
C PHE C 275 54.48 18.11 1.30
N GLY C 276 53.17 18.31 1.38
CA GLY C 276 52.52 19.47 0.76
C GLY C 276 51.39 20.01 1.61
N LEU C 277 51.55 21.20 2.17
CA LEU C 277 50.51 21.84 2.98
C LEU C 277 49.39 22.42 2.09
N TRP C 278 48.14 22.13 2.42
CA TRP C 278 46.97 22.53 1.63
C TRP C 278 45.94 23.30 2.45
N GLY C 279 45.88 24.63 2.29
CA GLY C 279 44.95 25.48 3.04
C GLY C 279 43.75 25.91 2.21
N LEU C 280 42.55 25.92 2.79
CA LEU C 280 41.31 26.33 2.10
C LEU C 280 40.99 27.81 2.31
N TYR C 281 40.62 28.52 1.25
CA TYR C 281 40.34 29.96 1.30
C TYR C 281 39.52 30.43 0.09
N ASN C 282 38.28 30.84 0.33
CA ASN C 282 37.32 31.25 -0.71
C ASN C 282 37.03 30.14 -1.73
N GLY C 283 36.84 28.92 -1.22
CA GLY C 283 36.54 27.76 -2.04
C GLY C 283 37.70 27.16 -2.81
N VAL C 284 38.92 27.66 -2.59
CA VAL C 284 40.10 27.27 -3.37
C VAL C 284 41.17 26.73 -2.42
N TRP C 285 41.68 25.53 -2.71
CA TRP C 285 42.73 24.90 -1.92
C TRP C 285 44.11 25.28 -2.45
N TYR C 286 44.80 26.16 -1.71
CA TYR C 286 46.12 26.65 -2.10
C TYR C 286 47.17 25.69 -1.56
N LYS C 287 48.10 25.27 -2.40
CA LYS C 287 49.30 24.57 -1.91
C LYS C 287 50.19 25.65 -1.33
N VAL C 288 50.28 25.69 0.00
CA VAL C 288 50.89 26.81 0.72
C VAL C 288 52.41 26.71 0.66
N LYS C 289 52.93 25.50 0.85
CA LYS C 289 54.35 25.21 0.60
C LYS C 289 54.57 23.73 0.31
N GLU C 290 55.80 23.37 -0.05
CA GLU C 290 56.19 21.99 -0.30
C GLU C 290 57.43 21.65 0.50
N TYR C 291 57.59 20.35 0.76
CA TYR C 291 58.82 19.81 1.31
C TYR C 291 59.26 18.75 0.31
N HIS C 292 60.56 18.61 0.11
CA HIS C 292 61.09 17.74 -0.92
C HIS C 292 62.49 17.25 -0.57
N TYR C 293 62.55 16.19 0.24
CA TYR C 293 63.82 15.62 0.63
C TYR C 293 64.23 14.49 -0.33
N ASP C 294 65.45 14.57 -0.86
CA ASP C 294 66.04 13.53 -1.71
C ASP C 294 67.16 12.82 -0.93
N GLY C 295 66.96 11.53 -0.65
CA GLY C 295 67.96 10.70 0.01
C GLY C 295 69.17 10.40 -0.86
N ARG C 296 68.93 10.02 -2.11
CA ARG C 296 69.99 9.67 -3.06
C ARG C 296 70.85 10.88 -3.50
N LYS C 297 70.21 12.03 -3.67
CA LYS C 297 70.91 13.25 -4.08
C LYS C 297 71.96 13.68 -3.05
N GLU C 298 71.62 13.52 -1.76
CA GLU C 298 72.49 13.96 -0.64
C GLU C 298 73.35 12.84 -0.01
N ASN C 299 73.24 11.61 -0.54
CA ASN C 299 73.93 10.41 0.01
C ASN C 299 73.65 10.20 1.50
N LYS C 300 72.38 10.34 1.88
CA LYS C 300 71.93 10.17 3.28
C LYS C 300 70.40 10.05 3.37
N GLN C 301 69.92 8.83 3.60
CA GLN C 301 68.49 8.55 3.68
C GLN C 301 67.93 8.98 5.04
N LYS C 302 66.62 8.81 5.24
CA LYS C 302 65.97 9.16 6.49
C LYS C 302 64.99 8.09 6.96
N THR C 303 64.81 8.03 8.27
CA THR C 303 63.93 7.06 8.92
C THR C 303 62.54 7.65 9.11
N ASP C 304 61.58 6.78 9.43
CA ASP C 304 60.21 7.21 9.72
C ASP C 304 60.19 8.25 10.84
N GLN C 305 61.04 8.05 11.84
CA GLN C 305 61.17 8.98 12.96
C GLN C 305 61.62 10.38 12.51
N GLU C 306 62.65 10.43 11.66
CA GLU C 306 63.15 11.69 11.11
C GLU C 306 62.08 12.41 10.28
N TYR C 307 61.35 11.66 9.45
CA TYR C 307 60.23 12.22 8.68
C TYR C 307 59.08 12.72 9.56
N TYR C 308 58.84 12.06 10.71
CA TYR C 308 57.88 12.57 11.71
C TYR C 308 58.34 13.92 12.28
N GLU C 309 59.62 13.99 12.65
CA GLU C 309 60.20 15.23 13.17
C GLU C 309 60.07 16.39 12.19
N ASP C 310 60.30 16.10 10.90
CA ASP C 310 60.15 17.10 9.83
C ASP C 310 58.70 17.54 9.63
N LEU C 311 57.77 16.59 9.65
CA LEU C 311 56.34 16.91 9.47
C LEU C 311 55.79 17.81 10.58
N MET C 312 56.33 17.69 11.79
CA MET C 312 55.91 18.55 12.90
C MET C 312 56.45 19.97 12.75
N LYS C 313 57.72 20.10 12.35
CA LYS C 313 58.31 21.41 12.02
C LYS C 313 57.69 22.03 10.75
N PHE C 314 57.28 21.18 9.81
CA PHE C 314 56.53 21.59 8.61
C PHE C 314 55.12 22.07 8.97
N ILE C 315 54.49 21.42 9.95
CA ILE C 315 53.16 21.80 10.46
C ILE C 315 53.23 22.70 11.72
N GLU C 316 54.39 23.27 12.02
CA GLU C 316 54.70 23.89 13.32
C GLU C 316 53.82 25.07 13.73
N ASP C 317 53.45 25.91 12.76
CA ASP C 317 52.89 27.23 13.02
C ASP C 317 51.47 27.43 12.42
N ILE C 318 50.65 26.39 12.49
CA ILE C 318 49.22 26.46 12.09
C ILE C 318 48.35 26.07 13.28
N GLU C 319 47.19 26.71 13.42
CA GLU C 319 46.29 26.43 14.55
C GLU C 319 45.66 25.05 14.39
N LYS C 320 45.95 24.15 15.35
CA LYS C 320 45.57 22.73 15.25
C LYS C 320 44.07 22.45 15.16
N HIS C 321 43.23 23.35 15.67
CA HIS C 321 41.78 23.21 15.49
C HIS C 321 41.33 23.29 14.01
N LYS C 322 42.20 23.81 13.13
CA LYS C 322 41.97 23.85 11.68
C LYS C 322 42.64 22.74 10.88
N PHE C 323 43.72 22.16 11.41
CA PHE C 323 44.44 21.06 10.74
C PHE C 323 43.69 19.73 10.86
N LYS C 324 43.17 19.24 9.73
CA LYS C 324 42.34 18.03 9.70
C LYS C 324 43.06 16.74 9.27
N GLY C 325 44.38 16.67 9.46
CA GLY C 325 45.12 15.42 9.30
C GLY C 325 45.94 15.25 8.03
N VAL C 326 46.72 14.16 8.03
CA VAL C 326 47.69 13.85 6.99
C VAL C 326 47.06 12.87 6.03
N ILE C 327 47.52 12.92 4.77
CA ILE C 327 47.09 12.02 3.70
C ILE C 327 48.33 11.34 3.12
N VAL C 328 48.45 10.03 3.31
CA VAL C 328 49.65 9.29 2.89
C VAL C 328 49.24 7.99 2.20
N ASP C 329 50.01 7.60 1.18
CA ASP C 329 49.73 6.36 0.43
C ASP C 329 49.85 5.13 1.33
N PRO C 330 49.10 4.05 1.01
CA PRO C 330 49.01 2.93 1.94
C PRO C 330 50.24 2.02 2.03
N SER C 331 51.17 2.13 1.08
CA SER C 331 52.38 1.29 1.09
C SER C 331 53.34 1.63 2.23
N ALA C 332 53.45 2.90 2.59
CA ALA C 332 54.27 3.32 3.75
C ALA C 332 53.47 3.14 5.04
N ALA C 333 53.25 1.87 5.41
CA ALA C 333 52.42 1.51 6.56
C ALA C 333 53.12 1.80 7.87
N SER C 334 54.43 1.58 7.89
CA SER C 334 55.27 1.91 9.05
C SER C 334 55.17 3.38 9.47
N PHE C 335 55.11 4.28 8.48
CA PHE C 335 54.98 5.72 8.74
C PHE C 335 53.60 6.06 9.29
N ILE C 336 52.57 5.35 8.82
CA ILE C 336 51.20 5.54 9.33
C ILE C 336 51.07 5.03 10.77
N ALA C 337 51.83 3.99 11.12
CA ALA C 337 51.84 3.48 12.49
C ALA C 337 52.43 4.51 13.44
N LEU C 338 53.64 4.98 13.10
CA LEU C 338 54.37 5.97 13.91
C LEU C 338 53.54 7.21 14.17
N LEU C 339 52.96 7.76 13.11
CA LEU C 339 52.10 8.94 13.21
C LEU C 339 50.86 8.73 14.09
N ARG C 340 50.28 7.53 14.03
CA ARG C 340 49.07 7.22 14.81
C ARG C 340 49.34 7.06 16.31
N GLN C 341 50.51 6.53 16.65
CA GLN C 341 51.00 6.54 18.03
C GLN C 341 51.14 7.96 18.57
N LYS C 342 51.58 8.88 17.71
CA LYS C 342 51.84 10.27 18.08
C LYS C 342 50.59 11.17 18.06
N GLY C 343 49.40 10.59 17.90
CA GLY C 343 48.16 11.36 17.90
C GLY C 343 47.91 12.19 16.64
N ILE C 344 48.59 11.86 15.54
CA ILE C 344 48.37 12.51 14.25
C ILE C 344 47.29 11.73 13.52
N LYS C 345 46.22 12.42 13.12
CA LYS C 345 45.16 11.82 12.31
C LYS C 345 45.68 11.55 10.90
N VAL C 346 45.40 10.35 10.38
CA VAL C 346 45.93 9.90 9.09
C VAL C 346 44.78 9.41 8.22
N ILE C 347 44.86 9.73 6.91
CA ILE C 347 43.91 9.25 5.90
C ILE C 347 44.68 8.51 4.82
N LYS C 348 44.37 7.22 4.63
CA LYS C 348 44.86 6.47 3.48
C LYS C 348 44.17 7.05 2.25
N ALA C 349 44.97 7.39 1.24
CA ALA C 349 44.47 8.09 0.07
C ALA C 349 43.80 7.13 -0.90
N LYS C 350 42.87 7.66 -1.69
CA LYS C 350 42.36 6.97 -2.88
C LYS C 350 43.51 6.92 -3.90
N ASN C 351 44.18 5.77 -3.97
CA ASN C 351 45.41 5.60 -4.77
C ASN C 351 45.16 5.30 -6.26
N ASP C 352 43.93 5.52 -6.75
CA ASP C 352 43.65 5.39 -8.18
C ASP C 352 44.49 6.39 -8.95
N VAL C 353 45.14 5.90 -10.01
CA VAL C 353 46.19 6.62 -10.71
C VAL C 353 45.61 7.35 -11.91
N LEU C 354 44.91 6.61 -12.78
CA LEU C 354 44.30 7.22 -13.96
C LEU C 354 43.14 8.14 -13.57
N ASP C 355 42.25 7.66 -12.72
CA ASP C 355 41.12 8.47 -12.23
C ASP C 355 41.57 9.61 -11.31
N GLY C 356 42.74 9.47 -10.69
CA GLY C 356 43.38 10.54 -9.92
C GLY C 356 44.01 11.62 -10.79
N ILE C 357 44.75 11.18 -11.82
CA ILE C 357 45.32 12.07 -12.82
C ILE C 357 44.22 12.86 -13.54
N ARG C 358 43.14 12.17 -13.90
CA ARG C 358 41.98 12.81 -14.50
C ARG C 358 41.35 13.88 -13.60
N ASN C 359 41.27 13.61 -12.30
CA ASN C 359 40.66 14.53 -11.31
C ASN C 359 41.51 15.77 -11.02
N VAL C 360 42.84 15.61 -10.93
CA VAL C 360 43.76 16.74 -10.78
C VAL C 360 43.57 17.72 -11.95
N ALA C 361 43.45 17.17 -13.16
CA ALA C 361 43.24 17.95 -14.38
C ALA C 361 42.02 18.87 -14.31
N THR C 362 40.93 18.35 -13.77
CA THR C 362 39.69 19.12 -13.61
C THR C 362 39.82 20.20 -12.52
N ALA C 363 40.43 19.82 -11.40
CA ALA C 363 40.76 20.78 -10.35
C ALA C 363 41.56 21.96 -10.93
N LEU C 364 42.54 21.65 -11.77
CA LEU C 364 43.31 22.68 -12.51
C LEU C 364 42.42 23.47 -13.47
N ASN C 365 41.65 22.78 -14.30
CA ASN C 365 40.80 23.44 -15.30
C ASN C 365 39.81 24.40 -14.67
N LYS C 366 39.13 23.95 -13.61
CA LYS C 366 38.17 24.79 -12.91
C LYS C 366 38.82 25.80 -11.95
N LYS C 367 40.05 25.49 -11.52
CA LYS C 367 40.79 26.26 -10.50
C LYS C 367 40.27 25.98 -9.09
N MET C 368 39.99 24.70 -8.82
CA MET C 368 39.73 24.22 -7.48
C MET C 368 41.00 24.29 -6.63
N ILE C 369 42.14 24.16 -7.29
CA ILE C 369 43.44 24.36 -6.65
C ILE C 369 44.23 25.49 -7.30
N LEU C 370 45.12 26.09 -6.51
CA LEU C 370 46.13 27.03 -7.00
C LEU C 370 47.44 26.75 -6.26
N TYR C 371 48.51 27.41 -6.67
CA TYR C 371 49.85 27.11 -6.15
C TYR C 371 50.62 28.38 -5.77
N ASN C 372 51.14 28.43 -4.55
CA ASN C 372 52.08 29.48 -4.15
C ASN C 372 53.34 29.31 -4.97
N ASP C 373 53.94 30.43 -5.40
CA ASP C 373 55.14 30.37 -6.25
C ASP C 373 56.38 29.68 -5.63
N CYS C 374 56.35 29.45 -4.31
CA CYS C 374 57.40 28.68 -3.64
C CYS C 374 57.27 27.15 -3.81
N CYS C 375 56.30 26.68 -4.60
CA CYS C 375 56.19 25.26 -4.95
C CYS C 375 57.02 24.94 -6.21
N LYS C 376 58.30 25.27 -6.16
CA LYS C 376 59.15 25.24 -7.36
C LYS C 376 59.44 23.82 -7.85
N GLU C 377 59.57 22.86 -6.93
CA GLU C 377 59.75 21.45 -7.31
C GLU C 377 58.53 20.92 -8.03
N THR C 378 57.35 21.23 -7.50
CA THR C 378 56.09 20.85 -8.12
C THR C 378 55.99 21.39 -9.53
N PHE C 379 56.38 22.65 -9.74
CA PHE C 379 56.33 23.28 -11.07
C PHE C 379 57.28 22.65 -12.06
N ARG C 380 58.49 22.33 -11.61
CA ARG C 380 59.47 21.62 -12.45
C ARG C 380 58.95 20.25 -12.87
N GLU C 381 58.25 19.55 -11.97
CA GLU C 381 57.65 18.25 -12.30
C GLU C 381 56.53 18.32 -13.33
N TYR C 382 55.69 19.34 -13.25
CA TYR C 382 54.55 19.53 -14.20
C TYR C 382 54.99 19.54 -15.67
N SER C 383 56.08 20.25 -15.97
CA SER C 383 56.59 20.35 -17.34
C SER C 383 57.39 19.14 -17.84
N SER C 384 57.58 18.14 -16.97
CA SER C 384 58.26 16.88 -17.33
C SER C 384 57.40 15.62 -17.16
N TYR C 385 56.19 15.75 -16.62
CA TYR C 385 55.35 14.59 -16.33
C TYR C 385 54.60 14.20 -17.60
N VAL C 386 54.92 13.01 -18.12
CA VAL C 386 54.46 12.56 -19.45
C VAL C 386 53.90 11.13 -19.43
N TRP C 387 52.93 10.88 -20.31
CA TRP C 387 52.40 9.54 -20.53
C TRP C 387 53.49 8.63 -21.10
N ASP C 388 53.39 7.34 -20.78
CA ASP C 388 54.28 6.33 -21.35
C ASP C 388 53.84 6.08 -22.79
N GLU C 389 54.66 6.51 -23.74
CA GLU C 389 54.32 6.50 -25.16
C GLU C 389 54.27 5.08 -25.73
N LYS C 390 55.27 4.27 -25.36
CA LYS C 390 55.31 2.88 -25.79
C LYS C 390 54.14 2.08 -25.23
N ALA C 391 53.84 2.28 -23.94
CA ALA C 391 52.74 1.58 -23.27
C ALA C 391 51.35 1.96 -23.78
N ALA C 392 51.16 3.22 -24.14
CA ALA C 392 49.88 3.66 -24.73
C ALA C 392 49.62 2.98 -26.05
N GLU C 393 50.68 2.76 -26.83
CA GLU C 393 50.59 1.98 -28.07
C GLU C 393 50.38 0.46 -27.86
N ARG C 394 50.62 -0.02 -26.63
CA ARG C 394 50.18 -1.37 -26.18
C ARG C 394 48.74 -1.42 -25.64
N GLY C 395 48.04 -0.29 -25.57
CA GLY C 395 46.66 -0.21 -25.07
C GLY C 395 46.56 -0.12 -23.55
N GLU C 396 47.49 0.61 -22.94
CA GLU C 396 47.58 0.74 -21.48
C GLU C 396 48.13 2.13 -21.15
N ASP C 397 47.26 3.00 -20.65
CA ASP C 397 47.60 4.39 -20.41
C ASP C 397 48.23 4.53 -19.04
N LYS C 398 49.57 4.59 -19.02
CA LYS C 398 50.35 4.77 -17.79
C LYS C 398 51.09 6.10 -17.85
N PRO C 399 51.34 6.72 -16.69
CA PRO C 399 52.37 7.76 -16.64
C PRO C 399 53.76 7.13 -16.59
N VAL C 400 54.76 7.83 -17.12
CA VAL C 400 56.16 7.45 -16.94
C VAL C 400 56.54 7.89 -15.54
N LYS C 401 56.92 6.92 -14.71
CA LYS C 401 57.06 7.12 -13.27
C LYS C 401 58.44 7.64 -12.90
N GLN C 402 58.70 8.91 -13.27
CA GLN C 402 59.91 9.61 -12.85
C GLN C 402 59.64 11.11 -12.70
N ASN C 403 60.21 11.69 -11.64
CA ASN C 403 59.99 13.08 -11.23
C ASN C 403 58.49 13.37 -11.12
N ASP C 404 57.83 12.54 -10.30
CA ASP C 404 56.38 12.55 -10.10
C ASP C 404 56.00 12.62 -8.61
N HIS C 405 56.96 12.93 -7.74
CA HIS C 405 56.83 12.72 -6.31
C HIS C 405 55.96 13.77 -5.66
N GLN C 406 56.16 15.02 -6.08
CA GLN C 406 55.22 16.10 -5.75
C GLN C 406 53.86 15.88 -6.42
N LEU C 407 53.86 15.46 -7.68
CA LEU C 407 52.62 15.29 -8.43
C LEU C 407 51.74 14.14 -7.95
N ASP C 408 52.34 13.14 -7.31
CA ASP C 408 51.61 12.02 -6.70
C ASP C 408 50.92 12.51 -5.42
N ALA C 409 51.70 13.19 -4.57
CA ALA C 409 51.16 13.80 -3.34
C ALA C 409 50.03 14.79 -3.62
N ASP C 410 50.19 15.59 -4.66
CA ASP C 410 49.11 16.47 -5.13
C ASP C 410 47.88 15.66 -5.56
N ARG C 411 48.11 14.56 -6.27
CA ARG C 411 47.03 13.65 -6.71
C ARG C 411 46.33 12.98 -5.53
N TYR C 412 47.10 12.51 -4.55
CA TYR C 412 46.51 11.92 -3.35
C TYR C 412 45.58 12.92 -2.66
N PHE C 413 46.03 14.17 -2.54
CA PHE C 413 45.21 15.23 -1.95
C PHE C 413 43.91 15.48 -2.74
N VAL C 414 44.04 15.83 -4.01
CA VAL C 414 42.86 16.19 -4.84
C VAL C 414 41.87 15.03 -4.89
N ASN C 415 42.39 13.84 -5.18
CA ASN C 415 41.55 12.65 -5.36
C ASN C 415 40.85 12.19 -4.08
N THR C 416 41.46 12.43 -2.91
CA THR C 416 40.90 12.01 -1.61
C THR C 416 39.95 13.03 -0.99
N ILE C 417 40.37 14.30 -0.92
CA ILE C 417 39.61 15.36 -0.24
C ILE C 417 38.58 15.99 -1.15
N LEU C 418 39.03 16.53 -2.29
CA LEU C 418 38.16 17.30 -3.18
C LEU C 418 37.17 16.41 -3.92
N PHE C 419 37.64 15.23 -4.34
CA PHE C 419 36.79 14.24 -5.02
C PHE C 419 36.56 13.01 -4.14
N GLY C 420 35.61 12.16 -4.56
CA GLY C 420 35.19 10.98 -3.79
C GLY C 420 33.96 11.25 -2.94
N PHE D 17 -19.52 -22.20 -0.39
CA PHE D 17 -19.07 -23.62 -0.32
C PHE D 17 -20.26 -24.57 -0.15
N SER D 18 -20.15 -25.78 -0.73
CA SER D 18 -21.14 -26.85 -0.55
C SER D 18 -20.96 -27.49 0.82
N LYS D 19 -21.70 -28.57 1.09
CA LYS D 19 -21.66 -29.22 2.40
C LYS D 19 -20.30 -29.87 2.70
N LYS D 20 -19.69 -30.48 1.69
CA LYS D 20 -18.42 -31.19 1.86
C LYS D 20 -17.24 -30.24 2.06
N GLN D 21 -17.29 -29.12 1.36
CA GLN D 21 -16.29 -28.05 1.50
C GLN D 21 -16.38 -27.38 2.88
N LEU D 22 -17.59 -27.30 3.45
CA LEU D 22 -17.75 -26.86 4.83
C LEU D 22 -17.06 -27.80 5.82
N LYS D 23 -17.17 -29.10 5.58
CA LYS D 23 -16.47 -30.10 6.42
C LYS D 23 -14.97 -29.82 6.48
N VAL D 24 -14.39 -29.36 5.36
CA VAL D 24 -12.99 -28.94 5.31
C VAL D 24 -12.76 -27.62 6.08
N LEU D 25 -13.69 -26.68 5.93
CA LEU D 25 -13.63 -25.39 6.67
C LEU D 25 -13.86 -25.50 8.19
N THR D 26 -14.52 -26.57 8.66
CA THR D 26 -14.98 -26.66 10.07
C THR D 26 -14.44 -27.82 10.93
N TRP D 27 -13.80 -28.84 10.34
CA TRP D 27 -13.40 -30.06 11.08
C TRP D 27 -12.44 -29.85 12.25
N TRP D 28 -11.61 -28.82 12.16
CA TRP D 28 -10.53 -28.56 13.13
C TRP D 28 -10.97 -27.80 14.40
N ARG D 29 -12.16 -27.20 14.38
CA ARG D 29 -12.66 -26.44 15.52
C ARG D 29 -13.02 -27.38 16.66
N LYS D 30 -12.99 -26.87 17.90
CA LYS D 30 -13.34 -27.68 19.08
C LYS D 30 -14.78 -28.21 19.03
N ALA D 31 -15.68 -27.40 18.46
CA ALA D 31 -17.08 -27.78 18.26
C ALA D 31 -17.30 -28.97 17.30
N SER D 32 -16.32 -29.27 16.43
CA SER D 32 -16.40 -30.38 15.49
C SER D 32 -16.38 -31.74 16.20
N PRO D 33 -17.10 -32.76 15.65
CA PRO D 33 -17.05 -34.10 16.26
C PRO D 33 -15.75 -34.89 16.00
N VAL D 34 -14.87 -34.38 15.14
CA VAL D 34 -13.73 -35.15 14.64
C VAL D 34 -12.42 -34.33 14.68
N SER D 35 -12.31 -33.44 15.69
CA SER D 35 -11.15 -32.55 15.84
C SER D 35 -9.98 -33.16 16.64
N ASP D 36 -10.16 -34.36 17.19
CA ASP D 36 -9.07 -35.12 17.82
C ASP D 36 -8.11 -35.71 16.77
N LYS D 37 -8.59 -35.86 15.53
CA LYS D 37 -7.77 -36.35 14.42
C LYS D 37 -6.64 -35.38 14.13
N ASP D 38 -5.43 -35.90 13.93
CA ASP D 38 -4.24 -35.07 13.78
C ASP D 38 -3.88 -34.75 12.31
N GLY D 39 -4.88 -34.72 11.44
CA GLY D 39 -4.68 -34.32 10.06
C GLY D 39 -5.89 -34.57 9.18
N ILE D 40 -5.72 -34.31 7.89
CA ILE D 40 -6.80 -34.50 6.92
C ILE D 40 -6.23 -34.80 5.52
N ILE D 41 -6.92 -35.67 4.78
CA ILE D 41 -6.63 -35.92 3.37
C ILE D 41 -7.88 -35.60 2.58
N CYS D 42 -7.73 -34.76 1.55
CA CYS D 42 -8.80 -34.51 0.60
C CYS D 42 -8.30 -34.87 -0.77
N ASP D 43 -8.47 -36.15 -1.12
CA ASP D 43 -8.27 -36.62 -2.49
C ASP D 43 -9.58 -36.47 -3.27
N GLY D 44 -9.51 -36.49 -4.60
CA GLY D 44 -10.70 -36.30 -5.44
C GLY D 44 -10.45 -35.89 -6.86
N SER D 45 -11.54 -35.60 -7.56
CA SER D 45 -11.50 -35.27 -8.98
C SER D 45 -10.93 -33.87 -9.22
N ILE D 46 -10.53 -33.63 -10.46
CA ILE D 46 -10.02 -32.32 -10.89
C ILE D 46 -11.14 -31.28 -10.83
N ARG D 47 -10.80 -30.08 -10.39
CA ARG D 47 -11.76 -28.99 -10.20
C ARG D 47 -12.97 -29.41 -9.36
N ALA D 48 -12.69 -29.65 -8.08
CA ALA D 48 -13.69 -29.98 -7.07
C ALA D 48 -13.86 -28.92 -5.97
N GLY D 49 -13.05 -27.87 -5.99
CA GLY D 49 -13.07 -26.83 -4.96
C GLY D 49 -12.40 -27.26 -3.66
N LYS D 50 -11.33 -28.05 -3.77
CA LYS D 50 -10.64 -28.65 -2.62
C LYS D 50 -9.25 -28.06 -2.32
N THR D 51 -8.53 -27.61 -3.36
CA THR D 51 -7.25 -26.91 -3.16
C THR D 51 -7.44 -25.55 -2.51
N ILE D 52 -8.49 -24.83 -2.92
CA ILE D 52 -8.75 -23.49 -2.38
C ILE D 52 -9.26 -23.54 -0.93
N VAL D 53 -10.25 -24.40 -0.65
CA VAL D 53 -10.87 -24.41 0.68
C VAL D 53 -9.95 -24.99 1.76
N MET D 54 -9.11 -25.97 1.39
CA MET D 54 -8.11 -26.50 2.32
C MET D 54 -7.08 -25.43 2.66
N SER D 55 -6.48 -24.84 1.63
CA SER D 55 -5.49 -23.79 1.80
C SER D 55 -6.03 -22.67 2.69
N PHE D 56 -7.29 -22.29 2.45
CA PHE D 56 -7.97 -21.30 3.26
C PHE D 56 -8.18 -21.80 4.69
N SER D 57 -8.69 -23.02 4.82
CA SER D 57 -8.93 -23.64 6.13
C SER D 57 -7.64 -23.90 6.90
N TYR D 58 -6.56 -24.22 6.18
CA TYR D 58 -5.25 -24.43 6.79
C TYR D 58 -4.77 -23.17 7.50
N VAL D 59 -4.80 -22.04 6.80
CA VAL D 59 -4.36 -20.76 7.33
C VAL D 59 -5.28 -20.34 8.47
N MET D 60 -6.59 -20.41 8.23
CA MET D 60 -7.60 -20.14 9.26
C MET D 60 -7.32 -20.89 10.56
N TRP D 61 -7.15 -22.20 10.43
CA TRP D 61 -6.81 -23.08 11.56
C TRP D 61 -5.55 -22.60 12.28
N ALA D 62 -4.51 -22.32 11.50
CA ALA D 62 -3.20 -21.91 12.02
C ALA D 62 -3.25 -20.58 12.76
N MET D 63 -3.88 -19.58 12.13
CA MET D 63 -3.99 -18.23 12.72
C MET D 63 -4.86 -18.23 13.98
N ASP D 64 -5.93 -19.01 13.98
CA ASP D 64 -6.83 -19.09 15.14
C ASP D 64 -6.33 -20.03 16.26
N THR D 65 -5.22 -20.73 16.06
CA THR D 65 -4.69 -21.69 17.04
C THR D 65 -3.34 -21.29 17.64
N PHE D 66 -2.40 -20.84 16.82
CA PHE D 66 -1.02 -20.55 17.25
C PHE D 66 -0.63 -19.07 17.14
N ASN D 67 0.54 -18.75 17.70
CA ASN D 67 1.13 -17.40 17.65
C ASN D 67 2.67 -17.52 17.59
N GLU D 68 3.28 -16.77 16.67
CA GLU D 68 4.74 -16.75 16.46
C GLU D 68 5.32 -18.15 16.21
N GLN D 69 4.58 -18.96 15.46
CA GLN D 69 4.99 -20.33 15.11
C GLN D 69 5.05 -20.47 13.59
N ASN D 70 5.90 -21.39 13.14
CA ASN D 70 6.18 -21.58 11.72
C ASN D 70 5.31 -22.69 11.14
N PHE D 71 4.78 -22.45 9.94
CA PHE D 71 3.96 -23.42 9.21
C PHE D 71 4.56 -23.63 7.84
N GLY D 72 4.28 -24.80 7.24
CA GLY D 72 4.79 -25.13 5.93
C GLY D 72 3.71 -25.43 4.91
N MET D 73 3.89 -24.90 3.70
CA MET D 73 3.01 -25.18 2.57
C MET D 73 3.90 -25.67 1.43
N ALA D 74 3.70 -26.92 1.02
CA ALA D 74 4.49 -27.54 -0.05
C ALA D 74 3.70 -27.71 -1.33
N GLY D 75 4.41 -27.71 -2.46
CA GLY D 75 3.86 -28.06 -3.77
C GLY D 75 4.83 -28.96 -4.53
N LYS D 76 4.45 -29.35 -5.75
CA LYS D 76 5.36 -30.08 -6.66
C LYS D 76 6.60 -29.22 -6.91
N THR D 77 6.35 -27.96 -7.27
CA THR D 77 7.38 -26.92 -7.40
C THR D 77 6.88 -25.68 -6.65
N ILE D 78 7.79 -24.80 -6.20
CA ILE D 78 7.39 -23.59 -5.48
C ILE D 78 6.59 -22.66 -6.39
N GLY D 79 6.97 -22.59 -7.66
CA GLY D 79 6.21 -21.84 -8.66
C GLY D 79 4.76 -22.30 -8.74
N ALA D 80 4.58 -23.58 -9.07
CA ALA D 80 3.24 -24.20 -9.21
C ALA D 80 2.35 -24.05 -7.97
N LEU D 81 2.97 -23.99 -6.79
CA LEU D 81 2.28 -23.69 -5.53
C LEU D 81 1.67 -22.28 -5.54
N ARG D 82 2.39 -21.30 -6.10
CA ARG D 82 1.90 -19.91 -6.18
C ARG D 82 0.78 -19.69 -7.21
N ARG D 83 0.79 -20.47 -8.29
CA ARG D 83 -0.24 -20.40 -9.33
C ARG D 83 -1.53 -21.09 -8.87
N ASN D 84 -1.41 -22.32 -8.36
CA ASN D 84 -2.57 -23.11 -7.92
C ASN D 84 -3.14 -22.67 -6.58
N VAL D 85 -2.27 -22.24 -5.65
CA VAL D 85 -2.68 -22.06 -4.24
C VAL D 85 -2.48 -20.64 -3.66
N ILE D 86 -1.28 -20.06 -3.78
CA ILE D 86 -0.93 -18.87 -2.98
C ILE D 86 -1.58 -17.57 -3.50
N THR D 87 -1.49 -17.30 -4.80
CA THR D 87 -2.05 -16.07 -5.34
C THR D 87 -3.58 -15.96 -5.24
N PRO D 88 -4.30 -17.09 -5.36
CA PRO D 88 -5.72 -17.01 -4.95
C PRO D 88 -5.89 -16.89 -3.43
N LEU D 89 -5.12 -17.66 -2.65
CA LEU D 89 -5.24 -17.64 -1.18
C LEU D 89 -4.95 -16.27 -0.54
N LYS D 90 -4.06 -15.48 -1.16
CA LYS D 90 -3.81 -14.10 -0.72
C LYS D 90 -4.98 -13.17 -1.04
N ARG D 91 -5.61 -13.36 -2.19
CA ARG D 91 -6.85 -12.63 -2.54
C ARG D 91 -8.01 -13.01 -1.62
N MET D 92 -8.13 -14.29 -1.29
CA MET D 92 -9.18 -14.78 -0.39
C MET D 92 -8.98 -14.29 1.05
N LEU D 93 -7.75 -14.42 1.56
CA LEU D 93 -7.44 -14.05 2.94
C LEU D 93 -7.59 -12.54 3.21
N LYS D 94 -7.04 -11.71 2.31
CA LYS D 94 -7.11 -10.25 2.47
C LYS D 94 -8.55 -9.73 2.45
N SER D 95 -9.33 -10.19 1.47
CA SER D 95 -10.73 -9.78 1.34
C SER D 95 -11.63 -10.27 2.49
N ARG D 96 -11.31 -11.40 3.09
CA ARG D 96 -11.98 -11.87 4.32
C ARG D 96 -11.52 -11.12 5.57
N GLY D 97 -10.39 -10.41 5.47
CA GLY D 97 -9.90 -9.50 6.52
C GLY D 97 -8.63 -9.95 7.24
N TYR D 98 -7.66 -10.52 6.51
CA TYR D 98 -6.36 -10.91 7.04
C TYR D 98 -5.29 -9.99 6.43
N ARG D 99 -4.39 -9.46 7.27
CA ARG D 99 -3.24 -8.69 6.79
C ARG D 99 -2.15 -9.68 6.35
N VAL D 100 -1.80 -9.65 5.06
CA VAL D 100 -0.87 -10.61 4.44
C VAL D 100 0.29 -9.92 3.72
N LYS D 101 1.51 -10.13 4.21
CA LYS D 101 2.73 -9.65 3.56
C LYS D 101 3.49 -10.84 2.99
N ASP D 102 4.00 -10.69 1.77
CA ASP D 102 4.75 -11.76 1.07
C ASP D 102 6.23 -11.40 0.94
N HIS D 103 7.09 -12.40 1.16
CA HIS D 103 8.54 -12.24 1.04
C HIS D 103 9.05 -13.11 -0.12
N ARG D 104 8.85 -12.59 -1.33
CA ARG D 104 8.98 -13.36 -2.57
C ARG D 104 10.41 -13.90 -2.82
N ALA D 105 11.40 -13.12 -2.40
CA ALA D 105 12.79 -13.57 -2.42
C ALA D 105 13.04 -14.72 -1.43
N ASP D 106 12.45 -14.60 -0.24
CA ASP D 106 12.65 -15.58 0.86
C ASP D 106 11.71 -16.80 0.81
N ASN D 107 10.61 -16.70 0.06
CA ASN D 107 9.57 -17.75 -0.02
C ASN D 107 8.95 -18.08 1.34
N TYR D 108 8.33 -17.08 1.94
CA TYR D 108 7.48 -17.28 3.11
C TYR D 108 6.48 -16.12 3.24
N LEU D 109 5.23 -16.44 3.53
CA LEU D 109 4.20 -15.42 3.81
C LEU D 109 4.17 -15.20 5.31
N THR D 110 4.22 -13.94 5.74
CA THR D 110 3.92 -13.59 7.13
C THR D 110 2.52 -12.96 7.17
N ILE D 111 1.61 -13.64 7.87
CA ILE D 111 0.19 -13.27 7.95
C ILE D 111 -0.15 -12.93 9.39
N THR D 112 -0.80 -11.77 9.59
CA THR D 112 -1.23 -11.31 10.91
C THR D 112 -2.75 -11.13 10.94
N PHE D 113 -3.36 -11.44 12.09
CA PHE D 113 -4.83 -11.40 12.25
C PHE D 113 -5.27 -11.47 13.72
N LYS D 114 -6.00 -10.45 14.17
CA LYS D 114 -6.58 -10.40 15.52
C LYS D 114 -5.51 -10.51 16.61
N GLY D 115 -4.48 -9.67 16.49
CA GLY D 115 -3.39 -9.61 17.47
C GLY D 115 -2.39 -10.77 17.42
N LYS D 116 -2.41 -11.54 16.34
CA LYS D 116 -1.53 -12.70 16.17
C LYS D 116 -0.81 -12.57 14.84
N THR D 117 0.28 -13.33 14.68
CA THR D 117 1.04 -13.33 13.44
C THR D 117 1.85 -14.63 13.32
N ASN D 118 1.69 -15.32 12.19
CA ASN D 118 2.37 -16.60 11.94
C ASN D 118 3.04 -16.65 10.57
N TYR D 119 4.04 -17.53 10.45
CA TYR D 119 4.96 -17.55 9.32
C TYR D 119 4.80 -18.81 8.48
N PHE D 120 4.27 -18.65 7.27
CA PHE D 120 3.97 -19.75 6.35
C PHE D 120 5.04 -19.83 5.28
N TYR D 121 5.95 -20.81 5.42
CA TYR D 121 7.07 -20.97 4.49
C TYR D 121 6.63 -21.85 3.31
N LEU D 122 6.98 -21.43 2.09
CA LEU D 122 6.64 -22.16 0.87
C LEU D 122 7.76 -23.14 0.49
N PHE D 123 7.38 -24.39 0.19
CA PHE D 123 8.34 -25.46 -0.13
C PHE D 123 8.04 -26.11 -1.47
N GLY D 124 9.07 -26.71 -2.06
CA GLY D 124 8.95 -27.54 -3.26
C GLY D 124 9.56 -28.90 -3.01
N GLY D 125 9.00 -29.94 -3.61
CA GLY D 125 9.45 -31.31 -3.40
C GLY D 125 10.85 -31.62 -3.94
N LYS D 126 11.18 -31.05 -5.09
CA LYS D 126 12.46 -31.28 -5.77
C LYS D 126 13.51 -30.16 -5.62
N ASP D 127 13.19 -29.08 -4.92
CA ASP D 127 14.09 -27.91 -4.80
C ASP D 127 15.28 -28.19 -3.86
N GLU D 128 16.43 -27.60 -4.18
CA GLU D 128 17.64 -27.70 -3.36
C GLU D 128 17.54 -26.88 -2.06
N SER D 129 17.03 -25.65 -2.18
CA SER D 129 16.83 -24.78 -1.01
C SER D 129 15.83 -25.35 -0.02
N SER D 130 14.80 -26.03 -0.54
CA SER D 130 13.76 -26.62 0.30
C SER D 130 14.27 -27.81 1.11
N GLN D 131 15.09 -28.67 0.51
CA GLN D 131 15.69 -29.81 1.22
C GLN D 131 16.64 -29.36 2.34
N ASP D 132 17.35 -28.25 2.11
CA ASP D 132 18.18 -27.62 3.14
C ASP D 132 17.32 -26.96 4.23
N LEU D 133 16.27 -26.27 3.81
CA LEU D 133 15.38 -25.53 4.72
C LEU D 133 14.51 -26.46 5.59
N ILE D 134 13.94 -27.49 4.96
CA ILE D 134 13.10 -28.47 5.67
C ILE D 134 13.92 -29.28 6.67
N GLN D 135 15.21 -29.49 6.39
CA GLN D 135 16.12 -30.15 7.34
C GLN D 135 16.16 -29.42 8.68
N GLY D 136 16.32 -28.10 8.62
CA GLY D 136 16.47 -27.27 9.82
C GLY D 136 15.19 -26.92 10.54
N ILE D 137 14.26 -26.31 9.81
CA ILE D 137 13.06 -25.66 10.37
C ILE D 137 12.21 -26.55 11.28
N THR D 138 11.69 -25.95 12.36
CA THR D 138 10.68 -26.57 13.22
C THR D 138 9.32 -26.01 12.82
N LEU D 139 8.34 -26.89 12.63
CA LEU D 139 7.00 -26.53 12.19
C LEU D 139 5.96 -26.95 13.23
N ALA D 140 4.80 -26.31 13.15
CA ALA D 140 3.64 -26.66 13.96
C ALA D 140 2.48 -27.14 13.09
N GLY D 141 2.81 -27.59 11.87
CA GLY D 141 1.81 -27.87 10.84
C GLY D 141 2.41 -27.87 9.45
N MET D 142 1.83 -28.66 8.56
CA MET D 142 2.32 -28.80 7.19
C MET D 142 1.19 -29.10 6.24
N PHE D 143 1.30 -28.59 5.02
CA PHE D 143 0.24 -28.64 4.02
C PHE D 143 0.84 -29.08 2.69
N PHE D 144 0.19 -30.04 2.04
CA PHE D 144 0.67 -30.58 0.77
C PHE D 144 -0.38 -30.48 -0.32
N ASP D 145 -0.05 -29.74 -1.37
CA ASP D 145 -0.88 -29.60 -2.57
C ASP D 145 -0.31 -30.51 -3.66
N GLU D 146 -1.14 -31.38 -4.21
CA GLU D 146 -0.73 -32.40 -5.21
C GLU D 146 0.29 -33.40 -4.63
N VAL D 147 0.14 -33.75 -3.35
CA VAL D 147 1.08 -34.66 -2.64
C VAL D 147 1.44 -35.94 -3.40
N ALA D 148 0.51 -36.45 -4.21
CA ALA D 148 0.75 -37.62 -5.05
C ALA D 148 1.91 -37.45 -6.04
N LEU D 149 2.16 -36.21 -6.46
CA LEU D 149 3.25 -35.91 -7.40
C LEU D 149 4.62 -35.70 -6.73
N MET D 150 4.64 -35.40 -5.43
CA MET D 150 5.89 -35.12 -4.71
C MET D 150 6.68 -36.40 -4.38
N PRO D 151 8.00 -36.27 -4.12
CA PRO D 151 8.77 -37.43 -3.69
C PRO D 151 8.34 -37.93 -2.32
N GLU D 152 8.23 -39.25 -2.16
CA GLU D 152 7.90 -39.89 -0.88
C GLU D 152 8.95 -39.53 0.18
N SER D 153 10.21 -39.49 -0.23
CA SER D 153 11.32 -39.00 0.59
C SER D 153 10.96 -37.69 1.32
N PHE D 154 10.48 -36.71 0.54
CA PHE D 154 10.24 -35.36 1.02
C PHE D 154 9.14 -35.27 2.07
N VAL D 155 7.97 -35.86 1.80
CA VAL D 155 6.83 -35.72 2.72
C VAL D 155 7.10 -36.40 4.06
N ASN D 156 7.83 -37.52 4.02
CA ASN D 156 8.23 -38.22 5.23
C ASN D 156 9.17 -37.36 6.08
N GLN D 157 10.09 -36.65 5.42
CA GLN D 157 10.97 -35.68 6.10
C GLN D 157 10.19 -34.48 6.62
N ALA D 158 9.40 -33.86 5.74
CA ALA D 158 8.59 -32.68 6.07
C ALA D 158 7.63 -32.92 7.22
N THR D 159 7.07 -34.13 7.29
CA THR D 159 6.18 -34.51 8.40
C THR D 159 6.93 -34.63 9.73
N ALA D 160 8.18 -35.09 9.69
CA ALA D 160 9.01 -35.17 10.90
C ALA D 160 9.34 -33.81 11.53
N ARG D 161 9.15 -32.73 10.80
CA ARG D 161 9.41 -31.37 11.30
C ARG D 161 8.24 -30.76 12.08
N CYS D 162 7.11 -31.46 12.16
CA CYS D 162 5.94 -30.97 12.88
C CYS D 162 5.90 -31.52 14.31
N SER D 163 6.96 -31.21 15.07
CA SER D 163 7.19 -31.72 16.42
C SER D 163 6.56 -30.85 17.53
N VAL D 164 6.09 -29.67 17.17
CA VAL D 164 5.37 -28.79 18.10
C VAL D 164 4.03 -29.43 18.43
N ASP D 165 3.59 -29.28 19.68
CA ASP D 165 2.32 -29.86 20.16
C ASP D 165 1.12 -29.38 19.34
N GLY D 166 0.18 -30.29 19.12
CA GLY D 166 -1.06 -29.99 18.41
C GLY D 166 -0.91 -29.69 16.93
N ALA D 167 0.16 -30.21 16.31
CA ALA D 167 0.43 -29.99 14.88
C ALA D 167 -0.41 -30.93 14.04
N LYS D 168 -0.78 -30.47 12.86
CA LYS D 168 -1.70 -31.19 11.97
C LYS D 168 -1.06 -31.34 10.59
N LEU D 169 -1.49 -32.36 9.84
CA LEU D 169 -0.97 -32.66 8.51
C LEU D 169 -2.10 -32.64 7.49
N TRP D 170 -1.96 -31.81 6.47
CA TRP D 170 -3.01 -31.53 5.51
C TRP D 170 -2.58 -31.99 4.11
N PHE D 171 -3.28 -32.97 3.56
CA PHE D 171 -2.92 -33.58 2.28
C PHE D 171 -4.02 -33.35 1.26
N ASN D 172 -3.60 -33.20 0.01
CA ASN D 172 -4.49 -32.77 -1.05
C ASN D 172 -3.96 -33.35 -2.35
N CYS D 173 -4.76 -34.14 -3.05
CA CYS D 173 -4.29 -34.79 -4.27
C CYS D 173 -5.38 -35.27 -5.23
N ASN D 174 -4.93 -35.69 -6.42
CA ASN D 174 -5.77 -36.40 -7.37
C ASN D 174 -5.26 -37.84 -7.43
N PRO D 175 -6.16 -38.81 -7.72
CA PRO D 175 -5.79 -40.23 -7.67
C PRO D 175 -4.74 -40.68 -8.66
N ALA D 176 -4.24 -41.88 -8.41
CA ALA D 176 -3.12 -42.47 -9.12
C ALA D 176 -3.27 -44.01 -9.00
N GLY D 177 -2.17 -44.76 -8.94
CA GLY D 177 -2.21 -46.21 -8.85
C GLY D 177 -2.66 -46.73 -7.49
N PRO D 178 -3.35 -47.90 -7.46
CA PRO D 178 -3.69 -48.61 -6.22
C PRO D 178 -2.49 -48.90 -5.32
N TYR D 179 -1.33 -49.13 -5.92
CA TYR D 179 -0.10 -49.44 -5.19
C TYR D 179 0.83 -48.22 -5.18
N HIS D 180 0.27 -47.01 -5.30
CA HIS D 180 1.04 -45.77 -5.26
C HIS D 180 1.36 -45.47 -3.81
N TRP D 181 2.53 -44.91 -3.56
CA TRP D 181 3.04 -44.75 -2.19
C TRP D 181 2.07 -44.01 -1.27
N PHE D 182 1.43 -42.95 -1.77
CA PHE D 182 0.46 -42.20 -0.98
C PHE D 182 -0.82 -42.99 -0.66
N LYS D 183 -1.21 -43.90 -1.56
CA LYS D 183 -2.35 -44.80 -1.30
C LYS D 183 -1.99 -45.84 -0.24
N VAL D 184 -0.80 -46.42 -0.37
CA VAL D 184 -0.33 -47.46 0.54
C VAL D 184 0.04 -46.91 1.93
N GLU D 185 0.84 -45.83 1.94
CA GLU D 185 1.45 -45.31 3.19
C GLU D 185 0.67 -44.23 3.94
N TYR D 186 -0.48 -43.79 3.44
CA TYR D 186 -1.28 -42.74 4.11
C TYR D 186 -2.79 -43.00 4.06
N LEU D 187 -3.34 -43.20 2.86
CA LEU D 187 -4.78 -43.44 2.69
C LEU D 187 -5.23 -44.81 3.22
N ASP D 188 -4.53 -45.88 2.86
CA ASP D 188 -4.87 -47.23 3.35
C ASP D 188 -4.48 -47.47 4.82
N LYS D 189 -3.56 -46.66 5.35
CA LYS D 189 -3.25 -46.65 6.78
C LYS D 189 -3.77 -45.36 7.41
N LEU D 190 -5.09 -45.20 7.35
CA LEU D 190 -5.73 -43.95 7.77
C LEU D 190 -5.82 -43.87 9.30
N ASP D 191 -6.48 -44.85 9.92
CA ASP D 191 -6.63 -44.90 11.39
C ASP D 191 -5.30 -45.11 12.10
N GLU D 192 -4.39 -45.88 11.50
CA GLU D 192 -3.03 -46.04 12.03
C GLU D 192 -2.27 -44.71 12.17
N LYS D 193 -2.53 -43.77 11.26
CA LYS D 193 -1.98 -42.40 11.33
C LYS D 193 -2.92 -41.38 11.99
N ASN D 194 -4.21 -41.72 12.09
CA ASN D 194 -5.24 -40.89 12.72
C ASN D 194 -5.46 -39.60 11.91
N LEU D 195 -6.14 -39.77 10.78
CA LEU D 195 -6.39 -38.68 9.83
C LEU D 195 -7.84 -38.71 9.35
N LEU D 196 -8.43 -37.53 9.16
CA LEU D 196 -9.72 -37.40 8.51
C LEU D 196 -9.54 -37.64 7.02
N HIS D 197 -10.62 -38.03 6.36
CA HIS D 197 -10.60 -38.29 4.91
C HIS D 197 -11.92 -37.86 4.32
N LEU D 198 -11.87 -36.91 3.40
CA LEU D 198 -13.02 -36.53 2.60
C LEU D 198 -12.68 -36.87 1.15
N HIS D 199 -13.66 -37.33 0.39
CA HIS D 199 -13.47 -37.56 -1.04
C HIS D 199 -14.26 -36.55 -1.84
N PHE D 200 -13.66 -36.04 -2.91
CA PHE D 200 -14.24 -34.95 -3.69
C PHE D 200 -14.49 -35.34 -5.15
N THR D 201 -15.68 -35.04 -5.64
CA THR D 201 -15.99 -35.11 -7.06
C THR D 201 -16.48 -33.73 -7.50
N MET D 202 -16.72 -33.59 -8.80
CA MET D 202 -17.16 -32.30 -9.38
C MET D 202 -18.54 -31.87 -8.89
N ASP D 203 -19.37 -32.85 -8.54
CA ASP D 203 -20.69 -32.62 -7.93
C ASP D 203 -20.60 -31.85 -6.60
N ASP D 204 -19.48 -32.01 -5.87
CA ASP D 204 -19.24 -31.29 -4.61
C ASP D 204 -18.64 -29.88 -4.83
N ASN D 205 -18.71 -29.38 -6.06
CA ASN D 205 -18.28 -28.03 -6.43
C ASN D 205 -19.49 -27.26 -6.97
N LEU D 206 -20.00 -26.33 -6.17
CA LEU D 206 -21.14 -25.49 -6.57
C LEU D 206 -20.83 -24.51 -7.72
N SER D 207 -19.57 -24.06 -7.83
CA SER D 207 -19.16 -23.07 -8.85
C SER D 207 -19.42 -23.51 -10.30
N LEU D 208 -19.39 -24.81 -10.55
CA LEU D 208 -19.50 -25.34 -11.91
C LEU D 208 -20.94 -25.65 -12.27
N SER D 209 -21.40 -25.14 -13.41
CA SER D 209 -22.71 -25.48 -13.97
C SER D 209 -22.67 -26.85 -14.66
N LYS D 210 -23.84 -27.41 -14.94
CA LYS D 210 -23.95 -28.67 -15.67
C LYS D 210 -23.41 -28.57 -17.09
N GLN D 211 -23.45 -27.37 -17.69
CA GLN D 211 -22.82 -27.12 -19.00
C GLN D 211 -21.29 -27.23 -18.94
N VAL D 212 -20.69 -26.70 -17.88
CA VAL D 212 -19.22 -26.73 -17.67
C VAL D 212 -18.74 -28.11 -17.24
N LYS D 213 -19.53 -28.81 -16.42
CA LYS D 213 -19.21 -30.18 -15.99
C LYS D 213 -19.28 -31.21 -17.11
N GLU D 214 -20.12 -30.97 -18.12
CA GLU D 214 -20.23 -31.85 -19.28
C GLU D 214 -18.98 -31.80 -20.17
N ARG D 215 -18.33 -30.63 -20.26
CA ARG D 215 -17.12 -30.47 -21.07
C ARG D 215 -15.82 -30.94 -20.38
N TYR D 216 -15.85 -31.09 -19.05
CA TYR D 216 -14.73 -31.73 -18.32
C TYR D 216 -14.81 -33.26 -18.32
N GLN D 217 -16.03 -33.80 -18.36
CA GLN D 217 -16.26 -35.24 -18.56
C GLN D 217 -15.86 -35.70 -19.98
N ARG D 218 -16.07 -34.83 -20.96
CA ARG D 218 -15.64 -35.07 -22.35
C ARG D 218 -14.12 -35.09 -22.50
N MET D 219 -13.40 -34.29 -21.68
CA MET D 219 -11.93 -34.23 -21.70
C MET D 219 -11.19 -35.55 -21.44
N TYR D 220 -11.79 -36.43 -20.65
CA TYR D 220 -11.13 -37.67 -20.21
C TYR D 220 -11.93 -38.89 -20.59
N LYS D 221 -11.22 -39.95 -20.95
CA LYS D 221 -11.81 -41.26 -21.18
C LYS D 221 -10.89 -42.33 -20.59
N GLY D 222 -11.48 -43.46 -20.22
CA GLY D 222 -10.73 -44.58 -19.65
C GLY D 222 -10.22 -44.36 -18.24
N VAL D 223 -8.99 -44.81 -17.99
CA VAL D 223 -8.36 -44.71 -16.67
C VAL D 223 -8.25 -43.25 -16.20
N PHE D 224 -7.93 -42.34 -17.11
CA PHE D 224 -7.85 -40.92 -16.77
C PHE D 224 -9.23 -40.32 -16.44
N TYR D 225 -10.31 -40.89 -17.00
CA TYR D 225 -11.68 -40.54 -16.60
C TYR D 225 -12.03 -41.11 -15.21
N GLN D 226 -11.62 -42.34 -14.96
CA GLN D 226 -11.85 -42.99 -13.66
C GLN D 226 -11.10 -42.28 -12.52
N ARG D 227 -9.88 -41.83 -12.81
CA ARG D 227 -9.08 -41.09 -11.83
C ARG D 227 -9.51 -39.63 -11.68
N TYR D 228 -9.47 -38.87 -12.77
CA TYR D 228 -9.63 -37.41 -12.70
C TYR D 228 -11.06 -36.88 -12.78
N ILE D 229 -12.05 -37.74 -13.02
CA ILE D 229 -13.46 -37.32 -12.96
C ILE D 229 -14.23 -38.06 -11.86
N LEU D 230 -14.08 -39.38 -11.78
CA LEU D 230 -14.73 -40.18 -10.73
C LEU D 230 -13.96 -40.18 -9.42
N GLY D 231 -12.65 -39.90 -9.48
CA GLY D 231 -11.84 -39.75 -8.27
C GLY D 231 -11.38 -41.06 -7.65
N LEU D 232 -11.09 -42.06 -8.47
CA LEU D 232 -10.87 -43.44 -7.99
C LEU D 232 -9.45 -43.90 -8.26
N TRP D 233 -8.79 -44.48 -7.26
CA TRP D 233 -7.41 -44.95 -7.38
C TRP D 233 -7.33 -46.28 -8.17
N VAL D 234 -7.38 -46.17 -9.51
CA VAL D 234 -7.47 -47.34 -10.42
C VAL D 234 -6.18 -47.62 -11.20
N LEU D 235 -5.89 -48.91 -11.40
CA LEU D 235 -4.65 -49.35 -12.02
C LEU D 235 -4.61 -49.01 -13.51
N ALA D 236 -3.47 -48.48 -13.97
CA ALA D 236 -3.25 -48.22 -15.40
C ALA D 236 -2.81 -49.51 -16.07
N GLU D 237 -3.68 -50.06 -16.92
CA GLU D 237 -3.45 -51.33 -17.60
C GLU D 237 -4.03 -51.34 -19.01
N GLY D 238 -3.31 -51.98 -19.92
CA GLY D 238 -3.78 -52.20 -21.30
C GLY D 238 -3.19 -51.20 -22.29
N ILE D 239 -3.94 -50.93 -23.35
CA ILE D 239 -3.52 -49.96 -24.37
C ILE D 239 -3.65 -48.60 -23.70
N ILE D 240 -2.58 -47.80 -23.76
CA ILE D 240 -2.54 -46.48 -23.12
C ILE D 240 -3.56 -45.53 -23.78
N TYR D 241 -3.52 -45.44 -25.10
CA TYR D 241 -4.46 -44.59 -25.83
C TYR D 241 -5.68 -45.37 -26.30
N ASP D 242 -6.49 -45.81 -25.33
CA ASP D 242 -7.76 -46.51 -25.64
C ASP D 242 -8.83 -45.61 -26.28
N MET D 243 -8.68 -44.29 -26.18
CA MET D 243 -9.61 -43.33 -26.80
C MET D 243 -9.35 -43.03 -28.28
N PHE D 244 -8.23 -43.52 -28.85
CA PHE D 244 -7.96 -43.32 -30.27
C PHE D 244 -8.93 -44.13 -31.10
N ASP D 245 -9.45 -43.51 -32.16
CA ASP D 245 -10.57 -44.02 -32.93
C ASP D 245 -10.40 -43.53 -34.37
N GLN D 246 -10.20 -44.45 -35.30
CA GLN D 246 -9.93 -44.09 -36.69
C GLN D 246 -11.15 -43.51 -37.40
N ASP D 247 -12.34 -43.79 -36.86
CA ASP D 247 -13.58 -43.10 -37.27
C ASP D 247 -13.49 -41.61 -37.02
N GLU D 248 -12.95 -41.24 -35.86
CA GLU D 248 -12.99 -39.85 -35.39
C GLU D 248 -11.72 -39.05 -35.76
N HIS D 249 -10.54 -39.60 -35.45
CA HIS D 249 -9.28 -38.86 -35.49
C HIS D 249 -8.53 -38.86 -36.82
N VAL D 250 -8.91 -39.73 -37.75
CA VAL D 250 -8.23 -39.84 -39.04
C VAL D 250 -9.08 -39.17 -40.13
N VAL D 251 -8.41 -38.38 -40.97
CA VAL D 251 -9.04 -37.60 -42.03
C VAL D 251 -8.21 -37.69 -43.31
N PRO D 252 -8.81 -37.40 -44.49
CA PRO D 252 -8.09 -37.63 -45.76
C PRO D 252 -6.82 -36.79 -45.92
N THR D 253 -5.82 -37.33 -46.61
CA THR D 253 -4.62 -36.56 -46.94
C THR D 253 -4.93 -35.65 -48.13
N VAL D 254 -5.33 -34.42 -47.80
CA VAL D 254 -5.68 -33.40 -48.79
C VAL D 254 -5.14 -32.03 -48.39
N PRO D 255 -4.61 -31.26 -49.35
CA PRO D 255 -4.04 -29.96 -48.99
C PRO D 255 -5.06 -29.04 -48.33
N ARG D 256 -4.64 -28.36 -47.27
CA ARG D 256 -5.44 -27.35 -46.58
C ARG D 256 -4.61 -26.07 -46.49
N PRO D 257 -5.27 -24.91 -46.29
CA PRO D 257 -4.52 -23.67 -46.18
C PRO D 257 -4.10 -23.51 -44.73
N TYR D 258 -3.02 -24.20 -44.35
CA TYR D 258 -2.56 -24.20 -42.97
C TYR D 258 -2.02 -22.82 -42.57
N GLU D 259 -2.27 -22.45 -41.33
CA GLU D 259 -1.96 -21.12 -40.81
C GLU D 259 -0.49 -21.05 -40.36
N LYS D 260 -0.08 -22.01 -39.54
CA LYS D 260 1.32 -22.17 -39.08
C LYS D 260 1.76 -23.63 -39.23
N TYR D 261 3.05 -23.87 -39.10
CA TYR D 261 3.59 -25.25 -39.07
C TYR D 261 4.54 -25.46 -37.90
N TYR D 262 4.70 -26.74 -37.53
CA TYR D 262 5.73 -27.18 -36.61
C TYR D 262 6.19 -28.56 -37.06
N VAL D 263 7.43 -28.89 -36.76
CA VAL D 263 7.93 -30.26 -36.94
C VAL D 263 8.24 -30.79 -35.55
N SER D 264 7.98 -32.08 -35.34
CA SER D 264 8.24 -32.77 -34.07
C SER D 264 9.11 -33.98 -34.32
N CYS D 265 10.14 -34.17 -33.51
CA CYS D 265 11.20 -35.11 -33.82
C CYS D 265 11.60 -35.99 -32.63
N ASP D 266 11.39 -37.31 -32.77
CA ASP D 266 12.03 -38.31 -31.91
C ASP D 266 13.31 -38.74 -32.60
N TYR D 267 14.42 -38.16 -32.16
CA TYR D 267 15.74 -38.44 -32.76
C TYR D 267 16.27 -39.81 -32.31
N GLY D 268 16.76 -40.60 -33.25
CA GLY D 268 17.23 -41.95 -32.96
C GLY D 268 18.12 -42.54 -34.05
N THR D 269 19.37 -42.80 -33.70
CA THR D 269 20.25 -43.63 -34.52
C THR D 269 20.23 -45.09 -34.02
N GLN D 270 20.11 -45.28 -32.70
CA GLN D 270 19.93 -46.61 -32.09
C GLN D 270 18.52 -47.16 -32.36
N ASN D 271 17.50 -46.43 -31.94
CA ASN D 271 16.11 -46.70 -32.33
C ASN D 271 15.82 -46.01 -33.69
N PRO D 272 14.56 -46.06 -34.17
CA PRO D 272 14.19 -45.27 -35.35
C PRO D 272 14.15 -43.76 -35.10
N THR D 273 14.29 -42.98 -36.18
CA THR D 273 14.05 -41.53 -36.17
C THR D 273 12.73 -41.25 -36.85
N THR D 274 11.95 -40.32 -36.28
CA THR D 274 10.72 -39.83 -36.90
C THR D 274 10.63 -38.30 -36.88
N PHE D 275 9.97 -37.76 -37.89
CA PHE D 275 9.54 -36.37 -37.93
C PHE D 275 8.03 -36.36 -38.12
N GLY D 276 7.44 -35.18 -38.11
CA GLY D 276 6.00 -35.06 -38.30
C GLY D 276 5.63 -33.61 -38.48
N LEU D 277 5.05 -33.30 -39.64
CA LEU D 277 4.68 -31.94 -39.98
C LEU D 277 3.33 -31.66 -39.35
N TRP D 278 3.25 -30.60 -38.55
CA TRP D 278 2.06 -30.29 -37.76
C TRP D 278 1.49 -28.95 -38.22
N GLY D 279 0.33 -28.98 -38.87
CA GLY D 279 -0.26 -27.77 -39.49
C GLY D 279 -1.58 -27.35 -38.86
N LEU D 280 -1.70 -26.06 -38.55
CA LEU D 280 -2.91 -25.52 -37.91
C LEU D 280 -3.93 -25.09 -38.95
N TYR D 281 -5.20 -25.48 -38.75
CA TYR D 281 -6.31 -25.06 -39.61
C TYR D 281 -7.63 -25.07 -38.83
N ASN D 282 -8.11 -23.88 -38.45
CA ASN D 282 -9.32 -23.69 -37.63
C ASN D 282 -9.22 -24.36 -36.26
N GLY D 283 -8.16 -24.01 -35.53
CA GLY D 283 -8.00 -24.47 -34.14
C GLY D 283 -7.60 -25.92 -33.96
N VAL D 284 -7.43 -26.65 -35.06
CA VAL D 284 -7.14 -28.07 -35.05
C VAL D 284 -5.77 -28.27 -35.70
N TRP D 285 -4.89 -29.01 -35.04
CA TRP D 285 -3.56 -29.29 -35.56
C TRP D 285 -3.54 -30.61 -36.31
N TYR D 286 -3.18 -30.56 -37.59
CA TYR D 286 -3.17 -31.74 -38.44
C TYR D 286 -1.75 -32.29 -38.53
N LYS D 287 -1.58 -33.57 -38.20
CA LYS D 287 -0.36 -34.26 -38.55
C LYS D 287 -0.41 -34.48 -40.07
N VAL D 288 0.24 -33.59 -40.81
CA VAL D 288 0.11 -33.54 -42.28
C VAL D 288 0.75 -34.78 -42.91
N LYS D 289 1.92 -35.17 -42.40
CA LYS D 289 2.63 -36.35 -42.87
C LYS D 289 3.64 -36.81 -41.81
N GLU D 290 4.27 -37.96 -42.06
CA GLU D 290 5.30 -38.49 -41.15
C GLU D 290 6.57 -38.90 -41.91
N TYR D 291 7.69 -38.91 -41.19
CA TYR D 291 8.95 -39.49 -41.66
C TYR D 291 9.23 -40.62 -40.68
N HIS D 292 9.74 -41.73 -41.19
CA HIS D 292 10.00 -42.91 -40.34
C HIS D 292 11.15 -43.73 -40.90
N TYR D 293 12.36 -43.49 -40.39
CA TYR D 293 13.54 -44.24 -40.79
C TYR D 293 13.99 -45.15 -39.66
N ASP D 294 14.11 -46.45 -39.95
CA ASP D 294 14.59 -47.46 -38.99
C ASP D 294 15.87 -48.14 -39.49
N GLY D 295 16.94 -48.02 -38.70
CA GLY D 295 18.25 -48.55 -39.07
C GLY D 295 18.35 -50.07 -39.10
N ARG D 296 17.62 -50.76 -38.24
CA ARG D 296 17.58 -52.23 -38.24
C ARG D 296 16.92 -52.78 -39.51
N LYS D 297 15.77 -52.22 -39.87
CA LYS D 297 14.99 -52.69 -41.03
C LYS D 297 15.75 -52.46 -42.34
N GLU D 298 16.29 -51.26 -42.51
CA GLU D 298 17.05 -50.90 -43.71
C GLU D 298 18.46 -51.55 -43.74
N ASN D 299 18.98 -51.87 -42.57
CA ASN D 299 20.38 -52.31 -42.36
C ASN D 299 21.43 -51.25 -42.78
N LYS D 300 21.07 -49.99 -42.57
CA LYS D 300 21.95 -48.83 -42.80
C LYS D 300 21.57 -47.74 -41.79
N GLN D 301 22.57 -47.16 -41.12
CA GLN D 301 22.35 -46.02 -40.22
C GLN D 301 22.56 -44.72 -40.98
N LYS D 302 21.96 -43.64 -40.47
CA LYS D 302 22.12 -42.30 -41.04
C LYS D 302 22.90 -41.37 -40.11
N THR D 303 23.54 -40.37 -40.70
CA THR D 303 24.21 -39.32 -39.96
C THR D 303 23.24 -38.20 -39.62
N ASP D 304 23.68 -37.26 -38.79
CA ASP D 304 22.92 -36.05 -38.48
C ASP D 304 22.75 -35.19 -39.72
N GLN D 305 23.80 -35.15 -40.55
CA GLN D 305 23.77 -34.44 -41.83
C GLN D 305 22.72 -35.02 -42.76
N GLU D 306 22.71 -36.34 -42.89
CA GLU D 306 21.68 -37.01 -43.69
C GLU D 306 20.26 -36.77 -43.15
N TYR D 307 20.10 -36.77 -41.83
CA TYR D 307 18.81 -36.41 -41.21
C TYR D 307 18.45 -34.94 -41.45
N TYR D 308 19.44 -34.05 -41.47
CA TYR D 308 19.21 -32.65 -41.80
C TYR D 308 18.79 -32.50 -43.26
N GLU D 309 19.45 -33.25 -44.15
CA GLU D 309 19.10 -33.25 -45.58
C GLU D 309 17.65 -33.68 -45.80
N ASP D 310 17.21 -34.69 -45.05
CA ASP D 310 15.83 -35.22 -45.13
C ASP D 310 14.80 -34.27 -44.52
N LEU D 311 15.10 -33.68 -43.36
CA LEU D 311 14.23 -32.67 -42.73
C LEU D 311 13.93 -31.48 -43.65
N MET D 312 14.91 -31.07 -44.46
CA MET D 312 14.70 -29.97 -45.42
C MET D 312 13.85 -30.40 -46.61
N LYS D 313 14.05 -31.62 -47.12
CA LYS D 313 13.15 -32.19 -48.14
C LYS D 313 11.75 -32.49 -47.57
N PHE D 314 11.68 -32.85 -46.28
CA PHE D 314 10.41 -33.10 -45.57
C PHE D 314 9.50 -31.88 -45.53
N ILE D 315 10.08 -30.71 -45.21
CA ILE D 315 9.33 -29.43 -45.23
C ILE D 315 9.61 -28.56 -46.48
N GLU D 316 9.99 -29.21 -47.58
CA GLU D 316 10.38 -28.55 -48.84
C GLU D 316 9.32 -27.55 -49.31
N ASP D 317 8.07 -28.00 -49.33
CA ASP D 317 6.98 -27.23 -49.90
C ASP D 317 6.49 -26.07 -49.03
N ILE D 318 6.39 -26.29 -47.72
CA ILE D 318 5.71 -25.31 -46.83
C ILE D 318 6.39 -23.94 -46.85
N GLU D 319 5.57 -22.89 -46.69
CA GLU D 319 6.08 -21.52 -46.64
C GLU D 319 6.92 -21.35 -45.38
N LYS D 320 8.16 -20.90 -45.56
CA LYS D 320 9.10 -20.73 -44.46
C LYS D 320 8.68 -19.67 -43.43
N HIS D 321 7.85 -18.70 -43.84
CA HIS D 321 7.32 -17.70 -42.90
C HIS D 321 6.19 -18.24 -42.00
N LYS D 322 5.57 -19.35 -42.40
CA LYS D 322 4.58 -20.05 -41.58
C LYS D 322 5.21 -21.15 -40.70
N PHE D 323 6.38 -21.65 -41.10
CA PHE D 323 7.10 -22.68 -40.33
C PHE D 323 7.70 -22.05 -39.07
N LYS D 324 7.17 -22.46 -37.91
CA LYS D 324 7.57 -21.87 -36.62
C LYS D 324 8.65 -22.64 -35.85
N GLY D 325 9.25 -23.67 -36.46
CA GLY D 325 10.42 -24.35 -35.89
C GLY D 325 10.24 -25.81 -35.53
N VAL D 326 11.36 -26.49 -35.30
CA VAL D 326 11.41 -27.91 -35.00
C VAL D 326 11.43 -28.13 -33.48
N ILE D 327 10.68 -29.13 -33.03
CA ILE D 327 10.61 -29.51 -31.62
C ILE D 327 11.33 -30.84 -31.47
N VAL D 328 12.25 -30.92 -30.53
CA VAL D 328 13.07 -32.12 -30.38
C VAL D 328 13.57 -32.31 -28.93
N ASP D 329 13.76 -33.56 -28.54
CA ASP D 329 14.24 -33.89 -27.20
C ASP D 329 15.68 -33.39 -27.02
N PRO D 330 15.99 -32.79 -25.84
CA PRO D 330 17.35 -32.32 -25.52
C PRO D 330 18.48 -33.33 -25.76
N SER D 331 18.21 -34.61 -25.51
CA SER D 331 19.22 -35.66 -25.70
C SER D 331 19.86 -35.63 -27.09
N ALA D 332 19.12 -35.21 -28.10
CA ALA D 332 19.63 -35.12 -29.47
C ALA D 332 20.54 -33.91 -29.67
N ALA D 333 21.63 -33.84 -28.89
CA ALA D 333 22.53 -32.69 -28.91
C ALA D 333 23.31 -32.62 -30.23
N SER D 334 23.83 -33.77 -30.66
CA SER D 334 24.56 -33.88 -31.94
C SER D 334 23.77 -33.29 -33.12
N PHE D 335 22.45 -33.47 -33.09
CA PHE D 335 21.51 -32.99 -34.10
C PHE D 335 21.09 -31.54 -33.86
N ILE D 336 20.82 -31.17 -32.60
CA ILE D 336 20.38 -29.80 -32.25
C ILE D 336 21.45 -28.74 -32.55
N ALA D 337 22.70 -29.05 -32.23
CA ALA D 337 23.83 -28.20 -32.61
C ALA D 337 23.85 -27.95 -34.12
N LEU D 338 23.73 -29.05 -34.89
CA LEU D 338 23.74 -29.01 -36.36
C LEU D 338 22.61 -28.19 -36.95
N LEU D 339 21.40 -28.31 -36.40
CA LEU D 339 20.25 -27.53 -36.87
C LEU D 339 20.40 -26.02 -36.66
N ARG D 340 20.95 -25.62 -35.51
CA ARG D 340 21.12 -24.20 -35.19
C ARG D 340 22.17 -23.50 -36.04
N GLN D 341 23.26 -24.19 -36.34
CA GLN D 341 24.30 -23.67 -37.24
C GLN D 341 23.88 -23.66 -38.73
N LYS D 342 22.79 -24.36 -39.06
CA LYS D 342 22.12 -24.21 -40.36
C LYS D 342 21.01 -23.16 -40.32
N GLY D 343 20.79 -22.52 -39.18
CA GLY D 343 19.78 -21.48 -39.01
C GLY D 343 18.35 -21.99 -38.94
N ILE D 344 18.15 -23.17 -38.33
CA ILE D 344 16.82 -23.76 -38.15
C ILE D 344 16.37 -23.52 -36.71
N LYS D 345 15.12 -23.10 -36.53
CA LYS D 345 14.57 -22.83 -35.19
C LYS D 345 14.31 -24.13 -34.45
N VAL D 346 14.86 -24.25 -33.24
CA VAL D 346 14.78 -25.46 -32.42
C VAL D 346 14.03 -25.16 -31.14
N ILE D 347 13.23 -26.12 -30.69
CA ILE D 347 12.46 -25.97 -29.47
C ILE D 347 12.69 -27.20 -28.61
N LYS D 348 13.21 -27.00 -27.40
CA LYS D 348 13.42 -28.08 -26.44
C LYS D 348 12.07 -28.56 -25.96
N ALA D 349 11.85 -29.87 -26.00
CA ALA D 349 10.56 -30.46 -25.65
C ALA D 349 10.35 -30.49 -24.14
N LYS D 350 9.10 -30.31 -23.72
CA LYS D 350 8.67 -30.63 -22.36
C LYS D 350 8.56 -32.16 -22.29
N ASN D 351 9.57 -32.78 -21.70
CA ASN D 351 9.76 -34.23 -21.77
C ASN D 351 8.97 -35.07 -20.75
N ASP D 352 8.36 -34.43 -19.74
CA ASP D 352 7.60 -35.14 -18.68
C ASP D 352 6.58 -36.13 -19.26
N VAL D 353 6.83 -37.43 -19.05
CA VAL D 353 6.12 -38.48 -19.79
C VAL D 353 4.66 -38.65 -19.38
N LEU D 354 4.41 -38.90 -18.10
CA LEU D 354 3.04 -39.18 -17.63
C LEU D 354 2.10 -38.02 -17.92
N ASP D 355 2.56 -36.79 -17.66
CA ASP D 355 1.80 -35.57 -17.95
C ASP D 355 1.55 -35.39 -19.46
N GLY D 356 2.57 -35.68 -20.27
CA GLY D 356 2.47 -35.61 -21.73
C GLY D 356 1.47 -36.59 -22.32
N ILE D 357 1.47 -37.83 -21.83
CA ILE D 357 0.50 -38.85 -22.24
C ILE D 357 -0.92 -38.36 -21.95
N ARG D 358 -1.14 -37.85 -20.74
CA ARG D 358 -2.45 -37.33 -20.33
C ARG D 358 -2.93 -36.16 -21.22
N ASN D 359 -1.99 -35.34 -21.69
CA ASN D 359 -2.30 -34.24 -22.61
C ASN D 359 -2.63 -34.71 -24.03
N VAL D 360 -1.98 -35.77 -24.49
CA VAL D 360 -2.29 -36.36 -25.80
C VAL D 360 -3.72 -36.92 -25.81
N ALA D 361 -4.04 -37.67 -24.76
CA ALA D 361 -5.38 -38.25 -24.56
C ALA D 361 -6.50 -37.19 -24.56
N THR D 362 -6.27 -36.10 -23.83
CA THR D 362 -7.19 -34.96 -23.79
C THR D 362 -7.35 -34.34 -25.17
N ALA D 363 -6.25 -34.23 -25.91
CA ALA D 363 -6.27 -33.71 -27.28
C ALA D 363 -7.07 -34.59 -28.24
N LEU D 364 -6.96 -35.91 -28.09
CA LEU D 364 -7.78 -36.84 -28.87
C LEU D 364 -9.24 -36.81 -28.43
N ASN D 365 -9.47 -36.81 -27.12
CA ASN D 365 -10.81 -36.64 -26.54
C ASN D 365 -11.51 -35.33 -26.92
N LYS D 366 -10.74 -34.25 -27.09
CA LYS D 366 -11.29 -32.94 -27.50
C LYS D 366 -11.14 -32.61 -28.99
N LYS D 367 -10.44 -33.45 -29.75
CA LYS D 367 -10.09 -33.18 -31.15
C LYS D 367 -9.37 -31.85 -31.37
N MET D 368 -8.34 -31.62 -30.57
CA MET D 368 -7.37 -30.56 -30.81
C MET D 368 -6.41 -31.02 -31.92
N ILE D 369 -6.24 -32.34 -32.04
CA ILE D 369 -5.41 -32.94 -33.07
C ILE D 369 -6.16 -33.97 -33.91
N LEU D 370 -5.94 -33.94 -35.22
CA LEU D 370 -6.44 -34.93 -36.16
C LEU D 370 -5.27 -35.42 -36.99
N TYR D 371 -5.41 -36.60 -37.59
CA TYR D 371 -4.32 -37.24 -38.33
C TYR D 371 -4.69 -37.48 -39.80
N ASN D 372 -3.78 -37.16 -40.71
CA ASN D 372 -3.94 -37.53 -42.13
C ASN D 372 -3.72 -39.04 -42.27
N ASP D 373 -4.54 -39.68 -43.11
CA ASP D 373 -4.51 -41.15 -43.28
C ASP D 373 -3.18 -41.76 -43.76
N CYS D 374 -2.28 -40.93 -44.29
CA CYS D 374 -0.94 -41.37 -44.70
C CYS D 374 0.05 -41.55 -43.53
N CYS D 375 -0.35 -41.24 -42.30
CA CYS D 375 0.45 -41.55 -41.11
C CYS D 375 0.34 -43.05 -40.70
N LYS D 376 0.91 -43.92 -41.53
CA LYS D 376 0.77 -45.39 -41.41
C LYS D 376 1.31 -45.91 -40.07
N GLU D 377 2.53 -45.48 -39.75
CA GLU D 377 3.29 -46.01 -38.63
C GLU D 377 2.77 -45.53 -37.29
N THR D 378 2.32 -44.28 -37.24
CA THR D 378 1.70 -43.74 -36.03
C THR D 378 0.50 -44.58 -35.62
N PHE D 379 -0.35 -44.95 -36.58
CA PHE D 379 -1.57 -45.70 -36.28
C PHE D 379 -1.30 -47.14 -35.82
N ARG D 380 -0.18 -47.71 -36.26
CA ARG D 380 0.26 -48.99 -35.75
C ARG D 380 0.71 -48.87 -34.29
N GLU D 381 1.41 -47.79 -33.97
CA GLU D 381 1.90 -47.56 -32.62
C GLU D 381 0.77 -47.33 -31.63
N TYR D 382 -0.21 -46.50 -32.01
CA TYR D 382 -1.36 -46.24 -31.13
C TYR D 382 -2.01 -47.53 -30.60
N SER D 383 -2.18 -48.51 -31.49
CA SER D 383 -2.83 -49.77 -31.13
C SER D 383 -1.93 -50.73 -30.34
N SER D 384 -0.64 -50.43 -30.23
CA SER D 384 0.31 -51.28 -29.49
C SER D 384 0.98 -50.62 -28.27
N TYR D 385 0.79 -49.31 -28.06
CA TYR D 385 1.41 -48.58 -26.95
C TYR D 385 0.65 -48.91 -25.67
N VAL D 386 1.35 -49.58 -24.74
CA VAL D 386 0.70 -50.20 -23.56
C VAL D 386 1.42 -49.86 -22.25
N TRP D 387 0.65 -49.82 -21.16
CA TRP D 387 1.21 -49.50 -19.83
C TRP D 387 2.08 -50.64 -19.34
N ASP D 388 3.19 -50.30 -18.69
CA ASP D 388 4.04 -51.29 -18.02
C ASP D 388 3.33 -51.76 -16.74
N GLU D 389 2.93 -53.04 -16.72
CA GLU D 389 2.21 -53.64 -15.59
C GLU D 389 3.16 -53.89 -14.40
N LYS D 390 4.38 -54.31 -14.70
CA LYS D 390 5.42 -54.47 -13.67
C LYS D 390 5.80 -53.13 -13.00
N ALA D 391 5.63 -52.02 -13.71
CA ALA D 391 5.78 -50.68 -13.13
C ALA D 391 4.50 -50.24 -12.44
N ALA D 392 3.35 -50.54 -13.05
CA ALA D 392 2.06 -50.17 -12.49
C ALA D 392 1.74 -50.86 -11.16
N GLU D 393 2.31 -52.05 -10.92
CA GLU D 393 2.14 -52.73 -9.63
C GLU D 393 3.03 -52.11 -8.54
N ARG D 394 4.14 -51.46 -8.93
CA ARG D 394 4.93 -50.66 -7.99
C ARG D 394 4.27 -49.32 -7.63
N GLY D 395 3.32 -48.86 -8.43
CA GLY D 395 2.70 -47.55 -8.28
C GLY D 395 3.40 -46.45 -9.06
N GLU D 396 3.91 -46.80 -10.25
CA GLU D 396 4.52 -45.86 -11.18
C GLU D 396 3.89 -46.10 -12.54
N ASP D 397 3.12 -45.14 -13.02
CA ASP D 397 2.47 -45.28 -14.32
C ASP D 397 3.48 -44.96 -15.40
N LYS D 398 3.90 -45.99 -16.15
CA LYS D 398 4.93 -45.86 -17.17
C LYS D 398 4.50 -46.60 -18.43
N PRO D 399 4.82 -46.06 -19.61
CA PRO D 399 4.58 -46.81 -20.84
C PRO D 399 5.62 -47.91 -21.02
N VAL D 400 5.28 -48.93 -21.79
CA VAL D 400 6.21 -50.02 -22.09
C VAL D 400 7.48 -49.51 -22.79
N LYS D 401 7.35 -48.45 -23.58
CA LYS D 401 8.52 -47.78 -24.22
C LYS D 401 9.10 -48.64 -25.33
N GLN D 402 8.22 -49.19 -26.16
CA GLN D 402 8.62 -50.04 -27.26
C GLN D 402 7.61 -49.82 -28.39
N ASN D 403 8.10 -49.55 -29.60
CA ASN D 403 7.30 -49.07 -30.73
C ASN D 403 6.58 -47.76 -30.34
N ASP D 404 7.38 -46.75 -29.99
CA ASP D 404 6.89 -45.50 -29.43
C ASP D 404 7.63 -44.28 -29.99
N HIS D 405 8.00 -44.36 -31.26
CA HIS D 405 8.91 -43.41 -31.87
C HIS D 405 8.13 -42.27 -32.49
N GLN D 406 7.12 -42.60 -33.28
CA GLN D 406 6.13 -41.61 -33.74
C GLN D 406 5.34 -41.07 -32.55
N LEU D 407 4.96 -41.94 -31.62
CA LEU D 407 4.13 -41.53 -30.48
C LEU D 407 4.84 -40.63 -29.48
N ASP D 408 6.16 -40.77 -29.34
CA ASP D 408 6.94 -39.85 -28.49
C ASP D 408 7.08 -38.47 -29.16
N ALA D 409 7.34 -38.45 -30.47
CA ALA D 409 7.39 -37.20 -31.23
C ALA D 409 6.07 -36.43 -31.14
N ASP D 410 4.95 -37.15 -31.26
CA ASP D 410 3.61 -36.55 -31.10
C ASP D 410 3.42 -35.92 -29.73
N ARG D 411 3.89 -36.62 -28.68
CA ARG D 411 3.80 -36.18 -27.29
C ARG D 411 4.57 -34.89 -27.03
N TYR D 412 5.79 -34.80 -27.56
CA TYR D 412 6.62 -33.59 -27.43
C TYR D 412 5.97 -32.34 -28.04
N PHE D 413 5.26 -32.53 -29.16
CA PHE D 413 4.53 -31.43 -29.82
C PHE D 413 3.27 -31.00 -29.06
N VAL D 414 2.46 -31.98 -28.65
CA VAL D 414 1.20 -31.69 -27.94
C VAL D 414 1.52 -30.99 -26.63
N ASN D 415 2.52 -31.48 -25.90
CA ASN D 415 2.87 -30.95 -24.60
C ASN D 415 3.52 -29.55 -24.67
N THR D 416 4.37 -29.32 -25.68
CA THR D 416 5.10 -28.05 -25.80
C THR D 416 4.29 -26.94 -26.48
N ILE D 417 3.54 -27.27 -27.53
CA ILE D 417 2.78 -26.28 -28.29
C ILE D 417 1.34 -26.19 -27.79
N LEU D 418 0.64 -27.32 -27.76
CA LEU D 418 -0.79 -27.34 -27.41
C LEU D 418 -1.08 -27.09 -25.93
N PHE D 419 -0.15 -27.48 -25.06
CA PHE D 419 -0.25 -27.26 -23.60
C PHE D 419 0.96 -26.46 -23.09
N GLY D 420 0.98 -26.15 -21.80
CA GLY D 420 2.10 -25.46 -21.17
C GLY D 420 2.18 -23.97 -21.51
N TYR E 13 5.81 0.01 -22.51
CA TYR E 13 7.07 0.78 -22.79
C TYR E 13 6.81 2.02 -23.67
N PHE E 14 7.54 3.09 -23.41
CA PHE E 14 7.57 4.25 -24.31
C PHE E 14 8.41 3.89 -25.54
N GLN E 15 8.00 4.42 -26.70
CA GLN E 15 8.66 4.16 -27.98
C GLN E 15 9.17 5.50 -28.48
N PRO E 16 10.22 5.52 -29.33
CA PRO E 16 10.83 6.82 -29.66
C PRO E 16 9.87 7.86 -30.21
N PHE E 17 10.07 9.11 -29.81
CA PHE E 17 9.19 10.22 -30.16
C PHE E 17 9.71 10.93 -31.41
N SER E 18 8.82 11.30 -32.31
CA SER E 18 9.18 12.16 -33.45
C SER E 18 9.60 13.55 -32.97
N LYS E 19 10.25 14.30 -33.86
CA LYS E 19 10.66 15.69 -33.59
C LYS E 19 9.48 16.55 -33.14
N LYS E 20 8.31 16.30 -33.75
CA LYS E 20 7.07 16.98 -33.38
C LYS E 20 6.63 16.62 -31.95
N GLN E 21 6.72 15.33 -31.61
CA GLN E 21 6.35 14.85 -30.27
C GLN E 21 7.30 15.35 -29.19
N LEU E 22 8.61 15.29 -29.48
CA LEU E 22 9.65 15.83 -28.59
C LEU E 22 9.45 17.32 -28.31
N LYS E 23 8.98 18.07 -29.30
CA LYS E 23 8.69 19.50 -29.17
C LYS E 23 7.59 19.77 -28.12
N VAL E 24 6.57 18.90 -28.07
CA VAL E 24 5.46 19.03 -27.09
C VAL E 24 5.93 18.71 -25.66
N LEU E 25 6.90 17.81 -25.54
CA LEU E 25 7.50 17.49 -24.24
C LEU E 25 8.42 18.60 -23.70
N THR E 26 8.98 19.44 -24.59
CA THR E 26 10.08 20.36 -24.23
C THR E 26 9.80 21.88 -24.35
N TRP E 27 8.70 22.29 -24.98
CA TRP E 27 8.45 23.72 -25.21
C TRP E 27 8.40 24.56 -23.92
N TRP E 28 7.80 24.01 -22.88
CA TRP E 28 7.59 24.69 -21.60
C TRP E 28 8.88 24.88 -20.79
N ARG E 29 9.83 23.95 -20.95
CA ARG E 29 11.09 23.96 -20.18
C ARG E 29 11.76 25.33 -20.21
N LYS E 30 12.22 25.80 -19.06
CA LYS E 30 12.87 27.12 -18.92
C LYS E 30 13.97 27.38 -19.95
N ALA E 31 14.64 26.32 -20.41
CA ALA E 31 15.70 26.41 -21.43
C ALA E 31 15.23 26.52 -22.91
N SER E 32 13.94 26.79 -23.14
CA SER E 32 13.33 26.73 -24.48
C SER E 32 13.27 28.10 -25.16
N PRO E 33 13.19 28.12 -26.51
CA PRO E 33 12.81 29.35 -27.23
C PRO E 33 11.37 29.79 -26.96
N VAL E 34 10.45 28.82 -26.85
CA VAL E 34 9.00 29.07 -26.82
C VAL E 34 8.36 29.08 -25.41
N SER E 35 9.17 28.96 -24.35
CA SER E 35 8.66 28.83 -22.97
C SER E 35 7.89 30.04 -22.42
N ASP E 36 8.11 31.22 -23.00
CA ASP E 36 7.37 32.43 -22.64
C ASP E 36 5.88 32.34 -22.98
N LYS E 37 5.52 31.52 -23.99
CA LYS E 37 4.14 31.44 -24.48
C LYS E 37 3.13 30.95 -23.46
N ASP E 38 1.92 31.51 -23.51
CA ASP E 38 0.85 31.19 -22.57
C ASP E 38 0.21 29.81 -22.78
N GLY E 39 0.52 29.14 -23.90
CA GLY E 39 -0.05 27.82 -24.15
C GLY E 39 0.28 27.20 -25.48
N ILE E 40 -0.26 25.99 -25.69
CA ILE E 40 0.05 25.16 -26.87
C ILE E 40 -1.24 24.55 -27.44
N ILE E 41 -1.31 24.45 -28.78
CA ILE E 41 -2.43 23.81 -29.48
C ILE E 41 -1.88 22.74 -30.42
N CYS E 42 -2.50 21.56 -30.39
CA CYS E 42 -2.11 20.45 -31.25
C CYS E 42 -3.29 19.97 -32.04
N ASP E 43 -3.53 20.62 -33.17
CA ASP E 43 -4.48 20.11 -34.16
C ASP E 43 -3.79 19.02 -34.98
N GLY E 44 -4.55 18.18 -35.65
CA GLY E 44 -3.95 17.15 -36.49
C GLY E 44 -4.82 15.93 -36.74
N SER E 45 -4.20 14.93 -37.36
CA SER E 45 -4.88 13.71 -37.75
C SER E 45 -5.20 12.81 -36.55
N ILE E 46 -6.03 11.80 -36.82
CA ILE E 46 -6.32 10.75 -35.84
C ILE E 46 -5.11 9.83 -35.71
N ARG E 47 -4.95 9.29 -34.51
CA ARG E 47 -3.83 8.42 -34.15
C ARG E 47 -2.47 9.03 -34.51
N ALA E 48 -2.31 10.30 -34.16
CA ALA E 48 -1.07 11.05 -34.39
C ALA E 48 -0.18 11.15 -33.14
N GLY E 49 -0.58 10.48 -32.05
CA GLY E 49 0.22 10.43 -30.84
C GLY E 49 0.33 11.73 -30.06
N LYS E 50 -0.75 12.51 -30.05
CA LYS E 50 -0.75 13.84 -29.40
C LYS E 50 -1.57 13.92 -28.10
N THR E 51 -2.26 12.85 -27.72
CA THR E 51 -2.85 12.73 -26.37
C THR E 51 -1.81 12.12 -25.41
N ILE E 52 -1.17 11.04 -25.84
CA ILE E 52 -0.17 10.36 -25.01
C ILE E 52 0.96 11.31 -24.60
N VAL E 53 1.57 11.98 -25.58
CA VAL E 53 2.74 12.86 -25.31
C VAL E 53 2.37 14.16 -24.62
N MET E 54 1.23 14.75 -24.98
CA MET E 54 0.84 16.05 -24.45
C MET E 54 0.36 15.96 -23.01
N SER E 55 -0.39 14.91 -22.69
CA SER E 55 -0.85 14.64 -21.31
C SER E 55 0.32 14.32 -20.37
N PHE E 56 1.26 13.52 -20.86
CA PHE E 56 2.51 13.24 -20.15
C PHE E 56 3.25 14.54 -19.88
N SER E 57 3.39 15.35 -20.93
CA SER E 57 4.05 16.66 -20.84
C SER E 57 3.31 17.66 -19.95
N TYR E 58 1.98 17.58 -19.92
CA TYR E 58 1.17 18.45 -19.06
C TYR E 58 1.44 18.20 -17.58
N VAL E 59 1.56 16.92 -17.20
CA VAL E 59 1.84 16.54 -15.82
C VAL E 59 3.29 16.88 -15.47
N MET E 60 4.22 16.55 -16.38
CA MET E 60 5.62 16.91 -16.18
C MET E 60 5.80 18.41 -16.01
N TRP E 61 5.17 19.20 -16.87
CA TRP E 61 5.22 20.66 -16.75
C TRP E 61 4.77 21.10 -15.36
N ALA E 62 3.59 20.64 -14.97
CA ALA E 62 2.97 20.97 -13.67
C ALA E 62 3.80 20.54 -12.45
N MET E 63 4.58 19.46 -12.58
CA MET E 63 5.48 19.02 -11.51
C MET E 63 6.76 19.84 -11.41
N ASP E 64 7.38 20.13 -12.55
CA ASP E 64 8.57 20.97 -12.59
C ASP E 64 8.26 22.41 -12.17
N THR E 65 7.06 22.90 -12.48
CA THR E 65 6.71 24.29 -12.22
C THR E 65 6.19 24.49 -10.80
N PHE E 66 4.98 24.01 -10.51
CA PHE E 66 4.27 24.36 -9.27
C PHE E 66 4.39 23.29 -8.20
N ASN E 67 3.95 23.65 -6.99
CA ASN E 67 3.82 22.71 -5.87
C ASN E 67 2.55 23.02 -5.07
N GLU E 68 1.82 21.96 -4.70
CA GLU E 68 0.53 22.05 -4.00
C GLU E 68 -0.49 22.96 -4.71
N GLN E 69 -0.51 22.88 -6.04
CA GLN E 69 -1.36 23.74 -6.89
C GLN E 69 -2.32 22.91 -7.72
N ASN E 70 -3.47 23.51 -8.03
CA ASN E 70 -4.55 22.82 -8.75
C ASN E 70 -4.41 22.92 -10.27
N PHE E 71 -4.80 21.84 -10.95
CA PHE E 71 -4.70 21.75 -12.40
C PHE E 71 -5.97 21.13 -12.95
N GLY E 72 -6.45 21.64 -14.08
CA GLY E 72 -7.67 21.13 -14.70
C GLY E 72 -7.38 20.28 -15.91
N MET E 73 -8.22 19.26 -16.10
CA MET E 73 -8.18 18.40 -17.29
C MET E 73 -9.61 18.15 -17.75
N ALA E 74 -9.91 18.47 -19.01
CA ALA E 74 -11.26 18.37 -19.54
C ALA E 74 -11.37 17.41 -20.71
N GLY E 75 -12.60 16.92 -20.91
CA GLY E 75 -13.01 16.23 -22.13
C GLY E 75 -14.43 16.67 -22.42
N LYS E 76 -15.03 16.12 -23.48
CA LYS E 76 -16.46 16.34 -23.72
C LYS E 76 -17.27 15.72 -22.57
N THR E 77 -16.83 14.55 -22.10
CA THR E 77 -17.37 13.90 -20.89
C THR E 77 -16.22 13.48 -19.96
N ILE E 78 -16.55 13.22 -18.69
CA ILE E 78 -15.58 12.64 -17.74
C ILE E 78 -15.20 11.23 -18.19
N GLY E 79 -16.20 10.47 -18.66
CA GLY E 79 -15.98 9.12 -19.17
C GLY E 79 -15.02 9.07 -20.34
N ALA E 80 -15.24 9.93 -21.32
CA ALA E 80 -14.39 10.02 -22.52
C ALA E 80 -12.96 10.48 -22.19
N LEU E 81 -12.83 11.33 -21.17
CA LEU E 81 -11.53 11.78 -20.67
C LEU E 81 -10.78 10.61 -20.04
N ARG E 82 -11.48 9.90 -19.16
CA ARG E 82 -10.94 8.73 -18.45
C ARG E 82 -10.43 7.62 -19.38
N ARG E 83 -11.09 7.41 -20.52
CA ARG E 83 -10.67 6.40 -21.51
C ARG E 83 -9.53 6.87 -22.42
N ASN E 84 -9.65 8.09 -22.95
CA ASN E 84 -8.65 8.63 -23.88
C ASN E 84 -7.36 9.07 -23.21
N VAL E 85 -7.48 9.71 -22.04
CA VAL E 85 -6.33 10.35 -21.37
C VAL E 85 -5.85 9.62 -20.11
N ILE E 86 -6.73 9.49 -19.11
CA ILE E 86 -6.27 9.14 -17.74
C ILE E 86 -5.76 7.69 -17.63
N THR E 87 -6.58 6.71 -18.00
CA THR E 87 -6.16 5.30 -17.84
C THR E 87 -4.85 4.94 -18.57
N PRO E 88 -4.59 5.54 -19.76
CA PRO E 88 -3.22 5.52 -20.29
C PRO E 88 -2.20 6.29 -19.42
N LEU E 89 -2.52 7.54 -19.07
CA LEU E 89 -1.57 8.42 -18.36
C LEU E 89 -1.07 7.83 -17.03
N LYS E 90 -1.96 7.21 -16.26
CA LYS E 90 -1.59 6.58 -14.97
C LYS E 90 -0.59 5.44 -15.18
N ARG E 91 -0.81 4.63 -16.22
CA ARG E 91 0.10 3.54 -16.60
C ARG E 91 1.49 4.04 -16.97
N MET E 92 1.55 5.13 -17.74
CA MET E 92 2.84 5.73 -18.14
C MET E 92 3.60 6.32 -16.94
N LEU E 93 2.89 7.13 -16.16
CA LEU E 93 3.46 7.81 -15.00
C LEU E 93 4.02 6.85 -13.94
N LYS E 94 3.33 5.73 -13.70
CA LYS E 94 3.76 4.74 -12.70
C LYS E 94 5.07 4.01 -13.08
N SER E 95 5.25 3.72 -14.37
CA SER E 95 6.51 3.15 -14.89
C SER E 95 7.68 4.14 -14.82
N ARG E 96 7.42 5.39 -15.21
CA ARG E 96 8.42 6.46 -15.14
C ARG E 96 8.73 6.95 -13.70
N GLY E 97 7.91 6.55 -12.72
CA GLY E 97 8.20 6.75 -11.28
C GLY E 97 7.44 7.87 -10.58
N TYR E 98 6.13 7.93 -10.84
CA TYR E 98 5.23 8.90 -10.19
C TYR E 98 4.22 8.14 -9.32
N ARG E 99 4.04 8.61 -8.08
CA ARG E 99 2.97 8.08 -7.21
C ARG E 99 1.67 8.76 -7.62
N VAL E 100 0.64 7.97 -7.92
CA VAL E 100 -0.66 8.46 -8.43
C VAL E 100 -1.84 7.87 -7.66
N LYS E 101 -2.71 8.73 -7.12
CA LYS E 101 -3.94 8.31 -6.43
C LYS E 101 -5.17 8.93 -7.09
N ASP E 102 -6.05 8.08 -7.62
CA ASP E 102 -7.25 8.52 -8.34
C ASP E 102 -8.46 8.47 -7.40
N HIS E 103 -9.08 9.63 -7.16
CA HIS E 103 -10.30 9.74 -6.36
C HIS E 103 -11.53 9.62 -7.27
N ARG E 104 -11.85 8.38 -7.65
CA ARG E 104 -12.90 8.09 -8.66
C ARG E 104 -14.22 8.80 -8.43
N ALA E 105 -14.66 8.84 -7.17
CA ALA E 105 -15.92 9.48 -6.81
C ALA E 105 -15.83 11.01 -6.84
N ASP E 106 -14.68 11.55 -6.45
CA ASP E 106 -14.46 13.01 -6.37
C ASP E 106 -13.85 13.61 -7.64
N ASN E 107 -13.54 12.77 -8.64
CA ASN E 107 -13.02 13.18 -9.96
C ASN E 107 -11.90 14.21 -9.88
N TYR E 108 -10.82 13.81 -9.23
CA TYR E 108 -9.53 14.50 -9.29
C TYR E 108 -8.42 13.51 -8.91
N LEU E 109 -7.24 13.72 -9.47
CA LEU E 109 -6.07 12.88 -9.16
C LEU E 109 -5.10 13.66 -8.27
N THR E 110 -4.36 12.92 -7.44
CA THR E 110 -3.23 13.47 -6.70
C THR E 110 -1.98 12.72 -7.15
N ILE E 111 -1.23 13.35 -8.05
CA ILE E 111 0.08 12.86 -8.47
C ILE E 111 1.12 13.56 -7.58
N THR E 112 2.06 12.79 -7.04
CA THR E 112 3.19 13.30 -6.27
C THR E 112 4.47 12.63 -6.78
N PHE E 113 5.53 13.41 -6.97
CA PHE E 113 6.80 12.91 -7.48
C PHE E 113 7.94 13.86 -7.18
N LYS E 114 9.05 13.30 -6.67
CA LYS E 114 10.20 14.08 -6.16
C LYS E 114 9.78 15.05 -5.05
N GLY E 115 8.94 14.54 -4.13
CA GLY E 115 8.41 15.34 -3.02
C GLY E 115 7.57 16.54 -3.44
N LYS E 116 6.72 16.36 -4.45
CA LYS E 116 5.89 17.45 -5.01
C LYS E 116 4.46 17.01 -5.36
N THR E 117 3.55 17.08 -4.40
CA THR E 117 2.15 16.72 -4.62
C THR E 117 1.41 17.85 -5.36
N ASN E 118 0.66 17.47 -6.40
CA ASN E 118 -0.21 18.38 -7.17
C ASN E 118 -1.59 17.76 -7.41
N TYR E 119 -2.60 18.61 -7.56
CA TYR E 119 -4.02 18.19 -7.60
C TYR E 119 -4.69 18.46 -8.97
N PHE E 120 -4.83 17.41 -9.77
CA PHE E 120 -5.35 17.47 -11.13
C PHE E 120 -6.82 17.07 -11.17
N TYR E 121 -7.71 18.01 -11.48
CA TYR E 121 -9.15 17.76 -11.50
C TYR E 121 -9.62 17.37 -12.90
N LEU E 122 -10.64 16.52 -12.96
CA LEU E 122 -11.24 16.07 -14.23
C LEU E 122 -12.54 16.82 -14.48
N PHE E 123 -12.78 17.22 -15.72
CA PHE E 123 -13.98 18.00 -16.07
C PHE E 123 -14.68 17.47 -17.32
N GLY E 124 -15.97 17.81 -17.45
CA GLY E 124 -16.76 17.57 -18.66
C GLY E 124 -17.42 18.87 -19.10
N GLY E 125 -17.36 19.17 -20.40
CA GLY E 125 -18.00 20.36 -20.95
C GLY E 125 -19.51 20.35 -20.86
N LYS E 126 -20.09 19.16 -20.98
CA LYS E 126 -21.54 18.95 -20.87
C LYS E 126 -21.97 18.57 -19.45
N ASP E 127 -21.05 18.02 -18.66
CA ASP E 127 -21.34 17.56 -17.29
C ASP E 127 -21.81 18.72 -16.40
N GLU E 128 -22.71 18.40 -15.46
CA GLU E 128 -23.34 19.39 -14.59
C GLU E 128 -22.47 19.72 -13.37
N SER E 129 -21.95 18.68 -12.70
CA SER E 129 -21.00 18.87 -11.59
C SER E 129 -19.79 19.74 -11.95
N SER E 130 -19.39 19.68 -13.22
CA SER E 130 -18.31 20.51 -13.75
C SER E 130 -18.68 22.00 -13.88
N GLN E 131 -19.89 22.27 -14.37
CA GLN E 131 -20.32 23.66 -14.66
C GLN E 131 -20.29 24.58 -13.44
N ASP E 132 -20.68 24.06 -12.27
CA ASP E 132 -20.61 24.83 -11.02
C ASP E 132 -19.27 24.66 -10.27
N LEU E 133 -18.59 23.52 -10.45
CA LEU E 133 -17.25 23.32 -9.86
C LEU E 133 -16.19 24.21 -10.52
N ILE E 134 -16.29 24.40 -11.84
CA ILE E 134 -15.35 25.25 -12.59
C ILE E 134 -15.59 26.75 -12.32
N GLN E 135 -16.81 27.11 -11.90
CA GLN E 135 -17.08 28.50 -11.48
C GLN E 135 -16.21 28.87 -10.26
N GLY E 136 -16.38 28.15 -9.15
CA GLY E 136 -15.65 28.41 -7.91
C GLY E 136 -14.40 27.54 -7.72
N ILE E 137 -13.34 27.84 -8.47
CA ILE E 137 -12.05 27.13 -8.32
C ILE E 137 -10.92 27.89 -9.02
N THR E 138 -9.72 27.82 -8.43
CA THR E 138 -8.55 28.49 -8.97
C THR E 138 -7.56 27.45 -9.52
N LEU E 139 -7.24 27.56 -10.81
CA LEU E 139 -6.36 26.62 -11.51
C LEU E 139 -5.01 27.26 -11.83
N ALA E 140 -3.96 26.43 -11.79
CA ALA E 140 -2.62 26.79 -12.26
C ALA E 140 -2.39 26.38 -13.71
N GLY E 141 -3.29 25.55 -14.26
CA GLY E 141 -3.24 25.18 -15.67
C GLY E 141 -4.50 24.47 -16.11
N MET E 142 -4.65 24.33 -17.43
CA MET E 142 -5.80 23.64 -18.02
C MET E 142 -5.40 22.84 -19.25
N PHE E 143 -6.02 21.67 -19.39
CA PHE E 143 -5.76 20.74 -20.48
C PHE E 143 -7.10 20.42 -21.11
N PHE E 144 -7.09 20.17 -22.42
CA PHE E 144 -8.31 19.91 -23.17
C PHE E 144 -8.08 18.81 -24.20
N ASP E 145 -8.65 17.63 -23.96
CA ASP E 145 -8.61 16.52 -24.90
C ASP E 145 -9.87 16.61 -25.74
N GLU E 146 -9.68 16.75 -27.06
CA GLU E 146 -10.77 16.95 -28.01
C GLU E 146 -11.56 18.22 -27.70
N VAL E 147 -10.83 19.33 -27.58
CA VAL E 147 -11.41 20.66 -27.34
C VAL E 147 -12.51 21.05 -28.34
N ALA E 148 -12.30 20.72 -29.61
CA ALA E 148 -13.23 21.07 -30.68
C ALA E 148 -14.65 20.55 -30.46
N LEU E 149 -14.78 19.43 -29.76
CA LEU E 149 -16.08 18.83 -29.44
C LEU E 149 -16.75 19.40 -28.18
N MET E 150 -16.08 20.28 -27.44
CA MET E 150 -16.64 20.86 -26.21
C MET E 150 -17.41 22.15 -26.51
N PRO E 151 -18.32 22.57 -25.60
CA PRO E 151 -18.95 23.90 -25.68
C PRO E 151 -17.97 25.06 -25.59
N GLU E 152 -18.31 26.19 -26.21
CA GLU E 152 -17.48 27.38 -26.24
C GLU E 152 -17.55 28.14 -24.90
N SER E 153 -18.75 28.25 -24.33
CA SER E 153 -18.94 28.91 -23.04
C SER E 153 -18.24 28.19 -21.88
N PHE E 154 -18.01 26.88 -22.00
CA PHE E 154 -17.25 26.12 -21.02
C PHE E 154 -15.75 26.40 -21.09
N VAL E 155 -15.17 26.42 -22.29
CA VAL E 155 -13.73 26.63 -22.45
C VAL E 155 -13.23 28.03 -22.07
N ASN E 156 -14.14 29.01 -22.05
CA ASN E 156 -13.82 30.36 -21.56
C ASN E 156 -13.91 30.46 -20.03
N GLN E 157 -14.89 29.78 -19.43
CA GLN E 157 -14.98 29.67 -17.97
C GLN E 157 -13.69 29.09 -17.38
N ALA E 158 -13.16 28.06 -18.02
CA ALA E 158 -11.94 27.37 -17.57
C ALA E 158 -10.68 28.24 -17.71
N THR E 159 -10.55 28.91 -18.85
CA THR E 159 -9.42 29.82 -19.07
C THR E 159 -9.51 31.09 -18.20
N ALA E 160 -10.73 31.52 -17.91
CA ALA E 160 -10.96 32.65 -16.99
C ALA E 160 -10.60 32.33 -15.53
N ARG E 161 -10.52 31.03 -15.19
CA ARG E 161 -10.04 30.59 -13.88
C ARG E 161 -8.57 30.11 -13.88
N CYS E 162 -7.77 30.57 -14.84
CA CYS E 162 -6.32 30.33 -14.83
C CYS E 162 -5.60 31.61 -14.39
N SER E 163 -5.89 32.00 -13.14
CA SER E 163 -5.46 33.28 -12.56
C SER E 163 -4.12 33.23 -11.80
N VAL E 164 -3.60 32.03 -11.56
CA VAL E 164 -2.28 31.86 -10.94
C VAL E 164 -1.23 32.36 -11.93
N ASP E 165 -0.18 33.00 -11.41
CA ASP E 165 0.89 33.57 -12.23
C ASP E 165 1.68 32.43 -12.90
N GLY E 166 2.08 32.65 -14.15
CA GLY E 166 2.82 31.65 -14.93
C GLY E 166 2.04 30.45 -15.42
N ALA E 167 0.71 30.55 -15.44
CA ALA E 167 -0.18 29.45 -15.84
C ALA E 167 -0.16 29.21 -17.35
N LYS E 168 -0.47 27.98 -17.73
CA LYS E 168 -0.40 27.56 -19.13
C LYS E 168 -1.70 26.84 -19.55
N LEU E 169 -2.03 26.97 -20.83
CA LEU E 169 -3.22 26.35 -21.42
C LEU E 169 -2.82 25.36 -22.51
N TRP E 170 -3.44 24.19 -22.49
CA TRP E 170 -3.07 23.09 -23.38
C TRP E 170 -4.33 22.59 -24.09
N PHE E 171 -4.37 22.77 -25.41
CA PHE E 171 -5.50 22.34 -26.25
C PHE E 171 -5.04 21.26 -27.22
N ASN E 172 -5.99 20.48 -27.70
CA ASN E 172 -5.68 19.29 -28.49
C ASN E 172 -6.96 18.78 -29.13
N CYS E 173 -6.94 18.61 -30.45
CA CYS E 173 -8.16 18.23 -31.19
C CYS E 173 -7.90 17.75 -32.60
N ASN E 174 -8.96 17.17 -33.18
CA ASN E 174 -9.03 16.90 -34.61
C ASN E 174 -9.83 18.03 -35.24
N PRO E 175 -9.50 18.38 -36.49
CA PRO E 175 -10.10 19.55 -37.12
C PRO E 175 -11.55 19.35 -37.54
N ALA E 176 -12.39 20.32 -37.21
CA ALA E 176 -13.75 20.45 -37.77
C ALA E 176 -13.72 21.37 -39.01
N GLY E 177 -14.71 22.27 -39.18
CA GLY E 177 -14.73 23.22 -40.31
C GLY E 177 -14.01 24.53 -40.04
N PRO E 178 -13.64 25.27 -41.10
CA PRO E 178 -12.86 26.51 -40.95
C PRO E 178 -13.60 27.70 -40.31
N TYR E 179 -14.92 27.63 -40.21
CA TYR E 179 -15.69 28.65 -39.49
C TYR E 179 -16.02 28.23 -38.05
N HIS E 180 -15.42 27.13 -37.58
CA HIS E 180 -15.67 26.61 -36.23
C HIS E 180 -15.03 27.51 -35.18
N TRP E 181 -15.71 27.66 -34.04
CA TRP E 181 -15.30 28.65 -33.03
C TRP E 181 -13.84 28.49 -32.59
N PHE E 182 -13.39 27.25 -32.41
CA PHE E 182 -12.00 27.01 -32.02
C PHE E 182 -11.01 27.38 -33.13
N LYS E 183 -11.42 27.20 -34.39
CA LYS E 183 -10.60 27.63 -35.54
C LYS E 183 -10.50 29.14 -35.61
N VAL E 184 -11.64 29.81 -35.44
CA VAL E 184 -11.71 31.26 -35.54
C VAL E 184 -11.12 31.91 -34.28
N GLU E 185 -11.77 31.68 -33.13
CA GLU E 185 -11.49 32.42 -31.89
C GLU E 185 -10.17 32.05 -31.20
N TYR E 186 -9.63 30.86 -31.45
CA TYR E 186 -8.39 30.41 -30.80
C TYR E 186 -7.24 30.19 -31.80
N LEU E 187 -7.44 29.29 -32.76
CA LEU E 187 -6.36 28.90 -33.69
C LEU E 187 -5.91 30.01 -34.67
N ASP E 188 -6.87 30.74 -35.25
CA ASP E 188 -6.55 31.86 -36.14
C ASP E 188 -6.07 33.08 -35.36
N LYS E 189 -6.73 33.39 -34.22
CA LYS E 189 -6.27 34.44 -33.31
C LYS E 189 -5.14 33.94 -32.40
N LEU E 190 -4.04 33.49 -33.00
CA LEU E 190 -2.97 32.81 -32.29
C LEU E 190 -2.10 33.81 -31.53
N ASP E 191 -1.62 34.83 -32.24
CA ASP E 191 -0.75 35.85 -31.66
C ASP E 191 -1.46 36.71 -30.61
N GLU E 192 -2.75 36.97 -30.82
CA GLU E 192 -3.56 37.74 -29.86
C GLU E 192 -3.65 37.10 -28.46
N LYS E 193 -3.76 35.78 -28.41
CA LYS E 193 -3.79 35.02 -27.14
C LYS E 193 -2.43 34.43 -26.74
N ASN E 194 -1.43 34.55 -27.62
CA ASN E 194 -0.04 34.19 -27.34
C ASN E 194 0.12 32.69 -27.06
N LEU E 195 -0.03 31.89 -28.12
CA LEU E 195 -0.01 30.43 -28.04
C LEU E 195 0.96 29.82 -29.05
N LEU E 196 1.61 28.74 -28.65
CA LEU E 196 2.35 27.88 -29.56
C LEU E 196 1.33 27.01 -30.29
N HIS E 197 1.72 26.49 -31.44
CA HIS E 197 0.84 25.64 -32.25
C HIS E 197 1.66 24.65 -33.03
N LEU E 198 1.30 23.36 -32.93
CA LEU E 198 2.01 22.29 -33.62
C LEU E 198 1.00 21.37 -34.31
N HIS E 199 1.07 21.28 -35.64
CA HIS E 199 0.17 20.42 -36.41
C HIS E 199 0.72 19.00 -36.49
N PHE E 200 -0.14 18.01 -36.27
CA PHE E 200 0.25 16.60 -36.20
C PHE E 200 -0.28 15.78 -37.37
N THR E 201 0.49 14.76 -37.75
CA THR E 201 0.17 13.86 -38.84
C THR E 201 0.42 12.44 -38.35
N MET E 202 -0.06 11.45 -39.09
CA MET E 202 0.23 10.04 -38.78
C MET E 202 1.71 9.68 -38.97
N ASP E 203 2.41 10.45 -39.82
CA ASP E 203 3.86 10.32 -39.98
C ASP E 203 4.66 10.70 -38.72
N ASP E 204 4.05 11.48 -37.81
CA ASP E 204 4.65 11.82 -36.52
C ASP E 204 4.31 10.84 -35.39
N ASN E 205 4.01 9.60 -35.75
CA ASN E 205 3.82 8.52 -34.78
C ASN E 205 4.65 7.33 -35.27
N LEU E 206 5.80 7.12 -34.62
CA LEU E 206 6.73 6.04 -34.98
C LEU E 206 6.20 4.67 -34.58
N SER E 207 5.36 4.63 -33.55
CA SER E 207 4.73 3.37 -33.07
C SER E 207 3.82 2.68 -34.09
N LEU E 208 3.30 3.46 -35.04
CA LEU E 208 2.49 2.92 -36.14
C LEU E 208 3.40 2.43 -37.26
N SER E 209 3.08 1.26 -37.81
CA SER E 209 3.71 0.75 -39.02
C SER E 209 2.94 1.26 -40.23
N LYS E 210 3.58 1.20 -41.40
CA LYS E 210 2.92 1.57 -42.66
C LYS E 210 1.66 0.73 -42.94
N GLN E 211 1.66 -0.52 -42.49
CA GLN E 211 0.48 -1.39 -42.55
C GLN E 211 -0.69 -0.84 -41.74
N VAL E 212 -0.41 -0.38 -40.52
CA VAL E 212 -1.43 0.18 -39.63
C VAL E 212 -1.89 1.56 -40.14
N LYS E 213 -0.97 2.33 -40.72
CA LYS E 213 -1.29 3.67 -41.26
C LYS E 213 -2.15 3.60 -42.53
N GLU E 214 -1.80 2.70 -43.45
CA GLU E 214 -2.55 2.57 -44.72
C GLU E 214 -4.01 2.14 -44.53
N ARG E 215 -4.29 1.38 -43.46
CA ARG E 215 -5.67 1.02 -43.13
C ARG E 215 -6.50 2.26 -42.80
N TYR E 216 -6.04 3.02 -41.81
CA TYR E 216 -6.75 4.24 -41.37
C TYR E 216 -7.06 5.21 -42.51
N GLN E 217 -6.19 5.27 -43.50
CA GLN E 217 -6.43 6.06 -44.71
C GLN E 217 -7.65 5.54 -45.50
N ARG E 218 -7.79 4.21 -45.57
CA ARG E 218 -8.93 3.59 -46.24
C ARG E 218 -10.27 3.71 -45.48
N MET E 219 -10.23 4.04 -44.18
CA MET E 219 -11.46 4.28 -43.38
C MET E 219 -12.19 5.59 -43.72
N TYR E 220 -11.53 6.53 -44.39
CA TYR E 220 -12.14 7.82 -44.74
C TYR E 220 -11.96 8.17 -46.21
N LYS E 221 -12.92 8.94 -46.71
CA LYS E 221 -12.85 9.57 -48.02
C LYS E 221 -13.54 10.95 -47.95
N GLY E 222 -13.16 11.84 -48.86
CA GLY E 222 -13.75 13.16 -48.94
C GLY E 222 -13.36 14.03 -47.76
N VAL E 223 -14.34 14.72 -47.18
CA VAL E 223 -14.12 15.70 -46.10
C VAL E 223 -13.47 15.05 -44.86
N PHE E 224 -13.94 13.87 -44.50
CA PHE E 224 -13.46 13.19 -43.31
C PHE E 224 -12.04 12.66 -43.52
N TYR E 225 -11.67 12.34 -44.76
CA TYR E 225 -10.27 12.01 -45.10
C TYR E 225 -9.39 13.24 -44.90
N GLN E 226 -9.86 14.37 -45.43
CA GLN E 226 -9.11 15.62 -45.37
C GLN E 226 -8.98 16.13 -43.93
N ARG E 227 -10.04 15.97 -43.13
CA ARG E 227 -9.99 16.34 -41.72
C ARG E 227 -9.16 15.37 -40.88
N TYR E 228 -9.42 14.07 -40.99
CA TYR E 228 -8.85 13.09 -40.05
C TYR E 228 -7.58 12.39 -40.49
N ILE E 229 -7.21 12.49 -41.76
CA ILE E 229 -5.90 11.98 -42.21
C ILE E 229 -4.93 13.11 -42.53
N LEU E 230 -5.40 14.11 -43.28
CA LEU E 230 -4.55 15.25 -43.67
C LEU E 230 -4.49 16.34 -42.60
N GLY E 231 -5.41 16.32 -41.64
CA GLY E 231 -5.40 17.27 -40.52
C GLY E 231 -5.78 18.68 -40.92
N LEU E 232 -6.74 18.81 -41.84
CA LEU E 232 -7.07 20.09 -42.48
C LEU E 232 -8.49 20.56 -42.15
N TRP E 233 -8.62 21.81 -41.71
CA TRP E 233 -9.94 22.37 -41.33
C TRP E 233 -10.75 22.78 -42.58
N VAL E 234 -11.27 21.79 -43.29
CA VAL E 234 -11.98 22.02 -44.56
C VAL E 234 -13.50 21.96 -44.39
N LEU E 235 -14.20 22.75 -45.22
CA LEU E 235 -15.65 22.97 -45.07
C LEU E 235 -16.46 21.76 -45.53
N ALA E 236 -17.52 21.45 -44.79
CA ALA E 236 -18.45 20.40 -45.19
C ALA E 236 -19.42 21.00 -46.20
N GLU E 237 -19.34 20.55 -47.45
CA GLU E 237 -20.07 21.15 -48.56
C GLU E 237 -20.41 20.09 -49.61
N GLY E 238 -21.68 20.07 -50.01
CA GLY E 238 -22.15 19.20 -51.09
C GLY E 238 -22.79 17.91 -50.60
N ILE E 239 -22.62 16.84 -51.37
CA ILE E 239 -23.19 15.53 -51.04
C ILE E 239 -22.42 14.95 -49.85
N ILE E 240 -23.17 14.45 -48.85
CA ILE E 240 -22.56 13.88 -47.65
C ILE E 240 -21.90 12.57 -48.01
N TYR E 241 -22.68 11.60 -48.46
CA TYR E 241 -22.15 10.28 -48.77
C TYR E 241 -21.67 10.18 -50.21
N ASP E 242 -20.60 10.90 -50.52
CA ASP E 242 -20.02 10.84 -51.87
C ASP E 242 -19.19 9.56 -52.12
N MET E 243 -18.98 8.75 -51.08
CA MET E 243 -18.36 7.42 -51.24
C MET E 243 -19.33 6.34 -51.73
N PHE E 244 -20.63 6.53 -51.52
CA PHE E 244 -21.63 5.56 -51.97
C PHE E 244 -21.63 5.34 -53.48
N ASP E 245 -21.09 4.20 -53.90
CA ASP E 245 -21.09 3.73 -55.28
C ASP E 245 -22.06 2.56 -55.40
N GLN E 246 -22.95 2.63 -56.39
CA GLN E 246 -23.86 1.52 -56.69
C GLN E 246 -23.14 0.35 -57.37
N ASP E 247 -21.98 0.64 -57.97
CA ASP E 247 -21.07 -0.40 -58.46
C ASP E 247 -20.63 -1.30 -57.31
N GLU E 248 -20.39 -0.70 -56.14
CA GLU E 248 -19.80 -1.40 -55.01
C GLU E 248 -20.83 -1.89 -53.99
N HIS E 249 -21.64 -0.96 -53.48
CA HIS E 249 -22.48 -1.21 -52.28
C HIS E 249 -23.83 -1.89 -52.52
N VAL E 250 -24.26 -2.02 -53.77
CA VAL E 250 -25.54 -2.66 -54.08
C VAL E 250 -25.32 -4.08 -54.56
N VAL E 251 -26.14 -4.99 -54.05
CA VAL E 251 -26.07 -6.42 -54.34
C VAL E 251 -27.46 -6.90 -54.75
N PRO E 252 -27.54 -8.08 -55.40
CA PRO E 252 -28.87 -8.57 -55.81
C PRO E 252 -29.76 -8.95 -54.64
N THR E 253 -31.08 -8.83 -54.84
CA THR E 253 -32.05 -9.28 -53.84
C THR E 253 -32.19 -10.79 -53.99
N VAL E 254 -31.44 -11.52 -53.18
CA VAL E 254 -31.41 -12.98 -53.19
C VAL E 254 -31.27 -13.52 -51.77
N PRO E 255 -31.85 -14.71 -51.49
CA PRO E 255 -31.78 -15.23 -50.12
C PRO E 255 -30.35 -15.51 -49.67
N ARG E 256 -30.06 -15.22 -48.41
CA ARG E 256 -28.80 -15.56 -47.80
C ARG E 256 -29.08 -16.12 -46.42
N PRO E 257 -28.16 -16.95 -45.89
CA PRO E 257 -28.38 -17.60 -44.60
C PRO E 257 -27.99 -16.67 -43.45
N TYR E 258 -28.75 -15.59 -43.28
CA TYR E 258 -28.35 -14.54 -42.34
C TYR E 258 -28.40 -15.16 -40.93
N GLU E 259 -27.34 -14.92 -40.15
CA GLU E 259 -27.19 -15.51 -38.82
C GLU E 259 -27.90 -14.70 -37.73
N LYS E 260 -27.89 -13.38 -37.86
CA LYS E 260 -28.45 -12.46 -36.85
C LYS E 260 -29.20 -11.32 -37.55
N TYR E 261 -30.35 -10.90 -37.00
CA TYR E 261 -31.21 -9.88 -37.60
C TYR E 261 -31.48 -8.70 -36.67
N TYR E 262 -31.49 -7.50 -37.23
CA TYR E 262 -32.06 -6.32 -36.58
C TYR E 262 -33.02 -5.66 -37.55
N VAL E 263 -33.99 -4.93 -36.99
CA VAL E 263 -34.78 -3.98 -37.76
C VAL E 263 -34.41 -2.61 -37.22
N SER E 264 -34.37 -1.61 -38.10
CA SER E 264 -34.10 -0.23 -37.71
C SER E 264 -35.18 0.68 -38.25
N CYS E 265 -35.69 1.56 -37.39
CA CYS E 265 -36.89 2.35 -37.70
C CYS E 265 -36.72 3.84 -37.48
N ASP E 266 -36.87 4.61 -38.56
CA ASP E 266 -37.17 6.03 -38.49
C ASP E 266 -38.70 6.14 -38.53
N TYR E 267 -39.27 6.68 -37.45
CA TYR E 267 -40.71 6.72 -37.24
C TYR E 267 -41.23 8.14 -37.46
N GLY E 268 -42.38 8.25 -38.13
CA GLY E 268 -43.01 9.54 -38.39
C GLY E 268 -44.44 9.39 -38.89
N THR E 269 -45.38 10.03 -38.20
CA THR E 269 -46.76 10.11 -38.66
C THR E 269 -46.92 11.31 -39.61
N GLN E 270 -46.30 12.43 -39.27
CA GLN E 270 -46.27 13.62 -40.14
C GLN E 270 -45.36 13.41 -41.36
N ASN E 271 -44.13 12.96 -41.09
CA ASN E 271 -43.16 12.65 -42.14
C ASN E 271 -43.30 11.17 -42.56
N PRO E 272 -42.47 10.69 -43.51
CA PRO E 272 -42.47 9.24 -43.77
C PRO E 272 -42.01 8.37 -42.59
N THR E 273 -42.44 7.11 -42.62
CA THR E 273 -41.99 6.10 -41.66
C THR E 273 -41.22 5.05 -42.44
N THR E 274 -40.00 4.74 -42.00
CA THR E 274 -39.19 3.69 -42.60
C THR E 274 -38.91 2.58 -41.60
N PHE E 275 -38.88 1.35 -42.11
CA PHE E 275 -38.20 0.24 -41.45
C PHE E 275 -37.10 -0.26 -42.38
N GLY E 276 -36.22 -1.09 -41.83
CA GLY E 276 -35.21 -1.76 -42.61
C GLY E 276 -34.75 -3.00 -41.88
N LEU E 277 -34.77 -4.13 -42.59
CA LEU E 277 -34.29 -5.40 -42.04
C LEU E 277 -32.81 -5.53 -42.36
N TRP E 278 -32.01 -5.70 -41.32
CA TRP E 278 -30.56 -5.77 -41.45
C TRP E 278 -30.10 -7.17 -41.02
N GLY E 279 -29.42 -7.88 -41.92
CA GLY E 279 -29.02 -9.27 -41.69
C GLY E 279 -27.51 -9.46 -41.75
N LEU E 280 -26.94 -10.03 -40.70
CA LEU E 280 -25.52 -10.37 -40.70
C LEU E 280 -25.29 -11.62 -41.53
N TYR E 281 -24.27 -11.58 -42.39
CA TYR E 281 -23.84 -12.75 -43.15
C TYR E 281 -22.37 -12.62 -43.52
N ASN E 282 -21.53 -13.42 -42.85
CA ASN E 282 -20.08 -13.46 -43.09
C ASN E 282 -19.41 -12.08 -43.06
N GLY E 283 -19.49 -11.44 -41.88
CA GLY E 283 -18.84 -10.15 -41.63
C GLY E 283 -19.70 -8.94 -41.96
N VAL E 284 -20.36 -8.99 -43.10
CA VAL E 284 -21.10 -7.85 -43.62
C VAL E 284 -22.58 -7.88 -43.18
N TRP E 285 -23.14 -6.69 -42.97
CA TRP E 285 -24.56 -6.50 -42.69
C TRP E 285 -25.33 -6.03 -43.93
N TYR E 286 -26.31 -6.82 -44.33
CA TYR E 286 -27.06 -6.60 -45.57
C TYR E 286 -28.40 -5.96 -45.24
N LYS E 287 -28.66 -4.76 -45.76
CA LYS E 287 -30.02 -4.22 -45.69
C LYS E 287 -30.87 -5.05 -46.63
N VAL E 288 -31.61 -5.99 -46.04
CA VAL E 288 -32.26 -7.08 -46.76
C VAL E 288 -33.48 -6.58 -47.50
N LYS E 289 -34.29 -5.79 -46.81
CA LYS E 289 -35.33 -5.02 -47.48
C LYS E 289 -35.62 -3.71 -46.74
N GLU E 290 -36.46 -2.87 -47.35
CA GLU E 290 -36.91 -1.61 -46.75
C GLU E 290 -38.43 -1.50 -46.77
N TYR E 291 -38.97 -0.81 -45.78
CA TYR E 291 -40.36 -0.40 -45.74
C TYR E 291 -40.34 1.11 -45.85
N HIS E 292 -41.36 1.71 -46.48
CA HIS E 292 -41.39 3.16 -46.71
C HIS E 292 -42.81 3.68 -46.95
N TYR E 293 -43.40 4.32 -45.94
CA TYR E 293 -44.77 4.86 -46.04
C TYR E 293 -44.79 6.36 -45.84
N ASP E 294 -45.52 7.07 -46.70
CA ASP E 294 -45.60 8.55 -46.68
C ASP E 294 -47.06 9.04 -46.76
N GLY E 295 -47.55 9.61 -45.67
CA GLY E 295 -48.94 10.09 -45.57
C GLY E 295 -49.31 11.30 -46.43
N ARG E 296 -48.32 12.10 -46.83
CA ARG E 296 -48.55 13.21 -47.78
C ARG E 296 -48.86 12.68 -49.19
N LYS E 297 -48.14 11.64 -49.61
CA LYS E 297 -48.30 11.04 -50.92
C LYS E 297 -49.58 10.22 -51.00
N GLU E 298 -49.72 9.26 -50.09
CA GLU E 298 -50.91 8.39 -50.04
C GLU E 298 -52.19 9.13 -49.60
N ASN E 299 -52.03 10.33 -49.02
CA ASN E 299 -53.14 11.15 -48.47
C ASN E 299 -53.88 10.43 -47.33
N LYS E 300 -53.14 9.60 -46.60
CA LYS E 300 -53.68 8.75 -45.53
C LYS E 300 -52.59 8.53 -44.50
N GLN E 301 -52.74 9.13 -43.32
CA GLN E 301 -51.82 8.90 -42.22
C GLN E 301 -52.12 7.57 -41.55
N LYS E 302 -51.22 7.11 -40.70
CA LYS E 302 -51.33 5.81 -40.05
C LYS E 302 -51.25 5.88 -38.53
N THR E 303 -51.97 4.97 -37.87
CA THR E 303 -51.87 4.79 -36.43
C THR E 303 -50.61 4.01 -36.07
N ASP E 304 -50.23 4.07 -34.81
CA ASP E 304 -49.14 3.27 -34.27
C ASP E 304 -49.48 1.78 -34.24
N GLN E 305 -50.76 1.47 -34.10
CA GLN E 305 -51.26 0.11 -34.23
C GLN E 305 -51.05 -0.43 -35.65
N GLU E 306 -51.31 0.40 -36.66
CA GLU E 306 -51.07 0.01 -38.05
C GLU E 306 -49.59 -0.27 -38.32
N TYR E 307 -48.72 0.69 -37.98
CA TYR E 307 -47.26 0.51 -38.10
C TYR E 307 -46.75 -0.75 -37.41
N TYR E 308 -47.36 -1.11 -36.28
CA TYR E 308 -47.05 -2.36 -35.59
C TYR E 308 -47.45 -3.55 -36.46
N GLU E 309 -48.68 -3.55 -36.96
CA GLU E 309 -49.18 -4.65 -37.79
C GLU E 309 -48.32 -4.90 -39.03
N ASP E 310 -47.84 -3.82 -39.65
CA ASP E 310 -46.93 -3.90 -40.80
C ASP E 310 -45.52 -4.38 -40.45
N LEU E 311 -45.03 -4.02 -39.25
CA LEU E 311 -43.75 -4.55 -38.76
C LEU E 311 -43.79 -6.06 -38.53
N MET E 312 -44.96 -6.59 -38.18
CA MET E 312 -45.12 -8.04 -38.02
C MET E 312 -45.12 -8.77 -39.36
N LYS E 313 -45.73 -8.18 -40.39
CA LYS E 313 -45.58 -8.67 -41.77
C LYS E 313 -44.13 -8.50 -42.24
N PHE E 314 -43.56 -7.32 -42.01
CA PHE E 314 -42.18 -6.99 -42.38
C PHE E 314 -41.18 -8.02 -41.82
N ILE E 315 -41.38 -8.40 -40.55
CA ILE E 315 -40.54 -9.40 -39.87
C ILE E 315 -41.09 -10.84 -39.87
N GLU E 316 -41.97 -11.16 -40.82
CA GLU E 316 -42.71 -12.45 -40.82
C GLU E 316 -41.83 -13.66 -41.12
N ASP E 317 -41.11 -13.60 -42.23
CA ASP E 317 -40.30 -14.74 -42.69
C ASP E 317 -39.07 -15.08 -41.82
N ILE E 318 -38.57 -14.11 -41.05
CA ILE E 318 -37.37 -14.36 -40.21
C ILE E 318 -37.71 -15.16 -38.95
N GLU E 319 -36.74 -15.96 -38.49
CA GLU E 319 -36.94 -16.79 -37.30
C GLU E 319 -36.76 -15.91 -36.08
N LYS E 320 -37.51 -16.21 -35.03
CA LYS E 320 -37.51 -15.39 -33.81
C LYS E 320 -36.19 -15.47 -33.06
N HIS E 321 -35.57 -16.65 -33.03
CA HIS E 321 -34.28 -16.81 -32.33
C HIS E 321 -33.13 -16.03 -32.98
N LYS E 322 -33.28 -15.70 -34.27
CA LYS E 322 -32.29 -14.87 -34.97
C LYS E 322 -32.52 -13.36 -34.85
N PHE E 323 -33.79 -12.94 -34.64
CA PHE E 323 -34.18 -11.53 -34.56
C PHE E 323 -33.93 -10.86 -33.19
N LYS E 324 -33.01 -9.89 -33.16
CA LYS E 324 -32.51 -9.29 -31.91
C LYS E 324 -33.09 -7.89 -31.59
N GLY E 325 -34.33 -7.64 -32.00
CA GLY E 325 -35.04 -6.42 -31.63
C GLY E 325 -35.00 -5.29 -32.65
N VAL E 326 -35.67 -4.20 -32.29
CA VAL E 326 -35.90 -3.05 -33.18
C VAL E 326 -35.17 -1.84 -32.66
N ILE E 327 -34.38 -1.19 -33.52
CA ILE E 327 -33.71 0.06 -33.17
C ILE E 327 -34.61 1.20 -33.61
N VAL E 328 -35.08 2.00 -32.65
CA VAL E 328 -35.97 3.14 -32.92
C VAL E 328 -35.58 4.35 -32.07
N ASP E 329 -35.81 5.54 -32.62
CA ASP E 329 -35.41 6.79 -31.98
C ASP E 329 -36.22 7.03 -30.70
N PRO E 330 -35.55 7.33 -29.56
CA PRO E 330 -36.20 7.59 -28.26
C PRO E 330 -37.38 8.58 -28.24
N SER E 331 -37.38 9.54 -29.16
CA SER E 331 -38.48 10.51 -29.31
C SER E 331 -39.79 9.91 -29.86
N ALA E 332 -39.76 8.68 -30.35
CA ALA E 332 -40.97 7.95 -30.75
C ALA E 332 -41.56 7.14 -29.59
N ALA E 333 -42.00 7.84 -28.54
CA ALA E 333 -42.41 7.20 -27.29
C ALA E 333 -43.72 6.41 -27.40
N SER E 334 -44.69 6.97 -28.11
CA SER E 334 -46.00 6.31 -28.30
C SER E 334 -45.87 4.95 -28.99
N PHE E 335 -45.01 4.87 -30.00
CA PHE E 335 -44.77 3.63 -30.74
C PHE E 335 -44.00 2.62 -29.91
N ILE E 336 -42.96 3.09 -29.22
CA ILE E 336 -42.17 2.24 -28.31
C ILE E 336 -43.06 1.64 -27.22
N ALA E 337 -43.93 2.48 -26.65
CA ALA E 337 -44.90 2.02 -25.64
C ALA E 337 -45.64 0.79 -26.13
N LEU E 338 -46.18 0.90 -27.35
CA LEU E 338 -46.94 -0.19 -27.99
C LEU E 338 -46.10 -1.43 -28.20
N LEU E 339 -44.90 -1.26 -28.75
CA LEU E 339 -44.03 -2.40 -29.02
C LEU E 339 -43.64 -3.16 -27.76
N ARG E 340 -43.52 -2.47 -26.63
CA ARG E 340 -43.18 -3.11 -25.35
C ARG E 340 -44.37 -3.82 -24.68
N GLN E 341 -45.58 -3.33 -24.93
CA GLN E 341 -46.79 -4.09 -24.61
C GLN E 341 -46.82 -5.38 -25.42
N LYS E 342 -46.50 -5.26 -26.72
CA LYS E 342 -46.53 -6.39 -27.64
C LYS E 342 -45.35 -7.37 -27.51
N GLY E 343 -44.37 -7.07 -26.65
CA GLY E 343 -43.26 -7.97 -26.37
C GLY E 343 -42.11 -7.94 -27.38
N ILE E 344 -42.10 -6.92 -28.24
CA ILE E 344 -41.04 -6.75 -29.24
C ILE E 344 -39.89 -6.05 -28.50
N LYS E 345 -38.65 -6.48 -28.69
CA LYS E 345 -37.51 -5.81 -28.05
C LYS E 345 -37.19 -4.50 -28.74
N VAL E 346 -37.12 -3.43 -27.96
CA VAL E 346 -36.82 -2.09 -28.45
C VAL E 346 -35.45 -1.71 -27.95
N ILE E 347 -34.63 -1.20 -28.85
CA ILE E 347 -33.31 -0.68 -28.53
C ILE E 347 -33.38 0.79 -28.87
N LYS E 348 -33.09 1.65 -27.90
CA LYS E 348 -33.06 3.08 -28.14
C LYS E 348 -31.78 3.44 -28.90
N ALA E 349 -31.95 4.11 -30.04
CA ALA E 349 -30.84 4.43 -30.93
C ALA E 349 -29.94 5.51 -30.35
N LYS E 350 -28.65 5.43 -30.71
CA LYS E 350 -27.68 6.47 -30.36
C LYS E 350 -27.85 7.59 -31.37
N ASN E 351 -28.47 8.68 -30.93
CA ASN E 351 -28.95 9.73 -31.83
C ASN E 351 -27.95 10.89 -31.97
N ASP E 352 -26.71 10.56 -32.30
CA ASP E 352 -25.71 11.56 -32.70
C ASP E 352 -25.71 11.60 -34.21
N VAL E 353 -26.01 12.78 -34.76
CA VAL E 353 -26.13 12.93 -36.21
C VAL E 353 -24.75 12.86 -36.84
N LEU E 354 -23.88 13.79 -36.45
CA LEU E 354 -22.55 13.92 -37.06
C LEU E 354 -21.67 12.69 -36.81
N ASP E 355 -21.69 12.17 -35.59
CA ASP E 355 -20.93 10.96 -35.25
C ASP E 355 -21.46 9.72 -36.01
N GLY E 356 -22.79 9.64 -36.17
CA GLY E 356 -23.41 8.58 -36.95
C GLY E 356 -23.11 8.70 -38.43
N ILE E 357 -23.26 9.92 -38.97
CA ILE E 357 -22.92 10.23 -40.36
C ILE E 357 -21.48 9.83 -40.69
N ARG E 358 -20.55 10.07 -39.78
CA ARG E 358 -19.16 9.65 -39.98
C ARG E 358 -19.06 8.11 -40.00
N ASN E 359 -19.72 7.45 -39.06
CA ASN E 359 -19.68 5.98 -38.94
C ASN E 359 -20.34 5.26 -40.11
N VAL E 360 -21.43 5.82 -40.64
CA VAL E 360 -22.08 5.27 -41.84
C VAL E 360 -21.11 5.34 -43.03
N ALA E 361 -20.48 6.49 -43.20
CA ALA E 361 -19.45 6.69 -44.24
C ALA E 361 -18.28 5.72 -44.11
N THR E 362 -17.85 5.50 -42.86
CA THR E 362 -16.80 4.52 -42.55
C THR E 362 -17.25 3.11 -42.88
N ALA E 363 -18.48 2.77 -42.49
CA ALA E 363 -19.08 1.48 -42.83
C ALA E 363 -19.25 1.28 -44.35
N LEU E 364 -19.51 2.35 -45.09
CA LEU E 364 -19.51 2.29 -46.55
C LEU E 364 -18.11 2.11 -47.11
N ASN E 365 -17.16 2.89 -46.62
CA ASN E 365 -15.76 2.83 -47.06
C ASN E 365 -15.11 1.47 -46.78
N LYS E 366 -15.23 0.99 -45.55
CA LYS E 366 -14.67 -0.31 -45.15
C LYS E 366 -15.53 -1.52 -45.58
N LYS E 367 -16.78 -1.26 -45.95
CA LYS E 367 -17.78 -2.27 -46.36
C LYS E 367 -18.25 -3.18 -45.23
N MET E 368 -18.66 -2.57 -44.12
CA MET E 368 -19.38 -3.27 -43.08
C MET E 368 -20.86 -3.42 -43.47
N ILE E 369 -21.31 -2.67 -44.46
CA ILE E 369 -22.68 -2.78 -44.95
C ILE E 369 -22.74 -2.90 -46.49
N LEU E 370 -23.77 -3.61 -46.96
CA LEU E 370 -24.14 -3.67 -48.37
C LEU E 370 -25.64 -3.63 -48.43
N TYR E 371 -26.18 -3.29 -49.61
CA TYR E 371 -27.61 -3.03 -49.77
C TYR E 371 -28.21 -3.91 -50.85
N ASN E 372 -29.32 -4.59 -50.55
CA ASN E 372 -30.07 -5.30 -51.59
C ASN E 372 -30.64 -4.30 -52.61
N ASP E 373 -30.74 -4.70 -53.88
CA ASP E 373 -31.22 -3.80 -54.93
C ASP E 373 -32.67 -3.32 -54.76
N CYS E 374 -33.43 -3.99 -53.89
CA CYS E 374 -34.80 -3.57 -53.55
C CYS E 374 -34.90 -2.41 -52.53
N CYS E 375 -33.77 -1.91 -52.02
CA CYS E 375 -33.76 -0.72 -51.14
C CYS E 375 -33.68 0.55 -52.00
N LYS E 376 -34.70 0.76 -52.82
CA LYS E 376 -34.66 1.81 -53.85
C LYS E 376 -34.81 3.24 -53.30
N GLU E 377 -35.65 3.39 -52.27
CA GLU E 377 -35.87 4.70 -51.64
C GLU E 377 -34.61 5.19 -50.93
N THR E 378 -33.88 4.27 -50.32
CA THR E 378 -32.59 4.57 -49.69
C THR E 378 -31.57 5.13 -50.69
N PHE E 379 -31.54 4.57 -51.91
CA PHE E 379 -30.59 4.98 -52.94
C PHE E 379 -30.88 6.36 -53.51
N ARG E 380 -32.17 6.71 -53.62
CA ARG E 380 -32.56 8.06 -54.02
C ARG E 380 -32.14 9.08 -52.97
N GLU E 381 -32.27 8.70 -51.71
CA GLU E 381 -31.92 9.56 -50.60
C GLU E 381 -30.43 9.78 -50.49
N TYR E 382 -29.65 8.72 -50.68
CA TYR E 382 -28.20 8.83 -50.76
C TYR E 382 -27.73 9.88 -51.79
N SER E 383 -28.42 9.94 -52.93
CA SER E 383 -28.04 10.86 -54.01
C SER E 383 -28.46 12.33 -53.79
N SER E 384 -29.29 12.60 -52.79
CA SER E 384 -29.75 13.97 -52.47
C SER E 384 -29.35 14.50 -51.08
N TYR E 385 -28.88 13.63 -50.19
CA TYR E 385 -28.55 14.00 -48.81
C TYR E 385 -27.26 14.82 -48.78
N VAL E 386 -27.37 16.08 -48.37
CA VAL E 386 -26.30 17.08 -48.50
C VAL E 386 -26.11 17.87 -47.21
N TRP E 387 -24.91 18.42 -47.05
CA TRP E 387 -24.58 19.27 -45.90
C TRP E 387 -25.27 20.63 -46.00
N ASP E 388 -25.70 21.15 -44.84
CA ASP E 388 -26.30 22.49 -44.75
C ASP E 388 -25.21 23.56 -44.97
N GLU E 389 -25.36 24.34 -46.05
CA GLU E 389 -24.35 25.37 -46.42
C GLU E 389 -24.32 26.56 -45.46
N LYS E 390 -25.50 27.03 -45.04
CA LYS E 390 -25.60 28.17 -44.11
C LYS E 390 -24.99 27.80 -42.75
N ALA E 391 -25.32 26.62 -42.24
CA ALA E 391 -24.80 26.14 -40.96
C ALA E 391 -23.29 25.88 -40.95
N ALA E 392 -22.71 25.54 -42.10
CA ALA E 392 -21.28 25.27 -42.18
C ALA E 392 -20.46 26.54 -41.96
N GLU E 393 -20.86 27.64 -42.57
CA GLU E 393 -20.22 28.96 -42.35
C GLU E 393 -20.48 29.57 -40.96
N ARG E 394 -21.41 29.01 -40.20
CA ARG E 394 -21.56 29.31 -38.78
C ARG E 394 -20.75 28.35 -37.88
N GLY E 395 -19.90 27.51 -38.48
CA GLY E 395 -19.05 26.58 -37.74
C GLY E 395 -19.79 25.41 -37.12
N GLU E 396 -20.65 24.79 -37.90
CA GLU E 396 -21.57 23.77 -37.40
C GLU E 396 -21.95 22.79 -38.52
N ASP E 397 -21.40 21.59 -38.45
CA ASP E 397 -21.64 20.57 -39.49
C ASP E 397 -22.98 19.88 -39.28
N LYS E 398 -23.91 20.13 -40.20
CA LYS E 398 -25.24 19.53 -40.17
C LYS E 398 -25.69 19.11 -41.55
N PRO E 399 -26.63 18.14 -41.62
CA PRO E 399 -27.29 17.82 -42.88
C PRO E 399 -28.55 18.66 -43.10
N VAL E 400 -28.87 18.92 -44.36
CA VAL E 400 -30.18 19.47 -44.72
C VAL E 400 -31.21 18.37 -44.45
N LYS E 401 -32.08 18.60 -43.46
CA LYS E 401 -32.99 17.54 -42.98
C LYS E 401 -34.22 17.35 -43.88
N GLN E 402 -33.97 16.86 -45.09
CA GLN E 402 -35.01 16.59 -46.08
C GLN E 402 -34.60 15.40 -46.96
N ASN E 403 -35.50 14.41 -47.10
CA ASN E 403 -35.19 13.12 -47.73
C ASN E 403 -34.11 12.37 -46.95
N ASP E 404 -34.30 12.28 -45.64
CA ASP E 404 -33.31 11.69 -44.71
C ASP E 404 -33.91 10.52 -43.90
N HIS E 405 -34.92 9.87 -44.44
CA HIS E 405 -35.78 8.96 -43.67
C HIS E 405 -35.23 7.54 -43.62
N GLN E 406 -34.92 7.00 -44.80
CA GLN E 406 -34.19 5.74 -44.85
C GLN E 406 -32.77 5.92 -44.31
N LEU E 407 -32.17 7.07 -44.58
CA LEU E 407 -30.79 7.31 -44.14
C LEU E 407 -30.62 7.46 -42.63
N ASP E 408 -31.61 8.01 -41.93
CA ASP E 408 -31.58 8.08 -40.47
C ASP E 408 -31.64 6.68 -39.87
N ALA E 409 -32.59 5.87 -40.35
CA ALA E 409 -32.71 4.47 -39.95
C ALA E 409 -31.39 3.70 -40.12
N ASP E 410 -30.76 3.84 -41.29
CA ASP E 410 -29.43 3.27 -41.53
C ASP E 410 -28.44 3.78 -40.48
N ARG E 411 -28.44 5.10 -40.27
CA ARG E 411 -27.57 5.76 -39.30
C ARG E 411 -27.76 5.20 -37.89
N TYR E 412 -29.02 5.12 -37.45
CA TYR E 412 -29.34 4.52 -36.15
C TYR E 412 -28.77 3.11 -36.04
N PHE E 413 -28.99 2.30 -37.08
CA PHE E 413 -28.48 0.93 -37.11
C PHE E 413 -26.95 0.87 -37.02
N VAL E 414 -26.29 1.55 -37.95
CA VAL E 414 -24.81 1.55 -38.02
C VAL E 414 -24.21 2.09 -36.73
N ASN E 415 -24.77 3.19 -36.22
CA ASN E 415 -24.21 3.85 -35.05
C ASN E 415 -24.57 3.18 -33.71
N THR E 416 -25.47 2.19 -33.71
CA THR E 416 -25.84 1.45 -32.50
C THR E 416 -25.35 -0.02 -32.46
N ILE E 417 -25.31 -0.68 -33.62
CA ILE E 417 -24.92 -2.09 -33.73
C ILE E 417 -23.46 -2.27 -34.16
N LEU E 418 -23.05 -1.59 -35.23
CA LEU E 418 -21.68 -1.74 -35.77
C LEU E 418 -20.65 -1.03 -34.89
N PHE E 419 -20.90 0.25 -34.61
CA PHE E 419 -20.04 1.06 -33.75
C PHE E 419 -20.74 1.30 -32.41
N GLY E 420 -19.98 1.28 -31.32
CA GLY E 420 -20.56 1.42 -29.98
C GLY E 420 -21.35 0.20 -29.55
N GLN F 15 -18.23 -14.54 5.14
CA GLN F 15 -18.62 -15.98 5.33
C GLN F 15 -19.02 -16.63 4.00
N PRO F 16 -18.91 -17.97 3.90
CA PRO F 16 -19.27 -18.69 2.67
C PRO F 16 -20.79 -18.88 2.55
N PHE F 17 -21.28 -18.89 1.31
CA PHE F 17 -22.73 -18.78 1.03
C PHE F 17 -23.42 -20.14 0.88
N SER F 18 -24.72 -20.18 1.17
CA SER F 18 -25.62 -21.29 0.78
C SER F 18 -25.97 -21.25 -0.70
N LYS F 19 -26.62 -22.32 -1.16
CA LYS F 19 -27.14 -22.41 -2.53
C LYS F 19 -28.25 -21.39 -2.78
N LYS F 20 -29.09 -21.17 -1.75
CA LYS F 20 -30.12 -20.14 -1.77
C LYS F 20 -29.55 -18.72 -1.68
N GLN F 21 -28.50 -18.56 -0.87
CA GLN F 21 -27.75 -17.28 -0.81
C GLN F 21 -27.09 -16.98 -2.16
N LEU F 22 -26.55 -18.00 -2.81
CA LEU F 22 -25.97 -17.86 -4.14
C LEU F 22 -27.01 -17.41 -5.15
N LYS F 23 -28.23 -17.96 -5.02
CA LYS F 23 -29.36 -17.59 -5.89
C LYS F 23 -29.73 -16.09 -5.78
N VAL F 24 -29.47 -15.47 -4.63
CA VAL F 24 -29.64 -14.00 -4.46
C VAL F 24 -28.58 -13.23 -5.25
N LEU F 25 -27.37 -13.79 -5.33
CA LEU F 25 -26.28 -13.16 -6.08
C LEU F 25 -26.46 -13.28 -7.59
N THR F 26 -26.88 -14.45 -8.07
CA THR F 26 -26.88 -14.77 -9.52
C THR F 26 -28.17 -14.50 -10.32
N TRP F 27 -29.33 -14.41 -9.66
CA TRP F 27 -30.65 -14.39 -10.36
C TRP F 27 -30.79 -13.33 -11.45
N TRP F 28 -30.30 -12.12 -11.16
CA TRP F 28 -30.43 -10.96 -12.07
C TRP F 28 -29.56 -11.04 -13.32
N ARG F 29 -28.47 -11.81 -13.24
CA ARG F 29 -27.54 -11.98 -14.36
C ARG F 29 -28.26 -12.50 -15.60
N LYS F 30 -27.70 -12.23 -16.78
CA LYS F 30 -28.27 -12.70 -18.06
C LYS F 30 -28.33 -14.24 -18.16
N ALA F 31 -27.35 -14.91 -17.56
CA ALA F 31 -27.28 -16.38 -17.54
C ALA F 31 -28.47 -17.07 -16.87
N SER F 32 -28.97 -16.49 -15.79
CA SER F 32 -30.07 -17.09 -15.01
C SER F 32 -31.40 -17.11 -15.78
N PRO F 33 -32.26 -18.10 -15.49
CA PRO F 33 -33.55 -18.26 -16.19
C PRO F 33 -34.62 -17.27 -15.75
N VAL F 34 -34.51 -16.78 -14.52
CA VAL F 34 -35.54 -15.97 -13.87
C VAL F 34 -35.23 -14.45 -13.92
N SER F 35 -34.41 -14.04 -14.89
CA SER F 35 -33.89 -12.67 -15.00
C SER F 35 -34.89 -11.65 -15.51
N ASP F 36 -35.96 -12.11 -16.17
CA ASP F 36 -37.03 -11.24 -16.68
C ASP F 36 -37.83 -10.57 -15.56
N LYS F 37 -37.79 -11.15 -14.35
CA LYS F 37 -38.55 -10.68 -13.20
C LYS F 37 -38.29 -9.21 -12.86
N ASP F 38 -39.33 -8.56 -12.33
CA ASP F 38 -39.26 -7.15 -11.93
C ASP F 38 -38.62 -6.97 -10.55
N GLY F 39 -38.26 -8.07 -9.88
CA GLY F 39 -37.66 -7.99 -8.56
C GLY F 39 -37.56 -9.29 -7.79
N ILE F 40 -37.41 -9.17 -6.47
CA ILE F 40 -37.10 -10.29 -5.60
C ILE F 40 -37.55 -10.01 -4.16
N ILE F 41 -38.02 -11.06 -3.48
CA ILE F 41 -38.42 -10.98 -2.08
C ILE F 41 -37.68 -12.07 -1.30
N CYS F 42 -36.96 -11.67 -0.26
CA CYS F 42 -36.34 -12.60 0.66
C CYS F 42 -36.94 -12.41 2.04
N ASP F 43 -37.80 -13.33 2.43
CA ASP F 43 -38.31 -13.39 3.79
C ASP F 43 -37.73 -14.63 4.48
N GLY F 44 -38.08 -14.81 5.75
CA GLY F 44 -37.66 -15.97 6.53
C GLY F 44 -37.02 -15.58 7.84
N SER F 45 -36.32 -16.54 8.44
CA SER F 45 -35.77 -16.40 9.79
C SER F 45 -34.66 -15.35 9.92
N ILE F 46 -34.43 -14.93 11.16
CA ILE F 46 -33.24 -14.15 11.51
C ILE F 46 -31.96 -14.96 11.31
N ARG F 47 -30.82 -14.26 11.36
CA ARG F 47 -29.50 -14.89 11.25
C ARG F 47 -29.44 -15.81 10.03
N ALA F 48 -30.03 -15.35 8.93
CA ALA F 48 -30.11 -16.12 7.68
C ALA F 48 -29.01 -15.72 6.67
N GLY F 49 -28.40 -14.56 6.87
CA GLY F 49 -27.42 -14.03 5.93
C GLY F 49 -28.05 -13.57 4.63
N LYS F 50 -29.30 -13.16 4.70
CA LYS F 50 -30.01 -12.62 3.54
C LYS F 50 -29.81 -11.11 3.45
N THR F 51 -29.88 -10.42 4.59
CA THR F 51 -29.64 -8.96 4.67
C THR F 51 -28.31 -8.51 4.00
N ILE F 52 -27.26 -9.31 4.17
CA ILE F 52 -25.92 -8.97 3.71
C ILE F 52 -25.73 -9.32 2.24
N VAL F 53 -26.09 -10.55 1.87
CA VAL F 53 -25.94 -10.99 0.47
C VAL F 53 -26.88 -10.28 -0.49
N MET F 54 -28.02 -9.81 0.01
CA MET F 54 -28.97 -9.08 -0.82
C MET F 54 -28.53 -7.64 -1.03
N SER F 55 -27.99 -7.03 0.02
CA SER F 55 -27.36 -5.70 -0.11
C SER F 55 -26.21 -5.72 -1.12
N PHE F 56 -25.36 -6.75 -1.04
CA PHE F 56 -24.22 -6.88 -1.96
C PHE F 56 -24.64 -7.21 -3.39
N SER F 57 -25.66 -8.05 -3.54
CA SER F 57 -26.24 -8.37 -4.85
C SER F 57 -26.96 -7.15 -5.46
N TYR F 58 -27.53 -6.30 -4.62
CA TYR F 58 -28.15 -5.04 -5.08
C TYR F 58 -27.13 -4.09 -5.71
N VAL F 59 -25.98 -3.96 -5.07
CA VAL F 59 -24.92 -3.09 -5.58
C VAL F 59 -24.32 -3.72 -6.84
N MET F 60 -24.00 -5.01 -6.78
CA MET F 60 -23.47 -5.76 -7.95
C MET F 60 -24.35 -5.56 -9.19
N TRP F 61 -25.62 -5.92 -9.06
CA TRP F 61 -26.61 -5.71 -10.10
C TRP F 61 -26.61 -4.27 -10.60
N ALA F 62 -26.65 -3.32 -9.66
CA ALA F 62 -26.77 -1.89 -9.98
C ALA F 62 -25.54 -1.33 -10.71
N MET F 63 -24.35 -1.67 -10.24
CA MET F 63 -23.12 -1.18 -10.86
C MET F 63 -22.86 -1.80 -12.23
N ASP F 64 -23.32 -3.04 -12.43
CA ASP F 64 -23.25 -3.72 -13.73
C ASP F 64 -24.24 -3.13 -14.76
N THR F 65 -25.51 -3.04 -14.38
CA THR F 65 -26.60 -2.81 -15.32
C THR F 65 -26.85 -1.33 -15.67
N PHE F 66 -26.33 -0.40 -14.87
CA PHE F 66 -26.58 1.03 -15.09
C PHE F 66 -25.32 1.88 -14.94
N ASN F 67 -25.44 3.14 -15.33
CA ASN F 67 -24.35 4.12 -15.15
C ASN F 67 -24.89 5.54 -15.05
N GLU F 68 -24.34 6.31 -14.09
CA GLU F 68 -24.85 7.63 -13.71
C GLU F 68 -26.35 7.63 -13.39
N GLN F 69 -26.78 6.59 -12.67
CA GLN F 69 -28.18 6.40 -12.26
C GLN F 69 -28.31 6.35 -10.75
N ASN F 70 -29.46 6.81 -10.26
CA ASN F 70 -29.77 6.81 -8.84
C ASN F 70 -30.35 5.47 -8.41
N PHE F 71 -30.26 5.19 -7.11
CA PHE F 71 -30.75 3.94 -6.53
C PHE F 71 -31.21 4.20 -5.11
N GLY F 72 -32.16 3.41 -4.65
CA GLY F 72 -32.75 3.61 -3.32
C GLY F 72 -32.50 2.46 -2.37
N MET F 73 -32.28 2.79 -1.10
CA MET F 73 -32.11 1.80 -0.03
C MET F 73 -32.89 2.30 1.17
N ALA F 74 -33.72 1.43 1.74
CA ALA F 74 -34.66 1.82 2.80
C ALA F 74 -34.60 0.89 4.03
N GLY F 75 -34.76 1.49 5.20
CA GLY F 75 -34.86 0.77 6.47
C GLY F 75 -35.87 1.47 7.36
N LYS F 76 -36.07 0.95 8.57
CA LYS F 76 -37.06 1.49 9.53
C LYS F 76 -36.82 2.99 9.77
N THR F 77 -35.56 3.33 9.96
CA THR F 77 -35.07 4.71 9.87
C THR F 77 -33.72 4.64 9.16
N ILE F 78 -33.16 5.82 8.86
CA ILE F 78 -31.84 5.89 8.24
C ILE F 78 -30.76 5.42 9.22
N GLY F 79 -31.01 5.64 10.52
CA GLY F 79 -30.13 5.12 11.57
C GLY F 79 -30.03 3.61 11.57
N ALA F 80 -31.19 2.95 11.53
CA ALA F 80 -31.24 1.48 11.51
C ALA F 80 -30.64 0.91 10.23
N LEU F 81 -31.00 1.51 9.10
CA LEU F 81 -30.47 1.14 7.78
C LEU F 81 -28.94 1.19 7.76
N ARG F 82 -28.39 2.31 8.25
CA ARG F 82 -26.93 2.49 8.31
C ARG F 82 -26.24 1.51 9.24
N ARG F 83 -26.92 1.16 10.33
CA ARG F 83 -26.38 0.25 11.34
C ARG F 83 -26.36 -1.20 10.85
N ASN F 84 -27.48 -1.65 10.29
CA ASN F 84 -27.67 -3.06 9.90
C ASN F 84 -27.22 -3.39 8.49
N VAL F 85 -27.31 -2.43 7.57
CA VAL F 85 -27.01 -2.66 6.15
C VAL F 85 -25.76 -1.92 5.66
N ILE F 86 -25.74 -0.58 5.77
CA ILE F 86 -24.72 0.23 5.06
C ILE F 86 -23.29 0.04 5.61
N THR F 87 -23.09 0.16 6.92
CA THR F 87 -21.73 0.08 7.46
C THR F 87 -21.11 -1.32 7.31
N PRO F 88 -21.91 -2.42 7.49
CA PRO F 88 -21.38 -3.70 6.98
C PRO F 88 -21.13 -3.69 5.46
N LEU F 89 -22.12 -3.25 4.68
CA LEU F 89 -22.03 -3.28 3.21
C LEU F 89 -20.79 -2.58 2.61
N LYS F 90 -20.40 -1.43 3.18
CA LYS F 90 -19.23 -0.68 2.67
C LYS F 90 -17.91 -1.42 2.88
N ARG F 91 -17.76 -2.08 4.02
CA ARG F 91 -16.56 -2.89 4.32
C ARG F 91 -16.43 -4.04 3.31
N MET F 92 -17.57 -4.65 2.98
CA MET F 92 -17.64 -5.73 1.99
C MET F 92 -17.38 -5.21 0.56
N LEU F 93 -18.06 -4.13 0.17
CA LEU F 93 -17.85 -3.52 -1.15
C LEU F 93 -16.39 -3.08 -1.34
N LYS F 94 -15.83 -2.41 -0.33
CA LYS F 94 -14.42 -1.97 -0.35
C LYS F 94 -13.46 -3.12 -0.68
N SER F 95 -13.49 -4.17 0.13
CA SER F 95 -12.52 -5.27 0.04
C SER F 95 -12.58 -6.07 -1.26
N ARG F 96 -13.77 -6.17 -1.87
CA ARG F 96 -13.95 -6.81 -3.18
C ARG F 96 -13.76 -5.87 -4.39
N GLY F 97 -13.22 -4.66 -4.15
CA GLY F 97 -12.79 -3.75 -5.23
C GLY F 97 -13.64 -2.53 -5.52
N TYR F 98 -14.84 -2.45 -4.96
CA TYR F 98 -15.76 -1.33 -5.23
C TYR F 98 -15.28 -0.08 -4.49
N ARG F 99 -15.28 1.06 -5.18
CA ARG F 99 -14.87 2.34 -4.58
C ARG F 99 -16.12 3.08 -4.07
N VAL F 100 -16.21 3.20 -2.75
CA VAL F 100 -17.36 3.81 -2.07
C VAL F 100 -17.00 5.18 -1.52
N LYS F 101 -17.98 6.07 -1.50
CA LYS F 101 -17.86 7.40 -0.89
C LYS F 101 -19.20 7.83 -0.28
N ASP F 102 -19.19 8.08 1.03
CA ASP F 102 -20.40 8.40 1.78
C ASP F 102 -20.54 9.90 1.89
N HIS F 103 -21.67 10.44 1.43
CA HIS F 103 -22.05 11.82 1.72
C HIS F 103 -22.75 11.78 3.07
N ARG F 104 -21.94 11.74 4.13
CA ARG F 104 -22.41 11.32 5.47
C ARG F 104 -23.67 12.06 5.93
N ALA F 105 -23.63 13.39 5.86
CA ALA F 105 -24.75 14.23 6.28
C ALA F 105 -25.89 14.28 5.24
N ASP F 106 -25.55 14.32 3.95
CA ASP F 106 -26.56 14.35 2.86
C ASP F 106 -27.38 13.07 2.68
N ASN F 107 -26.99 11.96 3.35
CA ASN F 107 -27.75 10.69 3.37
C ASN F 107 -27.84 9.97 2.00
N TYR F 108 -26.70 9.87 1.31
CA TYR F 108 -26.57 9.06 0.09
C TYR F 108 -25.09 8.70 -0.17
N LEU F 109 -24.88 7.59 -0.87
CA LEU F 109 -23.55 7.08 -1.21
C LEU F 109 -23.30 7.24 -2.71
N THR F 110 -22.03 7.27 -3.10
CA THR F 110 -21.65 7.26 -4.52
C THR F 110 -20.58 6.17 -4.75
N ILE F 111 -21.07 4.98 -5.08
CA ILE F 111 -20.21 3.81 -5.34
C ILE F 111 -19.73 3.91 -6.79
N THR F 112 -18.55 3.35 -7.04
CA THR F 112 -18.01 3.32 -8.40
C THR F 112 -17.07 2.12 -8.55
N PHE F 113 -17.13 1.50 -9.73
CA PHE F 113 -16.55 0.16 -9.95
C PHE F 113 -16.33 -0.16 -11.43
N LYS F 114 -15.20 -0.80 -11.73
CA LYS F 114 -14.77 -1.17 -13.09
C LYS F 114 -15.29 -0.24 -14.19
N GLY F 115 -15.09 1.06 -13.98
CA GLY F 115 -15.49 2.09 -14.91
C GLY F 115 -16.81 2.77 -14.57
N LYS F 116 -17.78 1.99 -14.08
CA LYS F 116 -19.13 2.50 -13.84
C LYS F 116 -19.24 3.32 -12.55
N THR F 117 -20.26 4.19 -12.50
CA THR F 117 -20.52 5.07 -11.37
C THR F 117 -22.03 5.26 -11.20
N ASN F 118 -22.55 5.00 -10.00
CA ASN F 118 -23.99 5.18 -9.68
C ASN F 118 -24.17 5.78 -8.28
N TYR F 119 -25.38 6.25 -8.00
CA TYR F 119 -25.69 6.99 -6.78
C TYR F 119 -26.74 6.21 -6.01
N PHE F 120 -26.51 6.03 -4.70
CA PHE F 120 -27.35 5.19 -3.87
C PHE F 120 -27.87 6.02 -2.72
N TYR F 121 -29.17 6.33 -2.74
CA TYR F 121 -29.79 7.21 -1.75
C TYR F 121 -30.42 6.39 -0.61
N LEU F 122 -30.20 6.88 0.62
CA LEU F 122 -30.68 6.22 1.84
C LEU F 122 -31.97 6.88 2.28
N PHE F 123 -33.00 6.07 2.55
CA PHE F 123 -34.30 6.57 2.98
C PHE F 123 -34.72 5.90 4.30
N GLY F 124 -35.65 6.54 5.00
CA GLY F 124 -36.27 5.97 6.20
C GLY F 124 -37.78 6.02 6.08
N GLY F 125 -38.45 4.95 6.53
CA GLY F 125 -39.91 4.83 6.47
C GLY F 125 -40.51 4.44 7.81
N LYS F 126 -40.47 5.37 8.76
CA LYS F 126 -40.89 5.13 10.16
C LYS F 126 -42.37 5.40 10.40
N ASP F 127 -42.81 6.60 10.01
CA ASP F 127 -44.19 7.06 10.22
C ASP F 127 -45.00 6.99 8.92
N GLU F 128 -46.27 7.40 9.00
CA GLU F 128 -47.14 7.54 7.83
C GLU F 128 -46.72 8.72 6.93
N SER F 129 -45.95 9.67 7.48
CA SER F 129 -45.42 10.82 6.73
C SER F 129 -43.93 10.63 6.37
N SER F 130 -43.62 9.53 5.70
CA SER F 130 -42.27 9.23 5.21
C SER F 130 -42.13 9.23 3.68
N GLN F 131 -43.21 8.90 2.95
CA GLN F 131 -43.29 9.08 1.48
C GLN F 131 -43.00 10.51 0.97
N ASP F 132 -43.25 11.52 1.81
CA ASP F 132 -42.98 12.94 1.49
C ASP F 132 -41.54 13.22 1.03
N LEU F 133 -40.58 12.44 1.53
CA LEU F 133 -39.17 12.56 1.14
C LEU F 133 -38.92 12.00 -0.27
N ILE F 134 -39.28 10.74 -0.46
CA ILE F 134 -39.05 10.03 -1.73
C ILE F 134 -40.09 10.40 -2.80
N GLN F 135 -39.91 11.59 -3.38
CA GLN F 135 -40.83 12.13 -4.41
C GLN F 135 -40.10 12.50 -5.70
N GLY F 136 -39.29 13.56 -5.64
CA GLY F 136 -38.60 14.11 -6.81
C GLY F 136 -37.48 13.26 -7.39
N ILE F 137 -37.01 12.28 -6.62
CA ILE F 137 -35.98 11.36 -7.07
C ILE F 137 -36.56 10.39 -8.12
N THR F 138 -35.72 9.97 -9.06
CA THR F 138 -36.09 8.98 -10.08
C THR F 138 -35.10 7.82 -9.97
N LEU F 139 -35.58 6.60 -9.78
CA LEU F 139 -34.74 5.48 -9.35
C LEU F 139 -34.65 4.31 -10.34
N ALA F 140 -33.42 3.89 -10.62
CA ALA F 140 -33.18 2.71 -11.43
C ALA F 140 -33.39 1.41 -10.64
N GLY F 141 -33.68 1.53 -9.35
CA GLY F 141 -34.05 0.38 -8.53
C GLY F 141 -34.37 0.78 -7.10
N MET F 142 -34.56 -0.22 -6.24
CA MET F 142 -34.93 0.03 -4.85
C MET F 142 -34.66 -1.18 -3.98
N PHE F 143 -34.12 -0.93 -2.80
CA PHE F 143 -33.81 -1.97 -1.83
C PHE F 143 -34.55 -1.65 -0.55
N PHE F 144 -35.25 -2.64 0.01
CA PHE F 144 -35.94 -2.49 1.29
C PHE F 144 -35.44 -3.54 2.27
N ASP F 145 -35.02 -3.11 3.46
CA ASP F 145 -34.60 -4.03 4.53
C ASP F 145 -35.56 -3.92 5.71
N GLU F 146 -36.11 -5.06 6.13
CA GLU F 146 -37.20 -5.14 7.10
C GLU F 146 -38.44 -4.41 6.57
N VAL F 147 -38.88 -4.76 5.36
CA VAL F 147 -40.03 -4.07 4.75
C VAL F 147 -41.32 -4.21 5.58
N ALA F 148 -41.41 -5.30 6.34
CA ALA F 148 -42.48 -5.54 7.32
C ALA F 148 -42.74 -4.38 8.30
N LEU F 149 -41.68 -3.71 8.75
CA LEU F 149 -41.80 -2.60 9.72
C LEU F 149 -42.16 -1.24 9.08
N MET F 150 -42.21 -1.18 7.75
CA MET F 150 -42.47 0.06 7.03
C MET F 150 -43.97 0.22 6.76
N PRO F 151 -44.43 1.45 6.50
CA PRO F 151 -45.82 1.64 6.08
C PRO F 151 -46.05 1.31 4.60
N GLU F 152 -47.26 0.87 4.27
CA GLU F 152 -47.67 0.54 2.90
C GLU F 152 -47.54 1.75 1.96
N SER F 153 -47.85 2.93 2.47
CA SER F 153 -47.78 4.18 1.70
C SER F 153 -46.38 4.45 1.18
N PHE F 154 -45.40 4.41 2.07
CA PHE F 154 -44.01 4.67 1.72
C PHE F 154 -43.56 3.80 0.56
N VAL F 155 -43.78 2.49 0.67
CA VAL F 155 -43.29 1.55 -0.35
C VAL F 155 -43.94 1.73 -1.72
N ASN F 156 -45.19 2.16 -1.75
CA ASN F 156 -45.89 2.44 -2.99
C ASN F 156 -45.34 3.72 -3.64
N GLN F 157 -45.24 4.78 -2.84
CA GLN F 157 -44.65 6.05 -3.29
C GLN F 157 -43.16 5.88 -3.64
N ALA F 158 -42.49 4.91 -3.01
CA ALA F 158 -41.12 4.56 -3.34
C ALA F 158 -41.03 3.83 -4.67
N THR F 159 -41.76 2.73 -4.79
CA THR F 159 -41.75 1.90 -6.00
C THR F 159 -42.32 2.64 -7.22
N ALA F 160 -43.30 3.52 -7.00
CA ALA F 160 -43.83 4.38 -8.06
C ALA F 160 -42.76 5.28 -8.67
N ARG F 161 -41.83 5.76 -7.83
CA ARG F 161 -40.72 6.62 -8.28
C ARG F 161 -39.57 5.87 -9.02
N CYS F 162 -39.66 4.54 -9.14
CA CYS F 162 -38.68 3.75 -9.92
C CYS F 162 -39.07 3.67 -11.41
N SER F 163 -39.03 4.81 -12.09
CA SER F 163 -39.50 4.94 -13.47
C SER F 163 -38.35 4.96 -14.47
N VAL F 164 -37.70 3.81 -14.63
CA VAL F 164 -36.58 3.63 -15.57
C VAL F 164 -36.66 2.22 -16.14
N ASP F 165 -36.41 2.07 -17.44
CA ASP F 165 -36.43 0.76 -18.09
C ASP F 165 -35.27 -0.11 -17.57
N GLY F 166 -35.54 -1.39 -17.32
CA GLY F 166 -34.59 -2.32 -16.70
C GLY F 166 -34.65 -2.39 -15.18
N ALA F 167 -35.46 -1.51 -14.54
CA ALA F 167 -35.47 -1.37 -13.08
C ALA F 167 -36.03 -2.60 -12.37
N LYS F 168 -35.52 -2.83 -11.15
CA LYS F 168 -35.88 -3.99 -10.33
C LYS F 168 -36.19 -3.55 -8.89
N LEU F 169 -36.91 -4.40 -8.16
CA LEU F 169 -37.28 -4.14 -6.75
C LEU F 169 -36.77 -5.25 -5.84
N TRP F 170 -36.08 -4.89 -4.77
CA TRP F 170 -35.47 -5.86 -3.85
C TRP F 170 -36.09 -5.70 -2.48
N PHE F 171 -36.66 -6.79 -1.96
CA PHE F 171 -37.40 -6.77 -0.70
C PHE F 171 -36.81 -7.78 0.28
N ASN F 172 -36.52 -7.32 1.48
CA ASN F 172 -35.98 -8.17 2.53
C ASN F 172 -36.83 -7.98 3.79
N CYS F 173 -37.06 -9.06 4.53
CA CYS F 173 -37.84 -8.98 5.77
C CYS F 173 -37.78 -10.23 6.65
N ASN F 174 -38.17 -10.05 7.91
CA ASN F 174 -38.54 -11.16 8.78
C ASN F 174 -40.07 -11.17 8.88
N PRO F 175 -40.69 -12.36 9.02
CA PRO F 175 -42.15 -12.47 8.95
C PRO F 175 -42.91 -11.71 10.04
N ALA F 176 -44.07 -11.18 9.68
CA ALA F 176 -45.06 -10.63 10.60
C ALA F 176 -46.32 -11.52 10.55
N GLY F 177 -47.49 -10.95 10.86
CA GLY F 177 -48.77 -11.67 10.76
C GLY F 177 -49.23 -11.79 9.31
N PRO F 178 -50.00 -12.85 8.98
CA PRO F 178 -50.38 -13.09 7.58
C PRO F 178 -51.40 -12.09 7.02
N TYR F 179 -52.07 -11.33 7.89
CA TYR F 179 -52.90 -10.20 7.44
C TYR F 179 -52.10 -8.91 7.19
N HIS F 180 -50.79 -8.93 7.46
CA HIS F 180 -49.92 -7.78 7.21
C HIS F 180 -49.83 -7.50 5.71
N TRP F 181 -49.81 -6.23 5.35
CA TRP F 181 -49.96 -5.82 3.94
C TRP F 181 -48.93 -6.43 2.99
N PHE F 182 -47.69 -6.63 3.45
CA PHE F 182 -46.66 -7.23 2.62
C PHE F 182 -46.95 -8.69 2.24
N LYS F 183 -47.55 -9.46 3.14
CA LYS F 183 -48.00 -10.82 2.83
C LYS F 183 -49.19 -10.82 1.87
N VAL F 184 -50.15 -9.93 2.14
CA VAL F 184 -51.36 -9.80 1.34
C VAL F 184 -51.07 -9.31 -0.09
N GLU F 185 -50.33 -8.21 -0.20
CA GLU F 185 -50.13 -7.50 -1.48
C GLU F 185 -48.98 -8.00 -2.38
N TYR F 186 -48.02 -8.73 -1.81
CA TYR F 186 -46.83 -9.18 -2.56
C TYR F 186 -46.67 -10.70 -2.56
N LEU F 187 -46.53 -11.30 -1.39
CA LEU F 187 -46.20 -12.73 -1.31
C LEU F 187 -47.31 -13.66 -1.82
N ASP F 188 -48.57 -13.23 -1.68
CA ASP F 188 -49.70 -13.94 -2.29
C ASP F 188 -49.87 -13.50 -3.75
N LYS F 189 -49.93 -12.19 -3.96
CA LYS F 189 -49.97 -11.60 -5.31
C LYS F 189 -48.56 -11.57 -5.96
N LEU F 190 -48.00 -12.75 -6.21
CA LEU F 190 -46.61 -12.87 -6.66
C LEU F 190 -46.49 -12.90 -8.18
N ASP F 191 -47.37 -13.68 -8.82
CA ASP F 191 -47.41 -13.78 -10.29
C ASP F 191 -47.85 -12.49 -10.96
N GLU F 192 -48.64 -11.67 -10.25
CA GLU F 192 -49.06 -10.35 -10.74
C GLU F 192 -47.85 -9.42 -10.88
N LYS F 193 -47.15 -9.19 -9.77
CA LYS F 193 -46.08 -8.20 -9.70
C LYS F 193 -44.74 -8.68 -10.30
N ASN F 194 -44.65 -9.98 -10.61
CA ASN F 194 -43.53 -10.55 -11.37
C ASN F 194 -42.25 -10.51 -10.51
N LEU F 195 -42.35 -11.10 -9.32
CA LEU F 195 -41.28 -11.08 -8.33
C LEU F 195 -40.80 -12.51 -8.05
N LEU F 196 -39.49 -12.71 -7.98
CA LEU F 196 -38.94 -13.97 -7.48
C LEU F 196 -39.14 -14.04 -5.96
N HIS F 197 -39.27 -15.24 -5.43
CA HIS F 197 -39.42 -15.45 -3.99
C HIS F 197 -38.47 -16.51 -3.48
N LEU F 198 -37.90 -16.26 -2.31
CA LEU F 198 -36.92 -17.14 -1.69
C LEU F 198 -37.09 -17.10 -0.18
N HIS F 199 -37.63 -18.17 0.39
CA HIS F 199 -37.82 -18.26 1.84
C HIS F 199 -36.52 -18.72 2.48
N PHE F 200 -36.15 -18.08 3.60
CA PHE F 200 -34.91 -18.39 4.31
C PHE F 200 -35.11 -19.02 5.69
N THR F 201 -34.21 -19.93 6.03
CA THR F 201 -34.14 -20.61 7.31
C THR F 201 -32.68 -20.53 7.78
N MET F 202 -32.38 -21.04 8.97
CA MET F 202 -30.98 -21.10 9.43
C MET F 202 -30.13 -22.15 8.70
N ASP F 203 -30.79 -23.07 7.97
CA ASP F 203 -30.10 -23.95 7.00
C ASP F 203 -29.40 -23.16 5.89
N ASP F 204 -30.00 -22.05 5.46
CA ASP F 204 -29.43 -21.19 4.40
C ASP F 204 -28.18 -20.41 4.86
N ASN F 205 -28.03 -20.19 6.17
CA ASN F 205 -26.84 -19.57 6.74
C ASN F 205 -25.83 -20.66 7.13
N LEU F 206 -24.65 -20.63 6.53
CA LEU F 206 -23.64 -21.68 6.72
C LEU F 206 -22.71 -21.37 7.90
N SER F 207 -22.34 -20.10 8.05
CA SER F 207 -21.45 -19.67 9.15
C SER F 207 -22.04 -19.89 10.56
N LEU F 208 -23.36 -20.00 10.67
CA LEU F 208 -24.01 -20.50 11.89
C LEU F 208 -23.82 -22.01 11.94
N SER F 209 -23.25 -22.51 13.03
CA SER F 209 -22.90 -23.94 13.15
C SER F 209 -24.08 -24.81 13.56
N LYS F 210 -23.90 -26.13 13.44
CA LYS F 210 -24.90 -27.12 13.86
C LYS F 210 -25.09 -27.15 15.38
N GLN F 211 -24.02 -26.82 16.12
CA GLN F 211 -24.10 -26.61 17.57
C GLN F 211 -24.79 -25.28 17.90
N VAL F 212 -24.42 -24.22 17.18
CA VAL F 212 -25.00 -22.88 17.39
C VAL F 212 -26.48 -22.74 16.98
N LYS F 213 -26.99 -23.65 16.14
CA LYS F 213 -28.40 -23.64 15.72
C LYS F 213 -29.37 -24.26 16.75
N GLU F 214 -28.94 -25.28 17.47
CA GLU F 214 -29.69 -25.81 18.61
C GLU F 214 -29.70 -24.84 19.81
N ARG F 215 -28.75 -23.89 19.81
CA ARG F 215 -28.73 -22.78 20.77
C ARG F 215 -29.79 -21.72 20.40
N TYR F 216 -29.80 -21.29 19.13
CA TYR F 216 -30.85 -20.38 18.59
C TYR F 216 -32.27 -20.98 18.64
N GLN F 217 -32.39 -22.30 18.61
CA GLN F 217 -33.67 -23.02 18.82
C GLN F 217 -34.14 -22.96 20.29
N ARG F 218 -33.19 -22.90 21.22
CA ARG F 218 -33.47 -22.60 22.63
C ARG F 218 -33.86 -21.13 22.85
N MET F 219 -33.20 -20.22 22.13
CA MET F 219 -33.43 -18.76 22.24
C MET F 219 -34.88 -18.29 22.06
N TYR F 220 -35.60 -18.89 21.11
CA TYR F 220 -36.97 -18.48 20.78
C TYR F 220 -37.98 -19.58 21.06
N LYS F 221 -39.16 -19.18 21.53
CA LYS F 221 -40.28 -20.11 21.72
C LYS F 221 -41.61 -19.39 21.54
N GLY F 222 -42.62 -20.16 21.12
CA GLY F 222 -43.97 -19.66 20.87
C GLY F 222 -44.12 -19.00 19.51
N VAL F 223 -45.00 -18.00 19.46
CA VAL F 223 -45.18 -17.14 18.28
C VAL F 223 -43.86 -16.68 17.64
N PHE F 224 -42.91 -16.27 18.47
CA PHE F 224 -41.62 -15.73 18.00
C PHE F 224 -40.71 -16.80 17.37
N TYR F 225 -40.85 -18.03 17.83
CA TYR F 225 -40.16 -19.18 17.23
C TYR F 225 -40.76 -19.46 15.85
N GLN F 226 -42.08 -19.46 15.75
CA GLN F 226 -42.74 -19.66 14.46
C GLN F 226 -42.38 -18.57 13.44
N ARG F 227 -42.37 -17.32 13.88
CA ARG F 227 -41.93 -16.20 13.02
C ARG F 227 -40.42 -16.19 12.77
N TYR F 228 -39.64 -15.88 13.81
CA TYR F 228 -38.21 -15.56 13.63
C TYR F 228 -37.25 -16.76 13.51
N ILE F 229 -37.70 -17.99 13.78
CA ILE F 229 -36.86 -19.19 13.57
C ILE F 229 -37.37 -20.04 12.39
N LEU F 230 -38.63 -20.43 12.43
CA LEU F 230 -39.25 -21.22 11.35
C LEU F 230 -39.62 -20.38 10.12
N GLY F 231 -39.61 -19.05 10.25
CA GLY F 231 -39.79 -18.16 9.12
C GLY F 231 -41.21 -18.06 8.62
N LEU F 232 -42.19 -18.38 9.48
CA LEU F 232 -43.60 -18.46 9.08
C LEU F 232 -44.39 -17.19 9.39
N TRP F 233 -45.41 -16.91 8.57
CA TRP F 233 -46.28 -15.73 8.76
C TRP F 233 -47.50 -16.10 9.60
N VAL F 234 -47.34 -16.06 10.93
CA VAL F 234 -48.36 -16.55 11.86
C VAL F 234 -48.97 -15.41 12.68
N LEU F 235 -50.23 -15.58 13.04
CA LEU F 235 -50.97 -14.55 13.75
C LEU F 235 -50.57 -14.49 15.22
N ALA F 236 -50.44 -13.28 15.75
CA ALA F 236 -50.18 -13.08 17.17
C ALA F 236 -51.50 -13.25 17.94
N GLU F 237 -51.55 -14.24 18.83
CA GLU F 237 -52.78 -14.58 19.56
C GLU F 237 -52.60 -14.42 21.07
N GLY F 238 -53.65 -13.89 21.72
CA GLY F 238 -53.78 -13.91 23.18
C GLY F 238 -52.55 -13.49 23.96
N ILE F 239 -52.10 -14.36 24.87
CA ILE F 239 -50.98 -14.05 25.76
C ILE F 239 -49.69 -13.79 24.97
N ILE F 240 -49.05 -12.66 25.27
CA ILE F 240 -47.81 -12.25 24.61
C ILE F 240 -46.63 -13.08 25.12
N TYR F 241 -46.38 -13.01 26.42
CA TYR F 241 -45.26 -13.71 27.05
C TYR F 241 -45.69 -15.10 27.53
N ASP F 242 -46.08 -15.94 26.59
CA ASP F 242 -46.51 -17.31 26.89
C ASP F 242 -45.38 -18.23 27.37
N MET F 243 -44.13 -17.81 27.19
CA MET F 243 -42.95 -18.52 27.72
C MET F 243 -42.65 -18.21 29.19
N PHE F 244 -43.36 -17.28 29.81
CA PHE F 244 -43.15 -17.00 31.23
C PHE F 244 -43.58 -18.22 32.05
N ASP F 245 -42.80 -18.50 33.10
CA ASP F 245 -42.86 -19.78 33.79
C ASP F 245 -42.33 -19.66 35.22
N GLN F 246 -43.24 -19.61 36.19
CA GLN F 246 -42.87 -19.34 37.59
C GLN F 246 -42.04 -20.45 38.28
N ASP F 247 -42.03 -21.65 37.69
CA ASP F 247 -41.05 -22.68 38.07
C ASP F 247 -39.63 -22.21 37.71
N GLU F 248 -39.48 -21.61 36.53
CA GLU F 248 -38.17 -21.28 35.95
C GLU F 248 -37.66 -19.91 36.38
N HIS F 249 -38.43 -18.86 36.10
CA HIS F 249 -37.95 -17.47 36.14
C HIS F 249 -37.95 -16.83 37.52
N VAL F 250 -38.94 -17.17 38.34
CA VAL F 250 -39.05 -16.62 39.68
C VAL F 250 -38.09 -17.36 40.60
N VAL F 251 -37.43 -16.60 41.47
CA VAL F 251 -36.47 -17.12 42.45
C VAL F 251 -36.58 -16.34 43.77
N PRO F 252 -36.16 -16.95 44.90
CA PRO F 252 -36.42 -16.36 46.22
C PRO F 252 -35.83 -14.96 46.40
N THR F 253 -36.60 -14.07 47.01
CA THR F 253 -36.11 -12.74 47.34
C THR F 253 -35.19 -12.84 48.57
N VAL F 254 -33.89 -12.82 48.32
CA VAL F 254 -32.89 -13.03 49.37
C VAL F 254 -31.54 -12.46 48.89
N PRO F 255 -30.88 -11.59 49.71
CA PRO F 255 -29.63 -10.86 49.38
C PRO F 255 -28.57 -11.59 48.56
N ARG F 256 -28.07 -10.94 47.50
CA ARG F 256 -26.97 -11.44 46.68
C ARG F 256 -25.92 -10.34 46.49
N PRO F 257 -24.66 -10.72 46.19
CA PRO F 257 -23.62 -9.73 45.92
C PRO F 257 -23.71 -9.19 44.48
N TYR F 258 -24.59 -8.21 44.28
CA TYR F 258 -24.84 -7.65 42.95
C TYR F 258 -23.67 -6.78 42.51
N GLU F 259 -23.07 -7.11 41.36
CA GLU F 259 -21.94 -6.36 40.81
C GLU F 259 -22.34 -4.95 40.33
N LYS F 260 -23.44 -4.87 39.57
CA LYS F 260 -23.96 -3.60 39.07
C LYS F 260 -25.38 -3.38 39.58
N TYR F 261 -25.93 -2.21 39.27
CA TYR F 261 -27.34 -1.90 39.51
C TYR F 261 -27.88 -1.00 38.40
N TYR F 262 -29.21 -0.95 38.32
CA TYR F 262 -29.92 -0.14 37.33
C TYR F 262 -31.35 0.02 37.81
N VAL F 263 -31.95 1.16 37.51
CA VAL F 263 -33.40 1.35 37.72
C VAL F 263 -33.99 1.47 36.32
N SER F 264 -35.25 1.04 36.17
CA SER F 264 -35.99 1.14 34.92
C SER F 264 -37.41 1.57 35.23
N CYS F 265 -37.90 2.55 34.49
CA CYS F 265 -39.03 3.35 34.95
C CYS F 265 -40.08 3.69 33.90
N ASP F 266 -41.27 3.11 34.02
CA ASP F 266 -42.43 3.55 33.23
C ASP F 266 -43.13 4.67 33.99
N TYR F 267 -42.97 5.91 33.52
CA TYR F 267 -43.56 7.07 34.21
C TYR F 267 -45.06 7.13 33.96
N GLY F 268 -45.77 7.82 34.85
CA GLY F 268 -47.21 8.07 34.67
C GLY F 268 -47.81 8.89 35.80
N THR F 269 -48.29 10.09 35.49
CA THR F 269 -49.03 10.91 36.45
C THR F 269 -50.46 10.40 36.51
N GLN F 270 -51.12 10.40 35.36
CA GLN F 270 -52.49 9.86 35.18
C GLN F 270 -52.55 8.32 35.18
N ASN F 271 -51.44 7.66 34.85
CA ASN F 271 -51.31 6.19 34.93
C ASN F 271 -50.50 5.82 36.17
N PRO F 272 -50.31 4.51 36.42
CA PRO F 272 -49.32 4.07 37.39
C PRO F 272 -47.88 4.38 36.97
N THR F 273 -47.05 4.76 37.93
CA THR F 273 -45.60 4.85 37.73
C THR F 273 -44.99 3.58 38.29
N THR F 274 -43.86 3.15 37.71
CA THR F 274 -43.14 1.98 38.23
C THR F 274 -41.64 2.20 38.20
N PHE F 275 -40.94 1.72 39.23
CA PHE F 275 -39.49 1.57 39.19
C PHE F 275 -39.18 0.08 39.31
N GLY F 276 -37.93 -0.27 39.06
CA GLY F 276 -37.49 -1.66 39.13
C GLY F 276 -35.98 -1.75 39.22
N LEU F 277 -35.48 -2.17 40.38
CA LEU F 277 -34.04 -2.32 40.59
C LEU F 277 -33.57 -3.59 39.88
N TRP F 278 -32.52 -3.49 39.07
CA TRP F 278 -31.96 -4.63 38.35
C TRP F 278 -30.51 -4.81 38.75
N GLY F 279 -30.18 -5.96 39.36
CA GLY F 279 -28.82 -6.26 39.81
C GLY F 279 -28.17 -7.40 39.05
N LEU F 280 -26.95 -7.18 38.53
CA LEU F 280 -26.18 -8.24 37.85
C LEU F 280 -25.51 -9.16 38.88
N TYR F 281 -25.51 -10.45 38.58
CA TYR F 281 -24.88 -11.45 39.44
C TYR F 281 -24.77 -12.77 38.67
N ASN F 282 -23.55 -13.25 38.47
CA ASN F 282 -23.28 -14.46 37.67
C ASN F 282 -23.79 -14.37 36.22
N GLY F 283 -23.62 -13.19 35.62
CA GLY F 283 -24.04 -12.95 34.24
C GLY F 283 -25.54 -13.02 34.00
N VAL F 284 -26.34 -12.76 35.05
CA VAL F 284 -27.80 -12.75 34.98
C VAL F 284 -28.31 -11.51 35.72
N TRP F 285 -29.40 -10.92 35.23
CA TRP F 285 -29.97 -9.67 35.77
C TRP F 285 -31.25 -9.90 36.57
N TYR F 286 -31.15 -9.79 37.89
CA TYR F 286 -32.24 -10.09 38.80
C TYR F 286 -33.02 -8.82 39.04
N LYS F 287 -34.33 -8.83 38.78
CA LYS F 287 -35.18 -7.72 39.23
C LYS F 287 -35.31 -7.87 40.75
N VAL F 288 -34.64 -7.00 41.49
CA VAL F 288 -34.48 -7.16 42.93
C VAL F 288 -35.73 -6.76 43.70
N LYS F 289 -36.38 -5.70 43.24
CA LYS F 289 -37.59 -5.16 43.88
C LYS F 289 -38.35 -4.30 42.89
N GLU F 290 -39.63 -4.04 43.18
CA GLU F 290 -40.49 -3.24 42.30
C GLU F 290 -41.14 -2.12 43.11
N TYR F 291 -41.46 -1.03 42.42
CA TYR F 291 -42.27 0.05 42.95
C TYR F 291 -43.48 0.18 42.03
N HIS F 292 -44.64 0.52 42.60
CA HIS F 292 -45.89 0.54 41.84
C HIS F 292 -46.94 1.43 42.50
N TYR F 293 -46.93 2.71 42.15
CA TYR F 293 -47.88 3.69 42.69
C TYR F 293 -48.95 4.05 41.65
N ASP F 294 -50.22 4.08 42.08
CA ASP F 294 -51.37 4.38 41.21
C ASP F 294 -52.17 5.58 41.72
N GLY F 295 -52.70 6.37 40.78
CA GLY F 295 -53.52 7.54 41.10
C GLY F 295 -54.87 7.21 41.70
N ARG F 296 -55.64 6.33 41.05
CA ARG F 296 -57.03 6.05 41.43
C ARG F 296 -57.13 5.24 42.73
N LYS F 297 -56.17 4.32 42.93
CA LYS F 297 -56.13 3.50 44.13
C LYS F 297 -55.80 4.35 45.35
N GLU F 298 -54.69 5.07 45.28
CA GLU F 298 -54.25 5.94 46.37
C GLU F 298 -55.10 7.21 46.54
N ASN F 299 -55.76 7.65 45.45
CA ASN F 299 -56.54 8.90 45.40
C ASN F 299 -55.66 10.16 45.55
N LYS F 300 -54.58 10.18 44.76
CA LYS F 300 -53.62 11.30 44.76
C LYS F 300 -52.65 11.12 43.60
N GLN F 301 -52.52 12.15 42.76
CA GLN F 301 -51.53 12.15 41.68
C GLN F 301 -50.23 12.74 42.19
N LYS F 302 -49.11 12.06 41.93
CA LYS F 302 -47.80 12.53 42.36
C LYS F 302 -47.12 13.35 41.26
N THR F 303 -46.34 14.35 41.69
CA THR F 303 -45.57 15.22 40.78
C THR F 303 -44.19 14.63 40.54
N ASP F 304 -43.47 15.22 39.58
CA ASP F 304 -42.08 14.86 39.31
C ASP F 304 -41.21 14.85 40.56
N GLN F 305 -41.43 15.84 41.43
CA GLN F 305 -40.66 15.96 42.67
C GLN F 305 -40.98 14.82 43.63
N GLU F 306 -42.27 14.54 43.83
CA GLU F 306 -42.70 13.42 44.68
C GLU F 306 -42.14 12.09 44.16
N TYR F 307 -42.22 11.87 42.85
CA TYR F 307 -41.66 10.63 42.25
C TYR F 307 -40.15 10.56 42.36
N TYR F 308 -39.48 11.72 42.31
CA TYR F 308 -38.03 11.78 42.56
C TYR F 308 -37.70 11.37 43.99
N GLU F 309 -38.44 11.92 44.96
CA GLU F 309 -38.26 11.60 46.39
C GLU F 309 -38.35 10.11 46.67
N ASP F 310 -39.36 9.46 46.09
CA ASP F 310 -39.55 8.00 46.20
C ASP F 310 -38.43 7.19 45.54
N LEU F 311 -37.95 7.62 44.39
CA LEU F 311 -36.82 6.96 43.70
C LEU F 311 -35.54 6.92 44.54
N MET F 312 -35.33 7.96 45.35
CA MET F 312 -34.18 8.02 46.26
C MET F 312 -34.36 7.00 47.40
N LYS F 313 -35.58 6.90 47.91
CA LYS F 313 -35.96 5.83 48.86
C LYS F 313 -35.87 4.42 48.26
N PHE F 314 -36.10 4.31 46.95
CA PHE F 314 -35.99 3.06 46.21
C PHE F 314 -34.53 2.58 46.04
N ILE F 315 -33.61 3.50 45.76
CA ILE F 315 -32.17 3.19 45.63
C ILE F 315 -31.35 3.38 46.92
N GLU F 316 -32.01 3.79 48.03
CA GLU F 316 -31.36 4.12 49.33
C GLU F 316 -30.11 3.32 49.74
N ASP F 317 -30.29 2.02 50.02
CA ASP F 317 -29.27 1.21 50.69
C ASP F 317 -28.48 0.28 49.76
N ILE F 318 -28.12 0.78 48.58
CA ILE F 318 -27.12 0.15 47.71
C ILE F 318 -26.01 1.16 47.43
N GLU F 319 -24.85 0.66 47.02
CA GLU F 319 -23.73 1.52 46.67
C GLU F 319 -24.11 2.39 45.45
N LYS F 320 -23.82 3.68 45.55
CA LYS F 320 -23.84 4.56 44.38
C LYS F 320 -22.72 4.18 43.41
N HIS F 321 -21.59 3.67 43.94
CA HIS F 321 -20.50 3.13 43.13
C HIS F 321 -20.96 2.11 42.08
N LYS F 322 -21.91 1.24 42.46
CA LYS F 322 -22.43 0.17 41.59
C LYS F 322 -23.65 0.58 40.72
N PHE F 323 -24.34 1.65 41.13
CA PHE F 323 -25.47 2.21 40.40
C PHE F 323 -25.03 2.91 39.10
N LYS F 324 -25.67 2.54 37.98
CA LYS F 324 -25.31 3.02 36.65
C LYS F 324 -26.40 3.94 36.03
N GLY F 325 -27.28 4.50 36.85
CA GLY F 325 -28.33 5.42 36.38
C GLY F 325 -29.70 4.80 36.18
N VAL F 326 -30.67 5.67 35.85
CA VAL F 326 -32.08 5.30 35.68
C VAL F 326 -32.45 5.30 34.20
N ILE F 327 -33.27 4.33 33.78
CA ILE F 327 -33.73 4.24 32.39
C ILE F 327 -35.19 4.71 32.37
N VAL F 328 -35.50 5.66 31.49
CA VAL F 328 -36.82 6.27 31.44
C VAL F 328 -37.34 6.37 30.01
N ASP F 329 -38.65 6.19 29.84
CA ASP F 329 -39.33 6.42 28.56
C ASP F 329 -39.16 7.86 28.10
N PRO F 330 -39.05 8.07 26.77
CA PRO F 330 -38.55 9.36 26.27
C PRO F 330 -39.48 10.57 26.47
N SER F 331 -40.79 10.34 26.50
CA SER F 331 -41.76 11.44 26.63
C SER F 331 -42.25 11.68 28.07
N ALA F 332 -41.39 11.37 29.04
CA ALA F 332 -41.51 11.88 30.40
C ALA F 332 -40.28 12.74 30.69
N ALA F 333 -39.95 13.60 29.72
CA ALA F 333 -38.67 14.33 29.73
C ALA F 333 -38.61 15.44 30.77
N SER F 334 -39.78 15.89 31.26
CA SER F 334 -39.83 16.77 32.43
C SER F 334 -39.21 16.10 33.67
N PHE F 335 -39.49 14.81 33.82
CA PHE F 335 -38.94 14.01 34.91
C PHE F 335 -37.49 13.62 34.64
N ILE F 336 -37.09 13.51 33.38
CA ILE F 336 -35.67 13.30 33.02
C ILE F 336 -34.80 14.51 33.39
N ALA F 337 -35.34 15.72 33.18
CA ALA F 337 -34.62 16.96 33.44
C ALA F 337 -34.37 17.18 34.92
N LEU F 338 -35.43 17.01 35.73
CA LEU F 338 -35.33 17.15 37.19
C LEU F 338 -34.29 16.20 37.78
N LEU F 339 -34.32 14.94 37.35
CA LEU F 339 -33.30 13.96 37.74
C LEU F 339 -31.90 14.33 37.26
N ARG F 340 -31.80 15.04 36.14
CA ARG F 340 -30.52 15.53 35.63
C ARG F 340 -29.96 16.77 36.36
N GLN F 341 -30.84 17.59 36.91
CA GLN F 341 -30.42 18.66 37.83
C GLN F 341 -29.79 18.10 39.11
N LYS F 342 -30.33 17.00 39.60
CA LYS F 342 -29.88 16.38 40.86
C LYS F 342 -28.65 15.49 40.68
N GLY F 343 -28.20 15.30 39.43
CA GLY F 343 -27.00 14.52 39.16
C GLY F 343 -27.22 13.02 39.08
N ILE F 344 -28.47 12.59 38.94
CA ILE F 344 -28.79 11.20 38.66
C ILE F 344 -28.57 11.03 37.16
N LYS F 345 -27.79 10.02 36.77
CA LYS F 345 -27.64 9.67 35.35
C LYS F 345 -28.97 9.13 34.84
N VAL F 346 -29.35 9.53 33.64
CA VAL F 346 -30.61 9.10 33.02
C VAL F 346 -30.34 8.65 31.60
N ILE F 347 -30.64 7.38 31.31
CA ILE F 347 -30.55 6.84 29.96
C ILE F 347 -31.94 6.90 29.32
N LYS F 348 -32.01 7.38 28.08
CA LYS F 348 -33.25 7.35 27.29
C LYS F 348 -33.47 5.91 26.81
N ALA F 349 -34.70 5.44 26.93
CA ALA F 349 -35.04 4.05 26.62
C ALA F 349 -35.11 3.83 25.13
N LYS F 350 -34.48 2.76 24.64
CA LYS F 350 -34.75 2.24 23.29
C LYS F 350 -36.21 1.78 23.27
N ASN F 351 -37.06 2.64 22.70
CA ASN F 351 -38.49 2.64 22.97
C ASN F 351 -39.34 1.73 22.06
N ASP F 352 -38.72 1.07 21.08
CA ASP F 352 -39.45 0.24 20.09
C ASP F 352 -40.20 -0.91 20.78
N VAL F 353 -41.48 -1.01 20.45
CA VAL F 353 -42.41 -1.88 21.18
C VAL F 353 -42.28 -3.33 20.71
N LEU F 354 -42.44 -3.55 19.40
CA LEU F 354 -42.45 -4.91 18.86
C LEU F 354 -41.11 -5.65 19.00
N ASP F 355 -40.00 -4.96 18.78
CA ASP F 355 -38.67 -5.56 18.92
C ASP F 355 -38.26 -5.66 20.40
N GLY F 356 -38.79 -4.76 21.23
CA GLY F 356 -38.60 -4.85 22.69
C GLY F 356 -39.30 -6.05 23.29
N ILE F 357 -40.51 -6.35 22.81
CA ILE F 357 -41.25 -7.53 23.26
C ILE F 357 -40.55 -8.82 22.80
N ARG F 358 -40.00 -8.82 21.60
CA ARG F 358 -39.22 -9.97 21.09
C ARG F 358 -38.00 -10.30 21.96
N ASN F 359 -37.34 -9.26 22.47
CA ASN F 359 -36.11 -9.42 23.26
C ASN F 359 -36.37 -9.94 24.68
N VAL F 360 -37.39 -9.39 25.33
CA VAL F 360 -37.80 -9.83 26.68
C VAL F 360 -38.10 -11.35 26.65
N ALA F 361 -38.73 -11.82 25.58
CA ALA F 361 -38.98 -13.25 25.36
C ALA F 361 -37.68 -14.05 25.27
N THR F 362 -36.74 -13.54 24.48
CA THR F 362 -35.43 -14.17 24.32
C THR F 362 -34.59 -14.10 25.61
N ALA F 363 -34.79 -13.04 26.40
CA ALA F 363 -34.17 -12.94 27.73
C ALA F 363 -34.73 -13.97 28.71
N LEU F 364 -36.05 -14.18 28.66
CA LEU F 364 -36.74 -15.21 29.45
C LEU F 364 -36.42 -16.64 28.98
N ASN F 365 -36.49 -16.87 27.67
CA ASN F 365 -36.14 -18.17 27.08
C ASN F 365 -34.70 -18.61 27.35
N LYS F 366 -33.78 -17.64 27.47
CA LYS F 366 -32.37 -17.92 27.79
C LYS F 366 -32.01 -17.79 29.28
N LYS F 367 -32.94 -17.27 30.09
CA LYS F 367 -32.67 -16.88 31.48
C LYS F 367 -31.55 -15.84 31.59
N MET F 368 -31.60 -14.84 30.72
CA MET F 368 -30.82 -13.62 30.89
C MET F 368 -31.31 -12.83 32.09
N ILE F 369 -32.61 -12.96 32.40
CA ILE F 369 -33.22 -12.32 33.56
C ILE F 369 -34.00 -13.33 34.43
N LEU F 370 -33.97 -13.11 35.74
CA LEU F 370 -34.81 -13.84 36.70
C LEU F 370 -35.45 -12.81 37.62
N TYR F 371 -36.41 -13.25 38.44
CA TYR F 371 -37.19 -12.34 39.28
C TYR F 371 -37.23 -12.78 40.74
N ASN F 372 -37.10 -11.81 41.64
CA ASN F 372 -37.33 -12.05 43.08
C ASN F 372 -38.83 -12.28 43.29
N ASP F 373 -39.18 -13.11 44.26
CA ASP F 373 -40.60 -13.44 44.51
C ASP F 373 -41.46 -12.26 45.03
N CYS F 374 -40.83 -11.11 45.33
CA CYS F 374 -41.54 -9.88 45.71
C CYS F 374 -41.97 -8.99 44.54
N CYS F 375 -41.70 -9.39 43.29
CA CYS F 375 -42.17 -8.67 42.10
C CYS F 375 -43.55 -9.16 41.69
N LYS F 376 -44.50 -9.05 42.60
CA LYS F 376 -45.83 -9.68 42.46
C LYS F 376 -46.77 -8.99 41.45
N GLU F 377 -46.59 -7.68 41.26
CA GLU F 377 -47.35 -6.93 40.25
C GLU F 377 -46.92 -7.27 38.85
N THR F 378 -45.61 -7.30 38.63
CA THR F 378 -45.02 -7.77 37.38
C THR F 378 -45.56 -9.13 36.95
N PHE F 379 -45.71 -10.06 37.90
CA PHE F 379 -46.20 -11.42 37.59
C PHE F 379 -47.68 -11.43 37.23
N ARG F 380 -48.48 -10.61 37.90
CA ARG F 380 -49.89 -10.43 37.56
C ARG F 380 -50.06 -9.89 36.14
N GLU F 381 -49.19 -8.97 35.75
CA GLU F 381 -49.20 -8.42 34.40
C GLU F 381 -48.81 -9.47 33.36
N TYR F 382 -47.74 -10.22 33.64
CA TYR F 382 -47.31 -11.30 32.75
C TYR F 382 -48.46 -12.23 32.34
N SER F 383 -49.27 -12.63 33.33
CA SER F 383 -50.38 -13.55 33.10
C SER F 383 -51.60 -12.93 32.37
N SER F 384 -51.64 -11.61 32.22
CA SER F 384 -52.74 -10.91 31.54
C SER F 384 -52.32 -9.97 30.38
N TYR F 385 -51.04 -10.01 29.99
CA TYR F 385 -50.56 -9.16 28.91
C TYR F 385 -50.87 -9.85 27.61
N VAL F 386 -51.74 -9.23 26.80
CA VAL F 386 -52.28 -9.87 25.59
C VAL F 386 -52.05 -9.08 24.31
N TRP F 387 -51.91 -9.80 23.21
CA TRP F 387 -51.92 -9.22 21.87
C TRP F 387 -53.31 -8.65 21.59
N ASP F 388 -53.35 -7.52 20.88
CA ASP F 388 -54.60 -6.97 20.38
C ASP F 388 -55.04 -7.83 19.19
N GLU F 389 -56.07 -8.66 19.44
CA GLU F 389 -56.54 -9.65 18.45
C GLU F 389 -57.20 -9.01 17.24
N LYS F 390 -57.96 -7.94 17.46
CA LYS F 390 -58.65 -7.23 16.37
C LYS F 390 -57.65 -6.52 15.47
N ALA F 391 -56.71 -5.82 16.08
CA ALA F 391 -55.64 -5.16 15.33
C ALA F 391 -54.74 -6.14 14.57
N ALA F 392 -54.57 -7.35 15.11
CA ALA F 392 -53.78 -8.40 14.45
C ALA F 392 -54.43 -8.93 13.17
N GLU F 393 -55.77 -9.01 13.19
CA GLU F 393 -56.55 -9.37 11.99
C GLU F 393 -56.52 -8.27 10.92
N ARG F 394 -56.28 -7.02 11.31
CA ARG F 394 -56.01 -5.92 10.37
C ARG F 394 -54.59 -5.94 9.76
N GLY F 395 -53.68 -6.72 10.35
CA GLY F 395 -52.26 -6.73 9.94
C GLY F 395 -51.42 -5.73 10.72
N GLU F 396 -51.62 -5.70 12.04
CA GLU F 396 -50.92 -4.80 12.94
C GLU F 396 -50.68 -5.52 14.27
N ASP F 397 -49.46 -6.01 14.46
CA ASP F 397 -49.13 -6.78 15.66
C ASP F 397 -48.76 -5.83 16.80
N LYS F 398 -49.74 -5.49 17.63
CA LYS F 398 -49.51 -4.60 18.78
C LYS F 398 -50.25 -5.11 20.00
N PRO F 399 -49.72 -4.84 21.21
CA PRO F 399 -50.30 -5.33 22.46
C PRO F 399 -51.44 -4.46 22.97
N VAL F 400 -52.29 -5.04 23.81
CA VAL F 400 -53.36 -4.30 24.45
C VAL F 400 -52.74 -3.54 25.62
N LYS F 401 -52.72 -2.21 25.52
CA LYS F 401 -52.10 -1.36 26.53
C LYS F 401 -52.99 -1.31 27.78
N GLN F 402 -52.95 -2.38 28.57
CA GLN F 402 -53.80 -2.52 29.76
C GLN F 402 -53.10 -3.42 30.79
N ASN F 403 -52.75 -2.84 31.94
CA ASN F 403 -51.92 -3.48 32.97
C ASN F 403 -50.60 -3.96 32.36
N ASP F 404 -49.75 -3.00 32.01
CA ASP F 404 -48.50 -3.27 31.29
C ASP F 404 -47.33 -2.37 31.70
N HIS F 405 -47.39 -1.85 32.93
CA HIS F 405 -46.52 -0.76 33.35
C HIS F 405 -45.18 -1.30 33.82
N GLN F 406 -45.23 -2.34 34.65
CA GLN F 406 -44.03 -3.08 35.02
C GLN F 406 -43.38 -3.72 33.78
N LEU F 407 -44.20 -4.34 32.93
CA LEU F 407 -43.70 -5.02 31.73
C LEU F 407 -43.04 -4.07 30.75
N ASP F 408 -43.57 -2.85 30.65
CA ASP F 408 -42.94 -1.79 29.85
C ASP F 408 -41.60 -1.38 30.45
N ALA F 409 -41.58 -1.10 31.75
CA ALA F 409 -40.34 -0.77 32.45
C ALA F 409 -39.31 -1.87 32.27
N ASP F 410 -39.73 -3.12 32.42
CA ASP F 410 -38.87 -4.28 32.20
C ASP F 410 -38.34 -4.33 30.77
N ARG F 411 -39.18 -3.97 29.81
CA ARG F 411 -38.79 -3.91 28.39
C ARG F 411 -37.75 -2.82 28.10
N TYR F 412 -37.93 -1.62 28.67
CA TYR F 412 -36.93 -0.56 28.53
C TYR F 412 -35.56 -1.00 29.06
N PHE F 413 -35.55 -1.73 30.19
CA PHE F 413 -34.30 -2.28 30.73
C PHE F 413 -33.67 -3.31 29.81
N VAL F 414 -34.45 -4.34 29.46
CA VAL F 414 -33.97 -5.47 28.64
C VAL F 414 -33.46 -4.96 27.29
N ASN F 415 -34.25 -4.09 26.66
CA ASN F 415 -33.97 -3.63 25.30
C ASN F 415 -32.77 -2.65 25.23
N THR F 416 -32.63 -1.77 26.22
CA THR F 416 -31.54 -0.79 26.27
C THR F 416 -30.21 -1.36 26.79
N ILE F 417 -30.25 -2.11 27.89
CA ILE F 417 -29.04 -2.62 28.53
C ILE F 417 -28.58 -3.92 27.89
N LEU F 418 -29.41 -4.96 27.97
CA LEU F 418 -29.02 -6.30 27.53
C LEU F 418 -28.93 -6.46 26.01
N PHE F 419 -29.58 -5.57 25.27
CA PHE F 419 -29.53 -5.58 23.80
C PHE F 419 -29.07 -4.22 23.25
N GLY F 420 -28.65 -4.21 21.99
CA GLY F 420 -28.11 -3.01 21.34
C GLY F 420 -27.37 -3.33 20.05
PG AGS G . 3.04 27.63 15.17
S1G AGS G . 4.24 28.78 14.17
O2G AGS G . 1.84 27.13 14.42
O3G AGS G . 2.62 28.13 16.53
PB AGS G . 3.34 24.83 16.01
O1B AGS G . 1.97 24.64 15.42
O2B AGS G . 3.52 24.71 17.49
O3B AGS G . 3.84 26.27 15.54
PA AGS G . 4.27 22.60 14.30
O1A AGS G . 3.33 21.61 14.92
O2A AGS G . 3.96 23.10 12.94
O3A AGS G . 4.40 23.86 15.29
O5' AGS G . 5.77 21.99 14.33
C5' AGS G . 6.93 22.86 14.30
C4' AGS G . 8.04 22.23 13.48
O4' AGS G . 8.56 21.08 14.18
C3' AGS G . 7.66 21.74 12.08
O3' AGS G . 8.67 22.05 11.14
C2' AGS G . 7.50 20.23 12.28
O2' AGS G . 7.75 19.50 11.10
C1' AGS G . 8.57 19.95 13.33
N9 AGS G . 8.30 18.75 14.15
C8 AGS G . 7.46 18.63 15.24
N7 AGS G . 7.47 17.42 15.75
C5 AGS G . 8.37 16.71 14.96
C6 AGS G . 8.81 15.38 15.00
N6 AGS G . 8.40 14.48 15.88
N1 AGS G . 9.72 14.99 14.06
C2 AGS G . 10.14 15.90 13.16
N3 AGS G . 9.79 17.18 13.03
C4 AGS G . 8.89 17.52 13.98
MG MG H . 0.43 25.64 14.44
PG AGS I . 14.12 -6.35 31.03
S1G AGS I . 12.87 -7.39 32.12
O2G AGS I . 14.10 -6.69 29.56
O3G AGS I . 15.53 -6.26 31.55
PB AGS I . 13.57 -3.70 29.92
O1B AGS I . 14.03 -2.41 30.52
O2B AGS I . 14.25 -4.24 28.71
O3B AGS I . 13.64 -4.81 31.06
PA AGS I . 11.26 -3.20 28.25
O1A AGS I . 10.69 -4.43 27.64
O2A AGS I . 12.17 -2.35 27.42
O3A AGS I . 12.01 -3.60 29.60
O5' AGS I . 10.06 -2.30 28.83
C5' AGS I . 9.13 -2.89 29.77
C4' AGS I . 7.71 -2.70 29.28
O4' AGS I . 7.35 -1.30 29.38
C3' AGS I . 7.44 -3.09 27.82
O3' AGS I . 6.14 -3.67 27.70
C2' AGS I . 7.52 -1.76 27.07
O2' AGS I . 6.73 -1.74 25.90
C1' AGS I . 7.01 -0.77 28.12
N9 AGS I . 7.61 0.56 28.03
C8 AGS I . 8.84 0.95 28.49
N7 AGS I . 9.08 2.22 28.25
C5 AGS I . 7.95 2.68 27.59
C6 AGS I . 7.59 3.95 27.08
N6 AGS I . 8.37 5.02 27.14
N1 AGS I . 6.38 4.06 26.48
C2 AGS I . 5.60 2.97 26.41
N3 AGS I . 5.83 1.73 26.86
C4 AGS I . 7.03 1.66 27.45
MG MG J . 14.90 -6.09 27.76
PG AGS K . -6.82 -29.33 -9.75
S1G AGS K . -7.00 -28.39 -11.44
O2G AGS K . -5.75 -28.79 -8.82
O3G AGS K . -6.67 -30.82 -9.87
PB AGS K . -8.53 -28.71 -7.36
O1B AGS K . -9.82 -29.31 -6.95
O2B AGS K . -7.31 -28.92 -6.51
O3B AGS K . -8.17 -29.20 -8.86
PA AGS K . -9.60 -26.00 -6.86
O1A AGS K . -9.99 -26.75 -5.49
O2A AGS K . -10.84 -25.75 -7.65
O3A AGS K . -8.72 -27.14 -7.58
O5' AGS K . -8.73 -24.83 -6.52
MG MG L . -5.21 -28.45 -6.85
PG AGS M . -6.96 10.75 -31.66
S1G AGS M . -7.88 9.33 -32.60
O2G AGS M . -7.47 11.04 -30.27
O3G AGS M . -6.80 12.03 -32.44
PB AGS M . -4.12 11.03 -30.87
O1B AGS M . -4.47 11.77 -29.63
O2B AGS M . -3.49 11.77 -32.02
O3B AGS M . -5.43 10.28 -31.41
PA AGS M . -3.06 8.90 -29.19
O1A AGS M . -4.33 9.03 -28.42
O2A AGS M . -1.79 9.25 -28.48
O3A AGS M . -3.16 9.80 -30.51
O5' AGS M . -2.96 7.43 -29.82
C5' AGS M . -1.81 7.06 -30.61
C4' AGS M . -1.48 5.60 -30.40
O4' AGS M . -0.07 5.39 -30.67
C3' AGS M . -1.68 5.02 -28.99
O3' AGS M . -1.87 3.62 -29.03
C2' AGS M . -0.36 5.39 -28.32
O2' AGS M . -0.07 4.60 -27.20
C1' AGS M . 0.62 5.14 -29.47
N9 AGS M . 1.80 5.99 -29.42
C8 AGS M . 1.96 7.24 -29.98
N7 AGS M . 3.15 7.75 -29.74
C5 AGS M . 3.80 6.78 -28.99
C6 AGS M . 5.09 6.72 -28.41
N6 AGS M . 5.99 7.69 -28.53
N1 AGS M . 5.41 5.60 -27.71
C2 AGS M . 4.50 4.63 -27.60
N3 AGS M . 3.26 4.59 -28.09
C4 AGS M . 2.97 5.71 -28.78
MG MG N . -6.44 11.95 -28.71
#